data_5MKL
#
_entry.id   5MKL
#
_cell.length_a   35.622
_cell.length_b   133.516
_cell.length_c   135.774
_cell.angle_alpha   86.18
_cell.angle_beta   85.78
_cell.angle_gamma   89.94
#
_symmetry.space_group_name_H-M   'P 1'
#
loop_
_entity.id
_entity.type
_entity.pdbx_description
1 polymer 'Sm ribonucleo'
2 water water
#
_entity_poly.entity_id   1
_entity_poly.type   'polypeptide(L)'
_entity_poly.pdbx_seq_one_letter_code
;MQAKIENPLKSLKTALNKIVLVKLKNGEEYVGRLEQSDGTMNLVLKDCTEYREGTSDPVAKYGRVLIRGSNILFISIDYE
SIMGKEK
;
_entity_poly.pdbx_strand_id   A1,B1,C1,D1,E1,F1,G1,A2,B2,C2,D2,E2,F2,G2,A3,B3,C3,D3,E3,F3,G3,A4,B4,C4,D4,E4,F4,G4
#
# COMPACT_ATOMS: atom_id res chain seq x y z
N ILE A 5 50.03 14.09 22.72
CA ILE A 5 49.39 12.81 22.44
C ILE A 5 48.81 12.18 23.72
N GLU A 6 47.50 12.23 23.87
CA GLU A 6 46.82 11.60 25.00
C GLU A 6 45.68 10.75 24.47
N ASN A 7 45.52 9.55 25.02
CA ASN A 7 44.38 8.72 24.65
C ASN A 7 44.15 7.70 25.76
N PRO A 8 42.99 7.03 25.77
CA PRO A 8 42.70 6.12 26.89
C PRO A 8 43.78 5.05 27.11
N LEU A 9 44.22 4.37 26.06
CA LEU A 9 45.17 3.26 26.25
C LEU A 9 46.52 3.74 26.80
N LYS A 10 46.98 4.92 26.40
CA LYS A 10 48.25 5.43 26.95
C LYS A 10 48.11 5.78 28.42
N SER A 11 46.94 6.24 28.84
CA SER A 11 46.72 6.44 30.28
C SER A 11 46.90 5.15 31.06
N LEU A 12 46.59 3.99 30.44
CA LEU A 12 46.84 2.73 31.14
C LEU A 12 48.32 2.54 31.42
N LYS A 13 49.19 2.97 30.49
CA LYS A 13 50.63 2.83 30.69
C LYS A 13 51.15 3.64 31.86
N THR A 14 50.46 4.71 32.23
CA THR A 14 50.88 5.51 33.38
C THR A 14 50.69 4.77 34.69
N ALA A 15 49.93 3.69 34.72
CA ALA A 15 49.68 2.94 35.94
C ALA A 15 50.67 1.79 36.13
N LEU A 16 51.61 1.63 35.20
CA LEU A 16 52.59 0.55 35.31
C LEU A 16 53.35 0.69 36.62
N ASN A 17 53.50 -0.43 37.31
CA ASN A 17 54.20 -0.55 38.58
C ASN A 17 53.42 0.07 39.72
N LYS A 18 52.20 0.52 39.47
CA LYS A 18 51.32 1.02 40.52
C LYS A 18 50.20 0.03 40.80
N ILE A 19 49.61 0.15 41.97
CA ILE A 19 48.47 -0.67 42.32
C ILE A 19 47.23 -0.14 41.59
N VAL A 20 46.50 -1.04 40.94
CA VAL A 20 45.26 -0.71 40.25
C VAL A 20 44.12 -1.55 40.81
N LEU A 21 42.90 -1.14 40.51
CA LEU A 21 41.72 -1.96 40.72
C LEU A 21 41.08 -2.25 39.37
N VAL A 22 40.82 -3.53 39.11
CA VAL A 22 40.24 -4.00 37.86
C VAL A 22 38.91 -4.67 38.17
N LYS A 23 37.84 -4.17 37.56
CA LYS A 23 36.53 -4.77 37.70
C LYS A 23 36.19 -5.51 36.41
N LEU A 24 35.77 -6.77 36.55
CA LEU A 24 35.49 -7.64 35.43
C LEU A 24 33.99 -7.72 35.15
N LYS A 25 33.66 -8.38 34.03
CA LYS A 25 32.29 -8.40 33.51
C LYS A 25 31.26 -8.88 34.55
N ASN A 26 31.64 -9.86 35.36
CA ASN A 26 30.75 -10.37 36.40
C ASN A 26 30.72 -9.51 37.66
N GLY A 27 31.37 -8.34 37.65
CA GLY A 27 31.30 -7.44 38.79
C GLY A 27 32.38 -7.65 39.83
N GLU A 28 33.16 -8.71 39.73
CA GLU A 28 34.23 -8.95 40.69
C GLU A 28 35.36 -7.93 40.53
N GLU A 29 35.96 -7.56 41.66
CA GLU A 29 37.02 -6.57 41.69
C GLU A 29 38.33 -7.23 42.12
N TYR A 30 39.41 -6.85 41.44
CA TYR A 30 40.75 -7.39 41.66
C TYR A 30 41.73 -6.23 41.81
N VAL A 31 42.56 -6.31 42.86
CA VAL A 31 43.49 -5.26 43.22
C VAL A 31 44.89 -5.87 43.27
N GLY A 32 45.83 -5.22 42.59
CA GLY A 32 47.20 -5.68 42.59
C GLY A 32 48.06 -4.71 41.80
N ARG A 33 49.36 -4.95 41.83
CA ARG A 33 50.31 -4.05 41.17
C ARG A 33 50.40 -4.41 39.70
N LEU A 34 50.14 -3.43 38.83
CA LEU A 34 50.20 -3.61 37.38
C LEU A 34 51.64 -3.77 36.93
N GLU A 35 51.99 -4.95 36.45
CA GLU A 35 53.33 -5.24 35.97
C GLU A 35 53.48 -5.12 34.46
N GLN A 36 52.45 -5.49 33.69
CA GLN A 36 52.52 -5.52 32.23
C GLN A 36 51.14 -5.26 31.68
N SER A 37 51.09 -4.70 30.47
CA SER A 37 49.85 -4.50 29.75
C SER A 37 50.15 -4.46 28.26
N ASP A 38 49.13 -4.73 27.44
CA ASP A 38 49.27 -4.67 25.99
C ASP A 38 48.09 -3.91 25.41
N GLY A 39 48.08 -3.79 24.08
CA GLY A 39 47.10 -2.94 23.41
C GLY A 39 45.67 -3.44 23.55
N THR A 40 45.48 -4.74 23.73
CA THR A 40 44.17 -5.32 23.97
C THR A 40 43.74 -5.26 25.44
N MET A 41 44.54 -4.62 26.29
CA MET A 41 44.27 -4.46 27.73
C MET A 41 44.36 -5.77 28.50
N ASN A 42 44.97 -6.80 27.92
CA ASN A 42 45.49 -7.87 28.75
C ASN A 42 46.46 -7.29 29.77
N LEU A 43 46.34 -7.72 31.03
CA LEU A 43 47.15 -7.21 32.12
C LEU A 43 47.79 -8.35 32.87
N VAL A 44 48.95 -8.07 33.45
CA VAL A 44 49.56 -8.92 34.44
C VAL A 44 49.61 -8.13 35.74
N LEU A 45 48.96 -8.66 36.78
CA LEU A 45 48.99 -8.08 38.12
C LEU A 45 49.80 -8.98 39.04
N LYS A 46 50.46 -8.36 40.00
CA LYS A 46 51.22 -9.04 41.02
C LYS A 46 50.53 -8.83 42.37
N ASP A 47 50.58 -9.87 43.22
CA ASP A 47 49.93 -9.89 44.55
C ASP A 47 48.47 -9.47 44.42
N CYS A 48 47.73 -10.21 43.62
CA CYS A 48 46.37 -9.84 43.28
C CYS A 48 45.41 -10.39 44.32
N THR A 49 44.58 -9.50 44.89
CA THR A 49 43.51 -9.91 45.78
C THR A 49 42.16 -9.58 45.15
N GLU A 50 41.25 -10.55 45.17
CA GLU A 50 39.87 -10.34 44.76
C GLU A 50 39.06 -9.84 45.94
N TYR A 51 38.19 -8.87 45.67
CA TYR A 51 37.30 -8.28 46.66
C TYR A 51 35.85 -8.40 46.23
N ARG A 52 34.96 -8.54 47.22
CA ARG A 52 33.53 -8.46 46.96
C ARG A 52 33.19 -7.08 46.43
N GLU A 53 32.43 -7.05 45.34
CA GLU A 53 32.18 -5.81 44.61
C GLU A 53 31.72 -4.68 45.52
N GLY A 54 32.38 -3.53 45.39
CA GLY A 54 31.98 -2.35 46.13
C GLY A 54 32.44 -2.29 47.57
N THR A 55 33.27 -3.24 48.03
CA THR A 55 33.72 -3.24 49.42
C THR A 55 35.23 -3.39 49.54
N SER A 56 35.71 -3.55 50.77
CA SER A 56 37.10 -3.90 51.05
C SER A 56 37.21 -5.28 51.70
N ASP A 57 36.19 -6.13 51.49
CA ASP A 57 36.11 -7.49 52.02
C ASP A 57 36.89 -8.47 51.15
N PRO A 58 38.06 -8.92 51.57
CA PRO A 58 38.84 -9.85 50.74
C PRO A 58 38.11 -11.17 50.54
N VAL A 59 38.22 -11.71 49.34
CA VAL A 59 37.56 -12.94 48.96
C VAL A 59 38.56 -14.06 48.68
N ALA A 60 39.62 -13.74 47.95
CA ALA A 60 40.58 -14.75 47.56
C ALA A 60 41.87 -14.06 47.15
N LYS A 61 42.94 -14.85 47.15
CA LYS A 61 44.26 -14.38 46.74
C LYS A 61 44.71 -15.25 45.59
N TYR A 62 45.22 -14.62 44.54
CA TYR A 62 45.51 -15.37 43.33
C TYR A 62 46.96 -15.22 42.88
N GLY A 63 47.78 -14.47 43.62
CA GLY A 63 49.19 -14.37 43.24
C GLY A 63 49.32 -13.53 41.98
N ARG A 64 50.21 -13.95 41.09
CA ARG A 64 50.41 -13.22 39.84
C ARG A 64 49.38 -13.71 38.83
N VAL A 65 48.58 -12.79 38.30
CA VAL A 65 47.50 -13.16 37.40
C VAL A 65 47.69 -12.48 36.05
N LEU A 66 47.29 -13.19 35.01
CA LEU A 66 47.11 -12.67 33.67
C LEU A 66 45.61 -12.51 33.47
N ILE A 67 45.18 -11.26 33.33
CA ILE A 67 43.77 -10.95 33.14
C ILE A 67 43.54 -10.66 31.67
N ARG A 68 42.51 -11.27 31.11
CA ARG A 68 42.19 -11.09 29.71
C ARG A 68 41.46 -9.77 29.52
N GLY A 69 42.00 -8.92 28.64
CA GLY A 69 41.43 -7.60 28.44
C GLY A 69 39.98 -7.60 27.99
N SER A 70 39.60 -8.58 27.16
CA SER A 70 38.26 -8.56 26.56
C SER A 70 37.15 -8.71 27.60
N ASN A 71 37.45 -9.16 28.82
CA ASN A 71 36.43 -9.30 29.87
C ASN A 71 36.59 -8.31 31.00
N ILE A 72 37.27 -7.21 30.76
CA ILE A 72 37.40 -6.13 31.74
C ILE A 72 36.29 -5.12 31.53
N LEU A 73 35.68 -4.67 32.64
CA LEU A 73 34.77 -3.53 32.59
C LEU A 73 35.54 -2.20 32.71
N PHE A 74 36.33 -2.04 33.76
CA PHE A 74 37.17 -0.84 33.86
C PHE A 74 38.37 -1.11 34.77
N ILE A 75 39.30 -0.18 34.71
CA ILE A 75 40.52 -0.19 35.49
C ILE A 75 40.64 1.15 36.18
N SER A 76 40.73 1.13 37.50
CA SER A 76 41.05 2.35 38.24
C SER A 76 42.55 2.52 38.20
N ILE A 77 43.03 3.48 37.40
CA ILE A 77 44.45 3.59 37.11
C ILE A 77 45.20 4.42 38.13
N ASP A 78 44.50 5.03 39.10
CA ASP A 78 45.11 5.78 40.20
C ASP A 78 44.73 5.18 41.55
N TYR A 79 44.45 3.88 41.58
CA TYR A 79 43.85 3.32 42.78
C TYR A 79 44.78 3.41 43.98
N GLU A 80 46.10 3.23 43.76
CA GLU A 80 47.03 3.24 44.89
C GLU A 80 46.95 4.56 45.65
N SER A 81 46.85 5.68 44.94
CA SER A 81 46.84 6.99 45.56
C SER A 81 45.52 7.34 46.24
N ILE A 82 44.54 6.44 46.28
CA ILE A 82 43.27 6.69 46.97
C ILE A 82 42.87 5.57 47.92
N MET A 83 43.36 4.35 47.76
CA MET A 83 42.93 3.22 48.57
C MET A 83 43.38 3.34 50.04
N LYS B 4 26.22 18.65 6.58
CA LYS B 4 26.68 18.82 7.96
C LYS B 4 27.35 17.55 8.46
N ILE B 5 28.53 17.68 9.07
CA ILE B 5 29.22 16.54 9.67
C ILE B 5 28.90 16.56 11.16
N GLU B 6 27.83 15.87 11.54
CA GLU B 6 27.62 15.49 12.92
C GLU B 6 27.21 14.03 12.96
N ASN B 7 27.87 13.27 13.82
CA ASN B 7 27.59 11.86 14.02
C ASN B 7 27.72 11.55 15.50
N PRO B 8 27.14 10.45 15.96
CA PRO B 8 27.16 10.17 17.41
C PRO B 8 28.55 10.23 18.05
N LEU B 9 29.58 9.76 17.35
CA LEU B 9 30.92 9.70 17.95
C LEU B 9 31.48 11.09 18.25
N LYS B 10 31.35 12.04 17.32
CA LYS B 10 31.88 13.36 17.64
C LYS B 10 31.03 14.07 18.69
N SER B 11 29.77 13.68 18.88
CA SER B 11 29.01 14.22 20.00
C SER B 11 29.69 13.90 21.33
N LEU B 12 30.40 12.78 21.40
CA LEU B 12 31.15 12.41 22.59
C LEU B 12 32.29 13.38 22.86
N LYS B 13 32.90 13.91 21.80
CA LYS B 13 34.01 14.87 21.96
C LYS B 13 33.52 16.18 22.59
N THR B 14 32.28 16.57 22.35
CA THR B 14 31.77 17.78 22.97
C THR B 14 31.64 17.65 24.49
N ALA B 15 31.60 16.43 25.01
CA ALA B 15 31.50 16.24 26.44
C ALA B 15 32.85 16.30 27.15
N LEU B 16 33.91 16.64 26.44
CA LEU B 16 35.23 16.70 27.04
C LEU B 16 35.26 17.67 28.21
N ASN B 17 35.75 17.20 29.36
CA ASN B 17 35.89 17.96 30.59
C ASN B 17 34.54 18.34 31.20
N LYS B 18 33.46 17.69 30.78
CA LYS B 18 32.15 17.79 31.41
C LYS B 18 31.85 16.52 32.21
N ILE B 19 30.97 16.67 33.21
CA ILE B 19 30.50 15.51 33.97
C ILE B 19 29.60 14.68 33.08
N VAL B 20 29.90 13.38 32.97
CA VAL B 20 29.03 12.49 32.23
C VAL B 20 28.59 11.33 33.13
N LEU B 21 27.50 10.67 32.74
CA LEU B 21 27.09 9.41 33.33
C LEU B 21 27.25 8.31 32.29
N VAL B 22 27.88 7.20 32.71
CA VAL B 22 28.08 6.03 31.87
C VAL B 22 27.32 4.87 32.49
N LYS B 23 26.51 4.19 31.69
CA LYS B 23 25.82 2.99 32.13
C LYS B 23 26.36 1.79 31.37
N LEU B 24 26.73 0.75 32.09
CA LEU B 24 27.33 -0.45 31.52
C LEU B 24 26.28 -1.54 31.31
N LYS B 25 26.69 -2.59 30.59
CA LYS B 25 25.75 -3.64 30.21
C LYS B 25 25.12 -4.32 31.42
N ASN B 26 25.81 -4.31 32.56
CA ASN B 26 25.26 -4.89 33.77
C ASN B 26 24.37 -3.93 34.53
N GLY B 27 24.13 -2.73 33.98
CA GLY B 27 23.21 -1.78 34.59
C GLY B 27 23.82 -0.80 35.56
N GLU B 28 25.06 -1.01 35.98
CA GLU B 28 25.72 -0.09 36.91
C GLU B 28 25.97 1.26 36.24
N GLU B 29 25.89 2.33 37.04
CA GLU B 29 26.07 3.71 36.55
C GLU B 29 27.27 4.35 37.22
N TYR B 30 28.09 5.01 36.41
CA TYR B 30 29.32 5.65 36.83
C TYR B 30 29.30 7.10 36.41
N VAL B 31 29.61 7.99 37.35
CA VAL B 31 29.57 9.43 37.12
C VAL B 31 30.97 9.97 37.36
N GLY B 32 31.48 10.69 36.37
CA GLY B 32 32.75 11.37 36.51
C GLY B 32 32.94 12.35 35.37
N ARG B 33 34.01 13.12 35.47
CA ARG B 33 34.38 14.08 34.43
C ARG B 33 35.11 13.35 33.30
N LEU B 34 34.62 13.53 32.07
CA LEU B 34 35.22 12.92 30.89
C LEU B 34 36.53 13.60 30.54
N GLU B 35 37.66 12.90 30.73
CA GLU B 35 38.97 13.41 30.39
C GLU B 35 39.44 12.96 29.01
N GLN B 36 39.15 11.73 28.61
CA GLN B 36 39.62 11.23 27.32
C GLN B 36 38.60 10.24 26.77
N SER B 37 38.57 10.13 25.44
CA SER B 37 37.73 9.13 24.76
C SER B 37 38.35 8.83 23.42
N ASP B 38 38.11 7.63 22.90
CA ASP B 38 38.64 7.30 21.57
C ASP B 38 37.53 6.72 20.69
N GLY B 39 37.89 6.28 19.48
CA GLY B 39 36.88 5.85 18.53
C GLY B 39 36.17 4.56 18.91
N THR B 40 36.69 3.83 19.89
CA THR B 40 36.06 2.64 20.43
C THR B 40 35.09 2.95 21.57
N MET B 41 35.01 4.23 21.95
CA MET B 41 34.33 4.72 23.15
C MET B 41 34.98 4.23 24.43
N ASN B 42 36.25 3.83 24.38
CA ASN B 42 37.05 3.79 25.60
C ASN B 42 37.09 5.17 26.20
N LEU B 43 36.88 5.25 27.50
CA LEU B 43 36.80 6.52 28.19
C LEU B 43 37.78 6.54 29.34
N VAL B 44 38.23 7.75 29.68
CA VAL B 44 38.88 7.99 30.97
C VAL B 44 38.02 9.01 31.68
N LEU B 45 37.55 8.65 32.88
CA LEU B 45 36.75 9.51 33.74
C LEU B 45 37.57 9.91 34.96
N LYS B 46 37.43 11.16 35.37
CA LYS B 46 38.06 11.68 36.57
C LYS B 46 37.07 11.64 37.73
N ASP B 47 37.57 11.30 38.92
CA ASP B 47 36.78 11.27 40.15
C ASP B 47 35.43 10.58 39.92
N CYS B 48 35.52 9.30 39.65
CA CYS B 48 34.37 8.52 39.23
C CYS B 48 33.70 7.89 40.45
N THR B 49 32.38 8.04 40.53
CA THR B 49 31.59 7.41 41.59
C THR B 49 30.56 6.50 40.94
N GLU B 50 30.49 5.26 41.43
CA GLU B 50 29.43 4.37 40.98
C GLU B 50 28.18 4.58 41.81
N TYR B 51 27.03 4.63 41.13
CA TYR B 51 25.72 4.75 41.75
C TYR B 51 24.89 3.53 41.40
N ARG B 52 24.01 3.15 42.31
CA ARG B 52 23.08 2.07 41.97
C ARG B 52 22.12 2.55 40.90
N GLU B 53 21.66 1.59 40.08
CA GLU B 53 20.93 1.92 38.87
C GLU B 53 19.71 2.77 39.17
N GLY B 54 19.58 3.88 38.45
CA GLY B 54 18.40 4.72 38.53
C GLY B 54 18.26 5.57 39.77
N THR B 55 19.26 5.55 40.65
CA THR B 55 19.20 6.25 41.93
C THR B 55 20.38 7.21 42.07
N SER B 56 20.42 7.92 43.19
CA SER B 56 21.52 8.79 43.55
C SER B 56 22.30 8.24 44.74
N ASP B 57 22.24 6.92 44.94
CA ASP B 57 22.90 6.24 46.05
C ASP B 57 24.33 5.87 45.67
N PRO B 58 25.34 6.55 46.20
CA PRO B 58 26.72 6.16 45.88
C PRO B 58 27.04 4.76 46.39
N VAL B 59 27.71 3.98 45.54
CA VAL B 59 28.11 2.62 45.88
C VAL B 59 29.59 2.56 46.23
N ALA B 60 30.43 3.33 45.52
CA ALA B 60 31.87 3.23 45.68
C ALA B 60 32.52 4.35 44.88
N LYS B 61 33.72 4.73 45.30
CA LYS B 61 34.54 5.68 44.57
C LYS B 61 35.73 4.95 43.98
N TYR B 62 36.04 5.26 42.72
CA TYR B 62 37.05 4.50 42.01
C TYR B 62 38.16 5.40 41.45
N GLY B 63 38.09 6.71 41.64
CA GLY B 63 39.15 7.59 41.22
C GLY B 63 39.18 7.82 39.72
N ARG B 64 40.37 7.73 39.10
CA ARG B 64 40.47 7.90 37.66
C ARG B 64 40.35 6.54 37.00
N VAL B 65 39.30 6.37 36.19
CA VAL B 65 38.96 5.05 35.65
C VAL B 65 39.07 5.08 34.14
N LEU B 66 39.63 4.00 33.60
CA LEU B 66 39.58 3.70 32.18
C LEU B 66 38.46 2.68 31.98
N ILE B 67 37.42 3.09 31.25
CA ILE B 67 36.24 2.27 30.97
C ILE B 67 36.32 1.75 29.54
N ARG B 68 36.16 0.44 29.38
CA ARG B 68 36.17 -0.16 28.04
C ARG B 68 34.86 0.11 27.32
N GLY B 69 34.97 0.57 26.07
CA GLY B 69 33.77 0.97 25.34
C GLY B 69 32.83 -0.16 25.00
N SER B 70 33.35 -1.37 24.80
CA SER B 70 32.49 -2.45 24.34
C SER B 70 31.42 -2.84 25.36
N ASN B 71 31.59 -2.51 26.64
CA ASN B 71 30.54 -2.85 27.60
C ASN B 71 29.68 -1.66 27.99
N ILE B 72 29.71 -0.59 27.22
CA ILE B 72 28.88 0.57 27.52
C ILE B 72 27.51 0.38 26.87
N LEU B 73 26.46 0.65 27.64
CA LEU B 73 25.12 0.79 27.06
C LEU B 73 24.90 2.21 26.53
N PHE B 74 25.07 3.22 27.38
CA PHE B 74 24.95 4.60 26.89
C PHE B 74 25.75 5.53 27.77
N ILE B 75 26.00 6.72 27.22
CA ILE B 75 26.66 7.82 27.90
C ILE B 75 25.73 9.02 27.90
N SER B 76 25.43 9.53 29.08
CA SER B 76 24.71 10.79 29.21
C SER B 76 25.72 11.91 29.04
N ILE B 77 25.72 12.55 27.87
CA ILE B 77 26.79 13.50 27.55
C ILE B 77 26.51 14.90 28.10
N ASP B 78 25.31 15.16 28.57
CA ASP B 78 24.93 16.48 29.10
C ASP B 78 24.68 16.44 30.60
N TYR B 79 25.25 15.44 31.30
CA TYR B 79 24.74 15.08 32.62
C TYR B 79 24.91 16.18 33.64
N GLU B 80 25.98 16.99 33.51
CA GLU B 80 26.22 18.09 34.44
C GLU B 80 25.03 19.04 34.49
N SER B 81 24.45 19.37 33.34
CA SER B 81 23.33 20.30 33.27
C SER B 81 22.05 19.75 33.86
N ILE B 82 22.07 18.54 34.43
CA ILE B 82 20.84 17.85 34.80
C ILE B 82 20.95 17.29 36.22
N MET B 83 22.17 17.21 36.74
CA MET B 83 22.36 16.79 38.13
C MET B 83 22.14 17.96 39.10
N ILE C 5 15.08 3.16 -3.59
CA ILE C 5 15.81 2.14 -2.83
C ILE C 5 15.39 2.21 -1.36
N GLU C 6 15.09 1.06 -0.77
CA GLU C 6 14.71 1.00 0.63
C GLU C 6 15.46 -0.10 1.34
N ASN C 7 15.90 0.18 2.56
CA ASN C 7 16.53 -0.82 3.41
C ASN C 7 16.29 -0.44 4.86
N PRO C 8 16.33 -1.42 5.78
CA PRO C 8 16.04 -1.14 7.19
C PRO C 8 16.76 0.08 7.75
N LEU C 9 18.04 0.26 7.41
CA LEU C 9 18.80 1.35 8.02
C LEU C 9 18.39 2.71 7.49
N LYS C 10 18.03 2.82 6.20
CA LYS C 10 17.49 4.08 5.73
C LYS C 10 16.19 4.44 6.44
N SER C 11 15.40 3.43 6.82
CA SER C 11 14.19 3.74 7.59
C SER C 11 14.53 4.46 8.89
N LEU C 12 15.68 4.13 9.49
CA LEU C 12 16.11 4.82 10.70
C LEU C 12 16.25 6.32 10.48
N LYS C 13 16.66 6.75 9.27
CA LYS C 13 16.84 8.18 9.04
C LYS C 13 15.51 8.92 8.94
N THR C 14 14.42 8.24 8.57
CA THR C 14 13.10 8.86 8.59
C THR C 14 12.63 9.24 9.98
N ALA C 15 13.26 8.72 11.04
CA ALA C 15 12.86 9.08 12.38
C ALA C 15 13.68 10.23 12.96
N LEU C 16 14.63 10.78 12.20
CA LEU C 16 15.40 11.91 12.70
C LEU C 16 14.47 13.04 13.12
N ASN C 17 14.80 13.68 14.25
CA ASN C 17 14.02 14.72 14.91
C ASN C 17 12.66 14.25 15.43
N LYS C 18 12.36 12.96 15.38
CA LYS C 18 11.12 12.42 15.93
C LYS C 18 11.39 11.65 17.22
N ILE C 19 10.34 11.51 18.04
CA ILE C 19 10.44 10.70 19.25
C ILE C 19 10.48 9.23 18.87
N VAL C 20 11.43 8.49 19.42
CA VAL C 20 11.52 7.05 19.16
C VAL C 20 11.56 6.32 20.51
N LEU C 21 11.22 5.03 20.48
CA LEU C 21 11.47 4.15 21.62
C LEU C 21 12.54 3.14 21.24
N VAL C 22 13.60 3.08 22.05
CA VAL C 22 14.72 2.18 21.86
C VAL C 22 14.71 1.15 22.99
N LYS C 23 14.63 -0.14 22.65
CA LYS C 23 14.72 -1.22 23.65
C LYS C 23 16.08 -1.88 23.56
N LEU C 24 16.79 -1.94 24.69
CA LEU C 24 18.13 -2.49 24.78
C LEU C 24 18.06 -3.98 25.14
N LYS C 25 19.22 -4.64 25.06
CA LYS C 25 19.28 -6.09 25.27
C LYS C 25 18.78 -6.48 26.66
N ASN C 26 19.08 -5.68 27.69
CA ASN C 26 18.57 -5.99 29.04
C ASN C 26 17.09 -5.70 29.21
N GLY C 27 16.37 -5.39 28.14
CA GLY C 27 14.94 -5.18 28.19
C GLY C 27 14.49 -3.77 28.54
N GLU C 28 15.36 -2.89 29.03
CA GLU C 28 14.85 -1.57 29.39
C GLU C 28 14.57 -0.71 28.17
N GLU C 29 13.63 0.22 28.32
CA GLU C 29 13.11 1.02 27.23
C GLU C 29 13.47 2.48 27.46
N TYR C 30 13.97 3.13 26.41
CA TYR C 30 14.39 4.52 26.46
C TYR C 30 13.63 5.29 25.39
N VAL C 31 12.97 6.38 25.80
CA VAL C 31 12.17 7.21 24.91
C VAL C 31 12.84 8.58 24.84
N GLY C 32 12.98 9.09 23.63
CA GLY C 32 13.65 10.36 23.41
C GLY C 32 13.51 10.76 21.95
N ARG C 33 13.94 11.98 21.66
CA ARG C 33 13.90 12.53 20.31
C ARG C 33 15.20 12.18 19.60
N LEU C 34 15.10 11.52 18.45
CA LEU C 34 16.28 11.07 17.70
C LEU C 34 16.99 12.26 17.06
N GLU C 35 18.18 12.59 17.54
CA GLU C 35 18.99 13.66 16.97
C GLU C 35 20.00 13.17 15.93
N GLN C 36 20.58 11.98 16.14
CA GLN C 36 21.66 11.51 15.26
C GLN C 36 21.69 10.00 15.27
N SER C 37 22.18 9.43 14.17
CA SER C 37 22.37 7.98 14.05
C SER C 37 23.48 7.72 13.03
N ASP C 38 24.02 6.50 13.07
CA ASP C 38 25.08 6.11 12.14
C ASP C 38 24.80 4.70 11.64
N GLY C 39 25.73 4.19 10.81
CA GLY C 39 25.54 2.90 10.17
C GLY C 39 25.54 1.72 11.12
N THR C 40 26.24 1.84 12.25
CA THR C 40 26.21 0.81 13.28
C THR C 40 25.01 0.93 14.22
N MET C 41 24.15 1.93 13.98
CA MET C 41 22.99 2.27 14.80
C MET C 41 23.35 2.81 16.18
N ASN C 42 24.56 3.33 16.38
CA ASN C 42 24.76 4.27 17.47
C ASN C 42 23.79 5.43 17.28
N LEU C 43 23.19 5.88 18.38
CA LEU C 43 22.19 6.94 18.36
C LEU C 43 22.54 8.01 19.37
N VAL C 44 22.08 9.23 19.08
CA VAL C 44 22.00 10.29 20.09
C VAL C 44 20.52 10.65 20.24
N LEU C 45 20.02 10.56 21.46
CA LEU C 45 18.65 10.96 21.78
C LEU C 45 18.68 12.17 22.69
N LYS C 46 17.75 13.10 22.47
CA LYS C 46 17.58 14.27 23.32
C LYS C 46 16.43 14.03 24.29
N ASP C 47 16.59 14.50 25.52
CA ASP C 47 15.58 14.40 26.58
C ASP C 47 15.13 12.95 26.75
N CYS C 48 16.08 12.11 27.16
CA CYS C 48 15.84 10.68 27.20
C CYS C 48 15.31 10.25 28.57
N THR C 49 14.18 9.59 28.57
CA THR C 49 13.58 8.99 29.76
C THR C 49 13.58 7.47 29.63
N GLU C 50 14.07 6.79 30.67
CA GLU C 50 13.99 5.34 30.73
C GLU C 50 12.66 4.92 31.35
N TYR C 51 12.00 3.95 30.74
CA TYR C 51 10.76 3.39 31.24
C TYR C 51 10.95 1.93 31.63
N ARG C 52 10.18 1.50 32.62
CA ARG C 52 10.14 0.09 32.98
C ARG C 52 9.53 -0.71 31.84
N GLU C 53 10.15 -1.85 31.53
CA GLU C 53 9.83 -2.56 30.31
C GLU C 53 8.36 -2.93 30.22
N GLY C 54 7.73 -2.62 29.08
CA GLY C 54 6.34 -2.94 28.83
C GLY C 54 5.35 -1.94 29.38
N THR C 55 5.80 -0.93 30.11
CA THR C 55 4.92 0.01 30.79
C THR C 55 5.22 1.43 30.33
N SER C 56 4.49 2.36 30.94
CA SER C 56 4.79 3.78 30.83
C SER C 56 5.25 4.36 32.17
N ASP C 57 5.75 3.51 33.08
CA ASP C 57 6.29 3.98 34.36
C ASP C 57 7.72 4.48 34.19
N PRO C 58 7.96 5.78 34.35
CA PRO C 58 9.32 6.30 34.22
C PRO C 58 10.17 5.90 35.41
N VAL C 59 11.42 5.52 35.14
CA VAL C 59 12.35 5.18 36.20
C VAL C 59 13.50 6.18 36.31
N ALA C 60 13.86 6.88 35.23
CA ALA C 60 15.02 7.76 35.31
C ALA C 60 15.03 8.68 34.10
N LYS C 61 15.69 9.83 34.29
CA LYS C 61 15.91 10.82 33.25
C LYS C 61 17.41 10.91 33.02
N TYR C 62 17.81 10.89 31.74
CA TYR C 62 19.22 10.89 31.41
C TYR C 62 19.64 12.01 30.48
N GLY C 63 18.72 12.85 30.02
CA GLY C 63 19.13 13.98 29.18
C GLY C 63 19.52 13.54 27.78
N ARG C 64 20.57 14.16 27.24
CA ARG C 64 21.07 13.80 25.93
C ARG C 64 22.00 12.59 26.05
N VAL C 65 21.65 11.49 25.41
CA VAL C 65 22.38 10.24 25.56
C VAL C 65 22.91 9.76 24.21
N LEU C 66 24.15 9.27 24.24
CA LEU C 66 24.74 8.49 23.17
C LEU C 66 24.53 7.00 23.50
N ILE C 67 23.74 6.30 22.69
CA ILE C 67 23.45 4.88 22.90
C ILE C 67 24.25 4.04 21.90
N ARG C 68 24.93 3.01 22.40
CA ARG C 68 25.71 2.13 21.51
C ARG C 68 24.80 1.17 20.76
N GLY C 69 24.95 1.12 19.44
CA GLY C 69 24.06 0.31 18.63
C GLY C 69 24.12 -1.19 18.92
N SER C 70 25.29 -1.69 19.33
CA SER C 70 25.44 -3.14 19.50
C SER C 70 24.48 -3.71 20.54
N ASN C 71 24.03 -2.90 21.49
CA ASN C 71 23.15 -3.39 22.54
C ASN C 71 21.67 -3.16 22.26
N ILE C 72 21.32 -2.65 21.10
CA ILE C 72 19.91 -2.36 20.81
C ILE C 72 19.22 -3.62 20.33
N LEU C 73 17.99 -3.85 20.82
CA LEU C 73 17.13 -4.90 20.31
C LEU C 73 16.27 -4.39 19.15
N PHE C 74 15.54 -3.30 19.38
CA PHE C 74 14.78 -2.68 18.31
C PHE C 74 14.56 -1.21 18.63
N ILE C 75 14.18 -0.49 17.59
CA ILE C 75 13.84 0.93 17.66
C ILE C 75 12.45 1.09 17.10
N SER C 76 11.54 1.63 17.89
CA SER C 76 10.23 2.02 17.39
C SER C 76 10.41 3.34 16.67
N ILE C 77 10.40 3.30 15.33
CA ILE C 77 10.81 4.45 14.53
C ILE C 77 9.67 5.43 14.30
N ASP C 78 8.43 5.04 14.55
CA ASP C 78 7.28 5.94 14.47
C ASP C 78 6.60 6.10 15.83
N TYR C 79 7.38 6.00 16.92
CA TYR C 79 6.77 5.94 18.25
C TYR C 79 5.93 7.18 18.56
N GLU C 80 6.38 8.34 18.07
CA GLU C 80 5.59 9.57 18.18
C GLU C 80 4.15 9.33 17.78
N SER C 81 3.94 8.64 16.67
CA SER C 81 2.62 8.52 16.05
C SER C 81 1.76 7.45 16.66
N ILE C 82 2.14 6.88 17.81
CA ILE C 82 1.30 5.89 18.49
C ILE C 82 1.29 6.18 19.99
N MET C 83 1.12 7.45 20.35
CA MET C 83 0.93 7.81 21.75
C MET C 83 0.20 9.15 21.84
N LYS D 4 20.09 -25.75 -7.66
CA LYS D 4 19.58 -24.40 -7.91
C LYS D 4 19.53 -23.55 -6.63
N ILE D 5 19.17 -22.28 -6.79
CA ILE D 5 19.43 -21.24 -5.77
C ILE D 5 18.29 -21.27 -4.75
N GLU D 6 18.49 -22.01 -3.67
CA GLU D 6 17.63 -21.89 -2.49
C GLU D 6 18.51 -21.86 -1.25
N ASN D 7 18.34 -20.84 -0.42
CA ASN D 7 19.10 -20.74 0.81
C ASN D 7 18.28 -20.00 1.85
N PRO D 8 18.61 -20.16 3.14
CA PRO D 8 17.75 -19.60 4.20
C PRO D 8 17.42 -18.13 4.05
N LEU D 9 18.37 -17.29 3.66
CA LEU D 9 18.09 -15.86 3.63
C LEU D 9 17.17 -15.47 2.48
N LYS D 10 17.16 -16.25 1.40
CA LYS D 10 16.17 -16.00 0.35
C LYS D 10 14.76 -16.33 0.82
N SER D 11 14.60 -17.36 1.66
CA SER D 11 13.27 -17.67 2.17
C SER D 11 12.69 -16.52 2.98
N LEU D 12 13.55 -15.72 3.62
CA LEU D 12 13.09 -14.50 4.27
C LEU D 12 12.52 -13.50 3.28
N LYS D 13 12.96 -13.55 2.02
CA LYS D 13 12.44 -12.62 1.03
C LYS D 13 11.00 -12.93 0.65
N THR D 14 10.60 -14.20 0.70
CA THR D 14 9.23 -14.57 0.37
C THR D 14 8.23 -14.16 1.45
N ALA D 15 8.69 -13.74 2.62
CA ALA D 15 7.77 -13.30 3.68
C ALA D 15 7.44 -11.82 3.59
N LEU D 16 8.00 -11.10 2.62
CA LEU D 16 7.79 -9.66 2.57
C LEU D 16 6.30 -9.36 2.40
N ASN D 17 5.83 -8.41 3.21
CA ASN D 17 4.43 -7.99 3.30
C ASN D 17 3.52 -9.05 3.88
N LYS D 18 4.07 -10.12 4.45
CA LYS D 18 3.28 -11.09 5.21
C LYS D 18 3.49 -10.88 6.70
N ILE D 19 2.55 -11.40 7.50
CA ILE D 19 2.72 -11.37 8.95
C ILE D 19 3.78 -12.39 9.35
N VAL D 20 4.70 -11.97 10.22
CA VAL D 20 5.75 -12.86 10.71
C VAL D 20 5.77 -12.82 12.23
N LEU D 21 6.33 -13.87 12.82
CA LEU D 21 6.65 -13.86 14.23
C LEU D 21 8.16 -13.89 14.38
N VAL D 22 8.68 -12.97 15.18
CA VAL D 22 10.11 -12.83 15.44
C VAL D 22 10.33 -13.06 16.93
N LYS D 23 11.18 -14.01 17.27
CA LYS D 23 11.57 -14.24 18.66
C LYS D 23 13.01 -13.78 18.85
N LEU D 24 13.23 -12.95 19.85
CA LEU D 24 14.54 -12.40 20.15
C LEU D 24 15.24 -13.20 21.26
N LYS D 25 16.52 -12.84 21.48
CA LYS D 25 17.39 -13.63 22.36
C LYS D 25 16.87 -13.74 23.79
N ASN D 26 16.11 -12.75 24.26
CA ASN D 26 15.50 -12.81 25.59
C ASN D 26 14.12 -13.47 25.57
N GLY D 27 13.81 -14.23 24.52
CA GLY D 27 12.58 -15.00 24.44
C GLY D 27 11.31 -14.23 24.15
N GLU D 28 11.38 -12.92 23.97
CA GLU D 28 10.19 -12.15 23.63
C GLU D 28 9.81 -12.33 22.17
N GLU D 29 8.50 -12.36 21.91
CA GLU D 29 7.97 -12.57 20.58
C GLU D 29 7.30 -11.29 20.09
N TYR D 30 7.52 -10.98 18.82
CA TYR D 30 7.00 -9.79 18.17
C TYR D 30 6.32 -10.20 16.88
N VAL D 31 5.09 -9.75 16.69
CA VAL D 31 4.28 -10.12 15.53
C VAL D 31 3.95 -8.84 14.77
N GLY D 32 4.07 -8.91 13.45
CA GLY D 32 3.79 -7.76 12.61
C GLY D 32 4.06 -8.13 11.16
N ARG D 33 3.80 -7.16 10.28
CA ARG D 33 3.92 -7.35 8.85
C ARG D 33 5.33 -6.97 8.40
N LEU D 34 6.05 -7.94 7.83
CA LEU D 34 7.43 -7.71 7.38
C LEU D 34 7.44 -6.75 6.19
N GLU D 35 8.09 -5.60 6.36
CA GLU D 35 8.14 -4.63 5.29
C GLU D 35 9.50 -4.56 4.61
N GLN D 36 10.58 -4.72 5.37
CA GLN D 36 11.92 -4.71 4.82
C GLN D 36 12.78 -5.69 5.60
N SER D 37 13.79 -6.20 4.92
CA SER D 37 14.83 -7.01 5.52
C SER D 37 16.09 -6.79 4.70
N ASP D 38 17.24 -7.00 5.34
CA ASP D 38 18.51 -6.99 4.61
C ASP D 38 19.29 -8.26 4.88
N GLY D 39 20.56 -8.29 4.47
CA GLY D 39 21.33 -9.52 4.52
C GLY D 39 21.72 -9.94 5.92
N THR D 40 21.82 -8.98 6.85
CA THR D 40 22.14 -9.28 8.23
C THR D 40 20.91 -9.65 9.06
N MET D 41 19.75 -9.77 8.41
CA MET D 41 18.46 -10.02 9.04
C MET D 41 17.98 -8.85 9.88
N ASN D 42 18.49 -7.63 9.63
CA ASN D 42 17.77 -6.48 10.12
C ASN D 42 16.39 -6.47 9.49
N LEU D 43 15.38 -6.16 10.30
CA LEU D 43 13.99 -6.26 9.90
C LEU D 43 13.30 -4.93 10.18
N VAL D 44 12.32 -4.61 9.35
CA VAL D 44 11.33 -3.59 9.66
C VAL D 44 9.97 -4.26 9.65
N LEU D 45 9.24 -4.12 10.75
CA LEU D 45 7.90 -4.65 10.89
C LEU D 45 6.91 -3.51 11.06
N LYS D 46 5.75 -3.64 10.41
CA LYS D 46 4.62 -2.73 10.57
C LYS D 46 3.62 -3.33 11.55
N ASP D 47 2.99 -2.46 12.35
CA ASP D 47 1.92 -2.84 13.29
C ASP D 47 2.38 -3.93 14.24
N CYS D 48 3.47 -3.65 14.95
CA CYS D 48 4.18 -4.67 15.71
C CYS D 48 3.62 -4.79 17.13
N THR D 49 3.21 -6.00 17.50
CA THR D 49 2.76 -6.29 18.85
C THR D 49 3.69 -7.30 19.50
N GLU D 50 4.12 -7.00 20.72
CA GLU D 50 4.85 -7.93 21.56
C GLU D 50 3.86 -8.83 22.30
N TYR D 51 4.12 -10.13 22.28
CA TYR D 51 3.35 -11.12 23.03
C TYR D 51 4.26 -11.81 24.04
N ARG D 52 3.68 -12.21 25.16
CA ARG D 52 4.43 -12.99 26.13
C ARG D 52 4.80 -14.34 25.53
N GLU D 53 6.03 -14.78 25.79
CA GLU D 53 6.60 -15.96 25.14
C GLU D 53 5.69 -17.17 25.28
N GLY D 54 5.43 -17.84 24.16
CA GLY D 54 4.64 -19.05 24.11
C GLY D 54 3.14 -18.87 24.13
N THR D 55 2.63 -17.65 24.28
CA THR D 55 1.20 -17.39 24.48
C THR D 55 0.67 -16.47 23.38
N SER D 56 -0.55 -15.98 23.61
CA SER D 56 -1.14 -14.94 22.78
C SER D 56 -1.60 -13.76 23.62
N ASP D 57 -1.05 -13.60 24.83
CA ASP D 57 -1.29 -12.43 25.68
C ASP D 57 -0.47 -11.25 25.16
N PRO D 58 -1.07 -10.25 24.52
CA PRO D 58 -0.28 -9.10 24.07
C PRO D 58 0.23 -8.31 25.26
N VAL D 59 1.47 -7.85 25.13
CA VAL D 59 2.17 -7.17 26.23
C VAL D 59 2.36 -5.69 25.94
N ALA D 60 2.67 -5.32 24.71
CA ALA D 60 2.86 -3.92 24.39
C ALA D 60 2.74 -3.76 22.89
N LYS D 61 2.41 -2.54 22.48
CA LYS D 61 2.29 -2.21 21.06
C LYS D 61 3.39 -1.22 20.71
N TYR D 62 4.09 -1.47 19.62
CA TYR D 62 5.28 -0.70 19.32
C TYR D 62 5.27 -0.03 17.96
N GLY D 63 4.22 -0.25 17.15
CA GLY D 63 4.11 0.43 15.87
C GLY D 63 5.12 -0.14 14.88
N ARG D 64 5.70 0.75 14.07
CA ARG D 64 6.70 0.33 13.10
C ARG D 64 8.06 0.22 13.77
N VAL D 65 8.68 -0.96 13.70
CA VAL D 65 9.91 -1.21 14.43
C VAL D 65 11.01 -1.71 13.52
N LEU D 66 12.22 -1.25 13.79
CA LEU D 66 13.44 -1.72 13.19
C LEU D 66 14.06 -2.69 14.18
N ILE D 67 14.16 -3.95 13.80
CA ILE D 67 14.72 -5.00 14.66
C ILE D 67 16.13 -5.33 14.22
N ARG D 68 17.05 -5.35 15.18
CA ARG D 68 18.43 -5.68 14.89
C ARG D 68 18.60 -7.19 14.70
N GLY D 69 19.21 -7.57 13.58
CA GLY D 69 19.32 -8.98 13.21
C GLY D 69 20.10 -9.83 14.20
N SER D 70 21.15 -9.27 14.80
CA SER D 70 22.05 -10.09 15.63
C SER D 70 21.35 -10.70 16.84
N ASN D 71 20.26 -10.12 17.32
CA ASN D 71 19.58 -10.67 18.48
C ASN D 71 18.33 -11.47 18.15
N ILE D 72 18.12 -11.79 16.88
CA ILE D 72 16.99 -12.63 16.49
C ILE D 72 17.35 -14.10 16.72
N LEU D 73 16.45 -14.82 17.38
CA LEU D 73 16.58 -16.28 17.48
C LEU D 73 16.01 -16.96 16.24
N PHE D 74 14.76 -16.66 15.91
CA PHE D 74 14.18 -17.17 14.68
C PHE D 74 13.07 -16.24 14.21
N ILE D 75 12.65 -16.47 12.98
CA ILE D 75 11.52 -15.82 12.36
C ILE D 75 10.60 -16.89 11.84
N SER D 76 9.34 -16.87 12.26
CA SER D 76 8.32 -17.73 11.68
C SER D 76 7.83 -17.05 10.40
N ILE D 77 8.28 -17.57 9.25
CA ILE D 77 8.07 -16.87 7.97
C ILE D 77 6.72 -17.20 7.33
N ASP D 78 5.98 -18.14 7.86
CA ASP D 78 4.64 -18.47 7.38
C ASP D 78 3.61 -18.26 8.48
N TYR D 79 3.89 -17.35 9.42
CA TYR D 79 3.04 -17.20 10.58
C TYR D 79 1.61 -16.83 10.18
N GLU D 80 1.47 -16.03 9.13
CA GLU D 80 0.16 -15.53 8.72
C GLU D 80 -0.83 -16.67 8.51
N SER D 81 -0.41 -17.67 7.75
CA SER D 81 -1.26 -18.81 7.41
C SER D 81 -1.52 -19.74 8.59
N ILE D 82 -1.21 -19.42 9.84
CA ILE D 82 -1.41 -20.39 10.90
C ILE D 82 -2.11 -19.74 12.09
N MET D 83 -1.79 -18.49 12.38
CA MET D 83 -2.42 -17.80 13.51
C MET D 83 -3.88 -17.44 13.21
N LYS E 4 35.52 -38.64 0.55
CA LYS E 4 36.61 -38.78 1.52
C LYS E 4 36.70 -37.57 2.45
N ILE E 5 36.17 -36.43 2.02
CA ILE E 5 36.25 -35.20 2.79
C ILE E 5 35.08 -35.14 3.77
N GLU E 6 35.40 -35.05 5.05
CA GLU E 6 34.41 -35.01 6.13
C GLU E 6 34.76 -33.85 7.05
N ASN E 7 33.78 -33.00 7.35
CA ASN E 7 33.95 -31.95 8.34
C ASN E 7 32.60 -31.63 8.96
N PRO E 8 32.57 -30.93 10.09
CA PRO E 8 31.29 -30.69 10.77
C PRO E 8 30.21 -30.03 9.92
N LEU E 9 30.53 -29.01 9.12
CA LEU E 9 29.48 -28.33 8.35
C LEU E 9 28.89 -29.23 7.29
N LYS E 10 29.73 -30.05 6.64
CA LYS E 10 29.24 -31.01 5.66
C LYS E 10 28.32 -32.05 6.30
N SER E 11 28.56 -32.40 7.56
CA SER E 11 27.64 -33.33 8.23
C SER E 11 26.26 -32.71 8.40
N LEU E 12 26.16 -31.38 8.45
CA LEU E 12 24.85 -30.74 8.53
C LEU E 12 24.04 -30.97 7.27
N LYS E 13 24.70 -31.02 6.11
CA LYS E 13 24.00 -31.29 4.85
C LYS E 13 23.38 -32.68 4.83
N THR E 14 24.00 -33.66 5.49
CA THR E 14 23.39 -34.99 5.53
C THR E 14 22.03 -35.00 6.22
N ALA E 15 21.72 -34.01 7.04
CA ALA E 15 20.42 -33.96 7.72
C ALA E 15 19.33 -33.28 6.89
N LEU E 16 19.65 -32.80 5.69
CA LEU E 16 18.62 -32.21 4.86
C LEU E 16 17.48 -33.18 4.64
N ASN E 17 16.26 -32.67 4.72
CA ASN E 17 15.01 -33.41 4.60
C ASN E 17 14.80 -34.39 5.75
N LYS E 18 15.62 -34.35 6.78
CA LYS E 18 15.36 -35.15 7.97
C LYS E 18 14.92 -34.27 9.12
N ILE E 19 14.23 -34.89 10.08
CA ILE E 19 13.86 -34.20 11.31
C ILE E 19 15.09 -34.03 12.17
N VAL E 20 15.28 -32.81 12.69
CA VAL E 20 16.42 -32.49 13.54
C VAL E 20 15.88 -31.83 14.80
N LEU E 21 16.72 -31.80 15.83
CA LEU E 21 16.50 -30.99 17.01
C LEU E 21 17.58 -29.91 17.06
N VAL E 22 17.16 -28.65 17.24
CA VAL E 22 18.06 -27.53 17.40
C VAL E 22 17.88 -26.98 18.81
N LYS E 23 18.96 -26.98 19.60
CA LYS E 23 18.98 -26.27 20.87
C LYS E 23 19.62 -24.89 20.68
N LEU E 24 18.89 -23.85 21.11
CA LEU E 24 19.33 -22.47 21.06
C LEU E 24 19.99 -22.07 22.38
N LYS E 25 20.70 -20.94 22.38
CA LYS E 25 21.56 -20.65 23.52
C LYS E 25 20.80 -20.32 24.79
N ASN E 26 19.51 -19.97 24.70
CA ASN E 26 18.69 -19.85 25.89
C ASN E 26 18.12 -21.19 26.35
N GLY E 27 18.57 -22.29 25.76
CA GLY E 27 18.22 -23.61 26.20
C GLY E 27 17.00 -24.23 25.55
N GLU E 28 16.22 -23.48 24.78
CA GLU E 28 15.01 -24.09 24.25
C GLU E 28 15.31 -24.95 23.03
N GLU E 29 14.46 -25.95 22.82
CA GLU E 29 14.66 -26.96 21.79
C GLU E 29 13.54 -26.85 20.76
N TYR E 30 13.92 -27.01 19.50
CA TYR E 30 13.02 -26.84 18.37
C TYR E 30 13.21 -28.03 17.45
N VAL E 31 12.12 -28.69 17.11
CA VAL E 31 12.14 -29.92 16.32
C VAL E 31 11.33 -29.68 15.05
N GLY E 32 11.91 -30.05 13.91
CA GLY E 32 11.28 -29.82 12.62
C GLY E 32 12.11 -30.49 11.54
N ARG E 33 11.54 -30.55 10.34
CA ARG E 33 12.24 -31.12 9.20
C ARG E 33 13.13 -30.06 8.57
N LEU E 34 14.44 -30.34 8.52
CA LEU E 34 15.41 -29.42 7.96
C LEU E 34 15.23 -29.31 6.46
N GLU E 35 14.87 -28.13 5.98
CA GLU E 35 14.66 -27.93 4.56
C GLU E 35 15.82 -27.22 3.89
N GLN E 36 16.48 -26.28 4.57
CA GLN E 36 17.59 -25.54 4.00
C GLN E 36 18.58 -25.17 5.10
N SER E 37 19.83 -24.98 4.71
CA SER E 37 20.86 -24.54 5.65
C SER E 37 21.95 -23.84 4.83
N ASP E 38 22.82 -23.09 5.53
CA ASP E 38 23.90 -22.41 4.83
C ASP E 38 25.17 -22.53 5.66
N GLY E 39 26.23 -21.89 5.17
CA GLY E 39 27.55 -21.98 5.77
C GLY E 39 27.64 -21.38 7.16
N THR E 40 26.76 -20.43 7.48
CA THR E 40 26.74 -19.88 8.84
C THR E 40 25.78 -20.65 9.75
N MET E 41 25.25 -21.78 9.29
CA MET E 41 24.31 -22.61 10.01
C MET E 41 22.98 -21.91 10.27
N ASN E 42 22.67 -20.87 9.50
CA ASN E 42 21.26 -20.50 9.37
C ASN E 42 20.49 -21.69 8.82
N LEU E 43 19.28 -21.91 9.37
CA LEU E 43 18.47 -23.07 9.05
C LEU E 43 17.04 -22.66 8.72
N VAL E 44 16.43 -23.41 7.83
CA VAL E 44 14.98 -23.40 7.66
C VAL E 44 14.46 -24.77 8.07
N LEU E 45 13.58 -24.78 9.07
CA LEU E 45 12.84 -25.96 9.49
C LEU E 45 11.38 -25.83 9.09
N LYS E 46 10.81 -26.94 8.63
CA LYS E 46 9.37 -27.03 8.39
C LYS E 46 8.70 -27.73 9.56
N ASP E 47 7.50 -27.28 9.92
CA ASP E 47 6.69 -27.90 10.97
C ASP E 47 7.44 -27.90 12.29
N CYS E 48 7.84 -26.71 12.72
CA CYS E 48 8.70 -26.56 13.88
C CYS E 48 7.87 -26.50 15.16
N THR E 49 8.19 -27.39 16.10
CA THR E 49 7.61 -27.39 17.43
C THR E 49 8.71 -27.11 18.44
N GLU E 50 8.48 -26.14 19.32
CA GLU E 50 9.34 -25.92 20.47
C GLU E 50 8.95 -26.84 21.62
N TYR E 51 9.96 -27.43 22.27
CA TYR E 51 9.80 -28.31 23.41
C TYR E 51 10.52 -27.75 24.64
N ARG E 52 9.96 -28.07 25.81
CA ARG E 52 10.66 -27.78 27.06
C ARG E 52 12.01 -28.47 27.07
N GLU E 53 13.05 -27.70 27.31
CA GLU E 53 14.43 -28.19 27.32
C GLU E 53 14.56 -29.53 28.04
N GLY E 54 15.06 -30.52 27.31
CA GLY E 54 15.31 -31.83 27.88
C GLY E 54 14.09 -32.72 28.00
N THR E 55 12.91 -32.26 27.58
CA THR E 55 11.67 -33.00 27.76
C THR E 55 10.98 -33.22 26.40
N SER E 56 9.77 -33.76 26.48
CA SER E 56 8.93 -34.01 25.30
C SER E 56 7.65 -33.19 25.33
N ASP E 57 7.53 -32.26 26.28
CA ASP E 57 6.33 -31.44 26.44
C ASP E 57 6.31 -30.30 25.42
N PRO E 58 5.40 -30.31 24.45
CA PRO E 58 5.32 -29.22 23.47
C PRO E 58 4.90 -27.92 24.13
N VAL E 59 5.50 -26.83 23.65
CA VAL E 59 5.32 -25.50 24.22
C VAL E 59 4.61 -24.56 23.24
N ALA E 60 4.94 -24.66 21.96
CA ALA E 60 4.38 -23.79 20.95
C ALA E 60 4.70 -24.39 19.59
N LYS E 61 3.87 -24.05 18.61
CA LYS E 61 4.11 -24.38 17.22
C LYS E 61 4.42 -23.10 16.46
N TYR E 62 5.37 -23.18 15.53
CA TYR E 62 5.76 -22.01 14.78
C TYR E 62 5.79 -22.23 13.28
N GLY E 63 5.48 -23.43 12.80
CA GLY E 63 5.40 -23.63 11.36
C GLY E 63 6.78 -23.56 10.73
N ARG E 64 6.89 -22.85 9.62
CA ARG E 64 8.14 -22.74 8.89
C ARG E 64 8.96 -21.62 9.51
N VAL E 65 10.15 -21.95 10.03
CA VAL E 65 10.97 -20.97 10.74
C VAL E 65 12.34 -20.86 10.11
N LEU E 66 12.85 -19.64 10.09
CA LEU E 66 14.24 -19.35 9.79
C LEU E 66 14.97 -19.17 11.11
N ILE E 67 15.96 -20.02 11.37
CA ILE E 67 16.73 -19.99 12.61
C ILE E 67 18.11 -19.38 12.34
N ARG E 68 18.48 -18.38 13.12
CA ARG E 68 19.76 -17.71 12.97
C ARG E 68 20.87 -18.60 13.55
N GLY E 69 21.85 -18.94 12.71
CA GLY E 69 22.89 -19.90 13.12
C GLY E 69 23.72 -19.43 14.30
N SER E 70 23.97 -18.13 14.41
CA SER E 70 24.83 -17.61 15.47
C SER E 70 24.26 -17.81 16.88
N ASN E 71 22.96 -18.06 17.04
CA ASN E 71 22.38 -18.33 18.34
C ASN E 71 22.04 -19.81 18.56
N ILE E 72 22.62 -20.72 17.77
CA ILE E 72 22.47 -22.16 17.97
C ILE E 72 23.56 -22.70 18.89
N LEU E 73 23.17 -23.56 19.82
CA LEU E 73 24.13 -24.34 20.61
C LEU E 73 24.53 -25.63 19.90
N PHE E 74 23.54 -26.44 19.51
CA PHE E 74 23.86 -27.65 18.76
C PHE E 74 22.64 -28.07 17.96
N ILE E 75 22.90 -28.93 16.98
CA ILE E 75 21.88 -29.54 16.14
C ILE E 75 22.05 -31.05 16.25
N SER E 76 21.00 -31.74 16.65
CA SER E 76 20.98 -33.20 16.58
C SER E 76 20.66 -33.59 15.15
N ILE E 77 21.68 -34.03 14.40
CA ILE E 77 21.48 -34.20 12.96
C ILE E 77 20.90 -35.57 12.62
N ASP E 78 20.70 -36.46 13.60
CA ASP E 78 20.10 -37.77 13.35
C ASP E 78 18.86 -37.99 14.22
N TYR E 79 18.28 -36.91 14.75
CA TYR E 79 17.19 -37.02 15.73
C TYR E 79 16.04 -37.87 15.24
N GLU E 80 15.74 -37.80 13.93
CA GLU E 80 14.64 -38.56 13.36
C GLU E 80 14.75 -40.05 13.71
N SER E 81 15.96 -40.61 13.65
CA SER E 81 16.14 -42.04 13.86
C SER E 81 16.12 -42.45 15.32
N ILE E 82 15.98 -41.51 16.26
CA ILE E 82 15.95 -41.83 17.69
C ILE E 82 14.77 -41.22 18.43
N MET E 83 13.94 -40.42 17.77
CA MET E 83 12.78 -39.86 18.44
C MET E 83 11.68 -40.92 18.60
N ILE F 5 55.79 -30.10 16.62
CA ILE F 5 54.68 -29.14 16.59
C ILE F 5 53.52 -29.57 17.47
N GLU F 6 53.32 -28.86 18.57
CA GLU F 6 52.22 -29.15 19.48
C GLU F 6 51.51 -27.85 19.84
N ASN F 7 50.19 -27.86 19.79
CA ASN F 7 49.41 -26.68 20.13
C ASN F 7 48.03 -27.11 20.57
N PRO F 8 47.27 -26.24 21.25
CA PRO F 8 45.95 -26.64 21.77
C PRO F 8 44.99 -27.17 20.72
N LEU F 9 44.99 -26.60 19.50
CA LEU F 9 44.03 -27.07 18.49
C LEU F 9 44.43 -28.43 17.93
N LYS F 10 45.73 -28.70 17.78
CA LYS F 10 46.13 -30.03 17.37
C LYS F 10 45.81 -31.06 18.44
N SER F 11 45.76 -30.65 19.70
CA SER F 11 45.39 -31.59 20.75
C SER F 11 43.93 -32.03 20.62
N LEU F 12 43.07 -31.16 20.06
CA LEU F 12 41.70 -31.57 19.76
C LEU F 12 41.68 -32.67 18.71
N LYS F 13 42.54 -32.58 17.70
CA LYS F 13 42.60 -33.60 16.65
C LYS F 13 42.97 -34.97 17.20
N THR F 14 43.83 -35.02 18.23
CA THR F 14 44.15 -36.30 18.84
C THR F 14 42.96 -36.95 19.53
N ALA F 15 41.94 -36.18 19.91
CA ALA F 15 40.79 -36.76 20.58
C ALA F 15 39.86 -37.49 19.63
N LEU F 16 40.14 -37.48 18.34
CA LEU F 16 39.19 -38.08 17.41
C LEU F 16 38.99 -39.55 17.72
N ASN F 17 37.73 -39.99 17.62
CA ASN F 17 37.23 -41.32 17.96
C ASN F 17 37.28 -41.61 19.45
N LYS F 18 37.66 -40.64 20.28
CA LYS F 18 37.66 -40.81 21.73
C LYS F 18 36.39 -40.21 22.35
N ILE F 19 36.00 -40.76 23.49
CA ILE F 19 34.91 -40.15 24.25
C ILE F 19 35.42 -38.84 24.87
N VAL F 20 34.64 -37.77 24.72
CA VAL F 20 35.00 -36.48 25.27
C VAL F 20 33.81 -35.93 26.04
N LEU F 21 34.07 -34.99 26.94
CA LEU F 21 33.03 -34.18 27.56
C LEU F 21 33.18 -32.73 27.10
N VAL F 22 32.09 -32.14 26.64
CA VAL F 22 32.04 -30.76 26.17
C VAL F 22 31.16 -29.98 27.13
N LYS F 23 31.74 -28.99 27.80
CA LYS F 23 30.98 -28.07 28.65
C LYS F 23 30.69 -26.80 27.86
N LEU F 24 29.41 -26.41 27.81
CA LEU F 24 29.02 -25.17 27.14
C LEU F 24 28.94 -24.00 28.12
N LYS F 25 28.79 -22.79 27.55
CA LYS F 25 28.81 -21.56 28.34
C LYS F 25 27.73 -21.55 29.43
N ASN F 26 26.56 -22.12 29.15
CA ASN F 26 25.49 -22.25 30.15
C ASN F 26 25.74 -23.40 31.14
N GLY F 27 26.91 -24.03 31.10
CA GLY F 27 27.27 -25.00 32.11
C GLY F 27 26.85 -26.42 31.82
N GLU F 28 26.01 -26.65 30.82
CA GLU F 28 25.58 -28.00 30.46
C GLU F 28 26.75 -28.82 29.90
N GLU F 29 26.75 -30.10 30.24
CA GLU F 29 27.82 -31.01 29.83
C GLU F 29 27.27 -32.06 28.87
N TYR F 30 28.02 -32.33 27.81
CA TYR F 30 27.62 -33.25 26.75
C TYR F 30 28.76 -34.23 26.55
N VAL F 31 28.46 -35.53 26.64
CA VAL F 31 29.44 -36.59 26.56
C VAL F 31 29.10 -37.44 25.35
N GLY F 32 30.11 -37.70 24.51
CA GLY F 32 29.92 -38.55 23.36
C GLY F 32 31.27 -38.83 22.72
N ARG F 33 31.23 -39.61 21.63
CA ARG F 33 32.43 -39.97 20.90
C ARG F 33 32.69 -38.89 19.85
N LEU F 34 33.88 -38.29 19.90
CA LEU F 34 34.22 -37.21 18.97
C LEU F 34 34.46 -37.79 17.57
N GLU F 35 33.62 -37.39 16.61
CA GLU F 35 33.74 -37.90 15.25
C GLU F 35 34.41 -36.94 14.29
N GLN F 36 34.28 -35.63 14.49
CA GLN F 36 34.77 -34.60 13.59
C GLN F 36 34.97 -33.31 14.36
N SER F 37 35.93 -32.51 13.91
CA SER F 37 36.19 -31.21 14.50
C SER F 37 36.85 -30.34 13.44
N ASP F 38 36.79 -29.03 13.63
CA ASP F 38 37.43 -28.11 12.71
C ASP F 38 38.12 -27.00 13.50
N GLY F 39 38.76 -26.09 12.76
CA GLY F 39 39.58 -25.07 13.37
C GLY F 39 38.84 -24.13 14.30
N THR F 40 37.53 -23.96 14.11
CA THR F 40 36.73 -23.16 15.02
C THR F 40 36.20 -23.96 16.20
N MET F 41 36.59 -25.24 16.32
CA MET F 41 36.14 -26.14 17.38
C MET F 41 34.66 -26.49 17.25
N ASN F 42 34.06 -26.31 16.09
CA ASN F 42 32.82 -27.01 15.76
C ASN F 42 33.09 -28.51 15.87
N LEU F 43 32.17 -29.23 16.53
CA LEU F 43 32.37 -30.65 16.81
C LEU F 43 31.17 -31.47 16.32
N VAL F 44 31.44 -32.71 15.91
CA VAL F 44 30.40 -33.70 15.73
C VAL F 44 30.66 -34.81 16.74
N LEU F 45 29.71 -35.03 17.64
CA LEU F 45 29.74 -36.08 18.64
C LEU F 45 28.76 -37.17 18.24
N LYS F 46 29.18 -38.42 18.35
CA LYS F 46 28.30 -39.56 18.20
C LYS F 46 27.82 -40.00 19.58
N ASP F 47 26.56 -40.47 19.64
CA ASP F 47 25.98 -41.06 20.85
C ASP F 47 26.05 -40.09 22.03
N CYS F 48 25.50 -38.91 21.84
CA CYS F 48 25.66 -37.83 22.81
C CYS F 48 24.59 -37.89 23.90
N THR F 49 25.03 -37.86 25.15
CA THR F 49 24.15 -37.75 26.30
C THR F 49 24.48 -36.46 27.04
N GLU F 50 23.47 -35.66 27.34
CA GLU F 50 23.63 -34.48 28.17
C GLU F 50 23.49 -34.86 29.64
N TYR F 51 24.39 -34.32 30.47
CA TYR F 51 24.42 -34.60 31.90
C TYR F 51 24.27 -33.29 32.67
N ARG F 52 23.67 -33.39 33.85
CA ARG F 52 23.56 -32.26 34.75
C ARG F 52 24.95 -31.86 35.22
N GLU F 53 25.22 -30.56 35.18
CA GLU F 53 26.59 -30.06 35.34
C GLU F 53 27.22 -30.61 36.62
N GLY F 54 28.42 -31.18 36.47
CA GLY F 54 29.19 -31.66 37.59
C GLY F 54 28.66 -32.90 38.27
N THR F 55 27.64 -33.55 37.70
CA THR F 55 27.04 -34.76 38.25
C THR F 55 27.05 -35.87 37.18
N SER F 56 26.58 -37.04 37.59
CA SER F 56 26.44 -38.18 36.68
C SER F 56 25.01 -38.42 36.26
N ASP F 57 24.11 -37.46 36.51
CA ASP F 57 22.69 -37.55 36.19
C ASP F 57 22.42 -37.25 34.73
N PRO F 58 22.08 -38.26 33.92
CA PRO F 58 21.75 -38.01 32.51
C PRO F 58 20.43 -37.30 32.41
N VAL F 59 20.38 -36.27 31.56
CA VAL F 59 19.17 -35.49 31.42
C VAL F 59 18.46 -35.75 30.10
N ALA F 60 19.20 -36.05 29.03
CA ALA F 60 18.58 -36.25 27.74
C ALA F 60 19.62 -36.85 26.81
N LYS F 61 19.14 -37.58 25.81
CA LYS F 61 19.98 -38.17 24.77
C LYS F 61 19.69 -37.45 23.45
N TYR F 62 20.74 -37.17 22.71
CA TYR F 62 20.60 -36.37 21.51
C TYR F 62 21.21 -37.01 20.28
N GLY F 63 21.72 -38.23 20.38
CA GLY F 63 22.25 -38.91 19.21
C GLY F 63 23.49 -38.21 18.68
N ARG F 64 23.54 -38.05 17.35
CA ARG F 64 24.66 -37.41 16.69
C ARG F 64 24.43 -35.91 16.65
N VAL F 65 25.27 -35.15 17.33
CA VAL F 65 25.07 -33.71 17.44
C VAL F 65 26.22 -32.97 16.79
N LEU F 66 25.90 -31.87 16.14
CA LEU F 66 26.87 -30.89 15.69
C LEU F 66 26.83 -29.74 16.70
N ILE F 67 27.91 -29.56 17.46
CA ILE F 67 28.04 -28.49 18.45
C ILE F 67 28.83 -27.32 17.87
N ARG F 68 28.31 -26.10 18.01
CA ARG F 68 29.04 -24.90 17.54
C ARG F 68 30.17 -24.54 18.50
N GLY F 69 31.36 -24.33 17.95
CA GLY F 69 32.53 -24.12 18.78
C GLY F 69 32.50 -22.85 19.61
N SER F 70 31.77 -21.83 19.15
CA SER F 70 31.81 -20.54 19.85
C SER F 70 31.19 -20.59 21.25
N ASN F 71 30.29 -21.54 21.55
CA ASN F 71 29.68 -21.61 22.87
C ASN F 71 30.35 -22.58 23.81
N ILE F 72 31.52 -23.09 23.45
CA ILE F 72 32.19 -24.11 24.24
C ILE F 72 33.09 -23.45 25.27
N LEU F 73 32.93 -23.84 26.53
CA LEU F 73 33.86 -23.46 27.57
C LEU F 73 35.11 -24.33 27.54
N PHE F 74 34.94 -25.65 27.57
CA PHE F 74 36.09 -26.53 27.49
C PHE F 74 35.67 -27.92 27.03
N ILE F 75 36.67 -28.68 26.57
CA ILE F 75 36.49 -30.04 26.09
C ILE F 75 37.46 -30.89 26.87
N SER F 76 36.95 -31.91 27.57
CA SER F 76 37.81 -32.93 28.15
C SER F 76 38.17 -33.91 27.05
N ILE F 77 39.44 -33.93 26.64
CA ILE F 77 39.80 -34.64 25.42
C ILE F 77 40.19 -36.09 25.72
N ASP F 78 40.03 -36.50 26.98
CA ASP F 78 40.45 -37.83 27.43
C ASP F 78 39.43 -38.43 28.39
N TYR F 79 38.15 -38.11 28.21
CA TYR F 79 37.19 -38.24 29.30
C TYR F 79 36.89 -39.69 29.68
N GLU F 80 37.08 -40.65 28.77
CA GLU F 80 36.76 -42.03 29.11
C GLU F 80 37.60 -42.52 30.29
N SER F 81 38.84 -42.04 30.38
CA SER F 81 39.70 -42.36 31.51
C SER F 81 39.27 -41.70 32.82
N ILE F 82 38.16 -40.96 32.83
CA ILE F 82 37.71 -40.21 34.00
C ILE F 82 36.36 -40.74 34.46
N MET F 83 35.53 -41.17 33.51
CA MET F 83 34.25 -41.77 33.82
C MET F 83 34.39 -42.98 34.75
N LYS G 4 63.80 -6.40 27.04
CA LYS G 4 63.04 -5.22 26.62
C LYS G 4 61.62 -5.63 26.19
N ILE G 5 61.46 -6.89 25.84
CA ILE G 5 60.20 -7.41 25.31
C ILE G 5 59.48 -8.12 26.45
N GLU G 6 58.58 -7.40 27.09
CA GLU G 6 57.74 -7.96 28.14
C GLU G 6 56.30 -7.73 27.75
N ASN G 7 55.55 -8.80 27.56
CA ASN G 7 54.14 -8.65 27.26
C ASN G 7 53.34 -9.69 28.03
N PRO G 8 52.07 -9.40 28.30
CA PRO G 8 51.23 -10.34 29.06
C PRO G 8 51.26 -11.76 28.55
N LEU G 9 51.10 -11.97 27.24
CA LEU G 9 50.96 -13.33 26.73
C LEU G 9 52.26 -14.12 26.82
N LYS G 10 53.41 -13.42 26.71
CA LYS G 10 54.70 -14.06 26.95
C LYS G 10 54.79 -14.60 28.37
N SER G 11 54.16 -13.92 29.34
CA SER G 11 54.20 -14.43 30.71
C SER G 11 53.40 -15.72 30.85
N LEU G 12 52.38 -15.91 30.02
CA LEU G 12 51.70 -17.20 29.99
C LEU G 12 52.65 -18.32 29.64
N LYS G 13 53.66 -18.04 28.80
CA LYS G 13 54.63 -19.07 28.43
C LYS G 13 55.54 -19.46 29.60
N THR G 14 55.75 -18.55 30.55
CA THR G 14 56.58 -18.90 31.71
C THR G 14 55.91 -19.94 32.60
N ALA G 15 54.58 -20.03 32.57
CA ALA G 15 53.85 -20.98 33.40
C ALA G 15 53.79 -22.38 32.80
N LEU G 16 54.42 -22.62 31.67
CA LEU G 16 54.41 -23.96 31.07
C LEU G 16 54.93 -25.00 32.05
N ASN G 17 54.22 -26.14 32.12
CA ASN G 17 54.48 -27.26 33.01
C ASN G 17 54.27 -26.94 34.48
N LYS G 18 53.68 -25.80 34.81
CA LYS G 18 53.36 -25.45 36.19
C LYS G 18 51.86 -25.48 36.42
N ILE G 19 51.49 -25.72 37.68
CA ILE G 19 50.08 -25.72 38.05
C ILE G 19 49.55 -24.29 37.99
N VAL G 20 48.39 -24.12 37.35
CA VAL G 20 47.77 -22.80 37.25
C VAL G 20 46.33 -22.91 37.71
N LEU G 21 45.74 -21.76 38.03
CA LEU G 21 44.32 -21.62 38.28
C LEU G 21 43.73 -20.75 37.19
N VAL G 22 42.71 -21.27 36.49
CA VAL G 22 42.01 -20.59 35.42
C VAL G 22 40.59 -20.31 35.90
N LYS G 23 40.21 -19.04 35.93
CA LYS G 23 38.83 -18.70 36.24
C LYS G 23 38.11 -18.32 34.95
N LEU G 24 36.95 -18.92 34.72
CA LEU G 24 36.17 -18.68 33.51
C LEU G 24 35.05 -17.69 33.78
N LYS G 25 34.41 -17.27 32.69
CA LYS G 25 33.48 -16.16 32.73
C LYS G 25 32.34 -16.40 33.70
N ASN G 26 31.86 -17.64 33.80
CA ASN G 26 30.80 -18.03 34.73
C ASN G 26 31.28 -18.13 36.17
N GLY G 27 32.52 -17.74 36.46
CA GLY G 27 33.03 -17.74 37.83
C GLY G 27 33.66 -19.04 38.29
N GLU G 28 33.56 -20.11 37.50
CA GLU G 28 34.14 -21.38 37.90
C GLU G 28 35.65 -21.36 37.77
N GLU G 29 36.31 -22.07 38.70
CA GLU G 29 37.77 -22.13 38.78
C GLU G 29 38.25 -23.54 38.49
N TYR G 30 39.26 -23.63 37.63
CA TYR G 30 39.86 -24.88 37.16
C TYR G 30 41.34 -24.88 37.48
N VAL G 31 41.80 -25.92 38.16
CA VAL G 31 43.19 -26.04 38.56
C VAL G 31 43.80 -27.24 37.85
N GLY G 32 45.00 -27.07 37.31
CA GLY G 32 45.69 -28.15 36.62
C GLY G 32 47.03 -27.67 36.09
N ARG G 33 47.79 -28.60 35.55
CA ARG G 33 49.13 -28.28 35.05
C ARG G 33 49.01 -27.79 33.61
N LEU G 34 49.52 -26.59 33.36
CA LEU G 34 49.48 -26.02 32.03
C LEU G 34 50.43 -26.77 31.10
N GLU G 35 49.88 -27.39 30.06
CA GLU G 35 50.73 -28.11 29.12
C GLU G 35 50.95 -27.36 27.82
N GLN G 36 49.98 -26.54 27.39
CA GLN G 36 50.07 -25.85 26.11
C GLN G 36 49.22 -24.59 26.18
N SER G 37 49.62 -23.58 25.41
CA SER G 37 48.83 -22.38 25.22
C SER G 37 49.14 -21.82 23.84
N ASP G 38 48.24 -20.97 23.35
CA ASP G 38 48.54 -20.27 22.11
C ASP G 38 48.21 -18.78 22.24
N GLY G 39 48.31 -18.04 21.13
CA GLY G 39 48.14 -16.60 21.15
C GLY G 39 46.75 -16.13 21.53
N THR G 40 45.72 -16.93 21.25
CA THR G 40 44.36 -16.59 21.65
C THR G 40 44.05 -17.01 23.08
N MET G 41 45.04 -17.55 23.80
CA MET G 41 44.92 -18.03 25.17
C MET G 41 44.11 -19.33 25.29
N ASN G 42 43.92 -20.08 24.20
CA ASN G 42 43.49 -21.46 24.36
C ASN G 42 44.54 -22.18 25.19
N LEU G 43 44.09 -23.07 26.08
CA LEU G 43 45.01 -23.80 26.95
C LEU G 43 44.71 -25.30 26.95
N VAL G 44 45.73 -26.10 27.22
CA VAL G 44 45.56 -27.50 27.57
C VAL G 44 46.09 -27.65 28.99
N LEU G 45 45.22 -28.06 29.90
CA LEU G 45 45.58 -28.37 31.28
C LEU G 45 45.54 -29.88 31.44
N LYS G 46 46.49 -30.40 32.20
CA LYS G 46 46.54 -31.81 32.54
C LYS G 46 45.99 -31.94 33.96
N ASP G 47 45.26 -33.02 34.21
CA ASP G 47 44.77 -33.34 35.54
C ASP G 47 43.96 -32.19 36.14
N CYS G 48 42.93 -31.80 35.41
CA CYS G 48 42.17 -30.61 35.74
C CYS G 48 41.04 -30.93 36.72
N THR G 49 41.02 -30.22 37.85
CA THR G 49 39.91 -30.27 38.81
C THR G 49 39.24 -28.90 38.90
N GLU G 50 37.91 -28.89 38.86
CA GLU G 50 37.14 -27.68 39.11
C GLU G 50 36.91 -27.53 40.61
N TYR G 51 37.09 -26.30 41.11
CA TYR G 51 36.85 -25.96 42.50
C TYR G 51 35.71 -24.94 42.56
N ARG G 52 34.88 -25.06 43.58
CA ARG G 52 33.86 -24.04 43.82
C ARG G 52 34.55 -22.69 44.05
N GLU G 53 33.97 -21.65 43.45
CA GLU G 53 34.63 -20.36 43.32
C GLU G 53 35.15 -19.83 44.66
N GLY G 54 36.43 -19.49 44.69
CA GLY G 54 37.06 -18.94 45.87
C GLY G 54 37.27 -19.88 47.03
N THR G 55 37.10 -21.19 46.83
CA THR G 55 37.31 -22.17 47.91
C THR G 55 38.30 -23.26 47.49
N SER G 56 38.46 -24.29 48.33
CA SER G 56 39.25 -25.47 47.98
C SER G 56 38.41 -26.74 47.96
N ASP G 57 37.08 -26.61 47.85
CA ASP G 57 36.14 -27.70 47.68
C ASP G 57 36.11 -28.17 46.23
N PRO G 58 36.68 -29.33 45.91
CA PRO G 58 36.60 -29.83 44.52
C PRO G 58 35.19 -30.24 44.17
N VAL G 59 34.72 -29.82 42.99
CA VAL G 59 33.38 -30.15 42.54
C VAL G 59 33.38 -31.22 41.45
N ALA G 60 34.42 -31.32 40.63
CA ALA G 60 34.41 -32.30 39.56
C ALA G 60 35.82 -32.41 38.99
N LYS G 61 36.13 -33.59 38.44
CA LYS G 61 37.39 -33.83 37.76
C LYS G 61 37.12 -33.93 36.28
N TYR G 62 38.03 -33.40 35.48
CA TYR G 62 37.86 -33.44 34.06
C TYR G 62 39.06 -33.96 33.29
N GLY G 63 40.18 -34.23 33.96
CA GLY G 63 41.32 -34.81 33.29
C GLY G 63 42.03 -33.80 32.41
N ARG G 64 42.31 -34.18 31.17
CA ARG G 64 43.03 -33.34 30.24
C ARG G 64 42.00 -32.52 29.45
N VAL G 65 42.05 -31.20 29.60
CA VAL G 65 41.03 -30.31 29.06
C VAL G 65 41.66 -29.28 28.13
N LEU G 66 40.98 -29.04 27.02
CA LEU G 66 41.22 -27.92 26.13
C LEU G 66 40.26 -26.79 26.53
N ILE G 67 40.82 -25.68 26.99
CA ILE G 67 40.03 -24.53 27.43
C ILE G 67 40.09 -23.46 26.34
N ARG G 68 38.91 -22.95 25.97
CA ARG G 68 38.80 -21.89 24.97
C ARG G 68 39.14 -20.53 25.59
N GLY G 69 40.07 -19.81 24.94
CA GLY G 69 40.56 -18.54 25.49
C GLY G 69 39.50 -17.46 25.70
N SER G 70 38.49 -17.39 24.83
CA SER G 70 37.57 -16.25 24.91
C SER G 70 36.76 -16.21 26.20
N ASN G 71 36.59 -17.33 26.90
CA ASN G 71 35.80 -17.33 28.13
C ASN G 71 36.66 -17.25 29.38
N ILE G 72 37.97 -17.05 29.24
CA ILE G 72 38.83 -16.94 30.41
C ILE G 72 38.75 -15.53 30.98
N LEU G 73 38.57 -15.44 32.29
CA LEU G 73 38.67 -14.16 32.99
C LEU G 73 40.12 -13.89 33.36
N PHE G 74 40.77 -14.86 34.01
CA PHE G 74 42.18 -14.72 34.32
C PHE G 74 42.82 -16.07 34.54
N ILE G 75 44.15 -16.07 34.46
CA ILE G 75 44.98 -17.21 34.80
C ILE G 75 45.93 -16.78 35.91
N SER G 76 45.91 -17.51 37.01
CA SER G 76 46.92 -17.38 38.06
C SER G 76 48.14 -18.15 37.59
N ILE G 77 49.15 -17.44 37.08
CA ILE G 77 50.24 -18.10 36.38
C ILE G 77 51.26 -18.69 37.35
N ASP G 78 51.21 -18.31 38.63
CA ASP G 78 52.11 -18.84 39.66
C ASP G 78 51.33 -19.55 40.77
N TYR G 79 50.22 -20.20 40.44
CA TYR G 79 49.36 -20.76 41.48
C TYR G 79 50.07 -21.84 42.28
N GLU G 80 51.02 -22.52 41.66
CA GLU G 80 51.75 -23.59 42.33
C GLU G 80 52.48 -23.08 43.56
N SER G 81 53.23 -21.98 43.41
CA SER G 81 54.00 -21.42 44.51
C SER G 81 53.15 -21.08 45.73
N ILE G 82 51.86 -20.84 45.54
CA ILE G 82 50.97 -20.45 46.62
C ILE G 82 49.93 -21.52 46.94
N MET G 83 49.99 -22.68 46.28
CA MET G 83 49.03 -23.77 46.48
C MET G 83 47.58 -23.34 46.26
N ILE H 5 23.50 38.90 44.32
CA ILE H 5 22.57 40.01 44.08
C ILE H 5 23.22 41.06 43.16
N GLU H 6 23.45 40.64 41.92
CA GLU H 6 23.98 41.52 40.88
C GLU H 6 23.13 41.34 39.63
N ASN H 7 22.78 42.45 39.01
CA ASN H 7 21.97 42.42 37.79
C ASN H 7 22.37 43.63 36.95
N PRO H 8 21.97 43.64 35.67
CA PRO H 8 22.51 44.67 34.76
C PRO H 8 22.37 46.11 35.24
N LEU H 9 21.22 46.48 35.82
CA LEU H 9 21.01 47.89 36.14
C LEU H 9 21.80 48.35 37.35
N LYS H 10 22.00 47.49 38.36
CA LYS H 10 22.90 47.86 39.45
C LYS H 10 24.32 48.07 38.93
N SER H 11 24.74 47.30 37.93
CA SER H 11 26.04 47.53 37.33
C SER H 11 26.16 48.94 36.78
N LEU H 12 25.05 49.51 36.28
CA LEU H 12 25.07 50.92 35.91
C LEU H 12 25.40 51.80 37.09
N LYS H 13 24.94 51.43 38.28
CA LYS H 13 25.20 52.25 39.48
C LYS H 13 26.67 52.24 39.87
N THR H 14 27.38 51.13 39.62
CA THR H 14 28.81 51.07 39.95
C THR H 14 29.64 52.01 39.11
N ALA H 15 29.12 52.46 37.96
CA ALA H 15 29.83 53.37 37.09
C ALA H 15 29.57 54.84 37.44
N LEU H 16 28.86 55.10 38.54
CA LEU H 16 28.70 56.47 39.00
C LEU H 16 30.07 57.13 39.18
N ASN H 17 30.21 58.32 38.62
CA ASN H 17 31.37 59.22 38.72
C ASN H 17 32.53 58.79 37.85
N LYS H 18 32.36 57.73 37.06
CA LYS H 18 33.36 57.31 36.09
C LYS H 18 33.01 57.82 34.70
N ILE H 19 34.04 57.89 33.87
CA ILE H 19 33.84 58.22 32.45
C ILE H 19 33.24 57.00 31.76
N VAL H 20 32.13 57.21 31.04
CA VAL H 20 31.48 56.13 30.33
C VAL H 20 31.32 56.56 28.87
N LEU H 21 31.09 55.57 28.00
CA LEU H 21 30.70 55.82 26.62
C LEU H 21 29.26 55.33 26.43
N VAL H 22 28.43 56.21 25.89
CA VAL H 22 27.04 55.94 25.59
C VAL H 22 26.87 55.98 24.07
N LYS H 23 26.37 54.88 23.51
CA LYS H 23 26.03 54.79 22.09
C LYS H 23 24.51 54.79 21.92
N LEU H 24 24.02 55.66 21.05
CA LEU H 24 22.59 55.79 20.83
C LEU H 24 22.15 54.99 19.60
N LYS H 25 20.82 54.93 19.41
CA LYS H 25 20.25 54.08 18.37
C LYS H 25 20.75 54.47 16.98
N ASN H 26 20.98 55.77 16.74
CA ASN H 26 21.48 56.27 15.46
C ASN H 26 22.99 56.12 15.30
N GLY H 27 23.68 55.44 16.22
CA GLY H 27 25.10 55.18 16.09
C GLY H 27 26.02 56.23 16.68
N GLU H 28 25.51 57.37 17.10
CA GLU H 28 26.37 58.40 17.69
C GLU H 28 26.86 57.97 19.06
N GLU H 29 28.12 58.28 19.35
CA GLU H 29 28.72 57.95 20.63
C GLU H 29 29.02 59.21 21.43
N TYR H 30 28.74 59.14 22.73
CA TYR H 30 28.90 60.24 23.66
C TYR H 30 29.76 59.75 24.81
N VAL H 31 30.74 60.56 25.19
CA VAL H 31 31.66 60.22 26.27
C VAL H 31 31.62 61.32 27.32
N GLY H 32 31.40 60.94 28.57
CA GLY H 32 31.35 61.89 29.66
C GLY H 32 31.38 61.17 30.98
N ARG H 33 31.34 61.94 32.06
CA ARG H 33 31.35 61.39 33.40
C ARG H 33 29.91 61.13 33.85
N LEU H 34 29.61 59.88 34.21
CA LEU H 34 28.26 59.53 34.64
C LEU H 34 27.98 60.17 36.01
N GLU H 35 26.98 61.04 36.07
CA GLU H 35 26.60 61.70 37.32
C GLU H 35 25.30 61.16 37.92
N GLN H 36 24.31 60.82 37.11
CA GLN H 36 23.03 60.33 37.62
C GLN H 36 22.46 59.33 36.64
N SER H 37 21.71 58.36 37.17
CA SER H 37 20.95 57.43 36.34
C SER H 37 19.68 57.06 37.07
N ASP H 38 18.73 56.48 36.34
CA ASP H 38 17.51 55.97 36.94
C ASP H 38 17.16 54.61 36.33
N GLY H 39 16.08 54.01 36.84
CA GLY H 39 15.73 52.65 36.46
C GLY H 39 15.39 52.50 34.98
N THR H 40 14.95 53.57 34.33
CA THR H 40 14.71 53.55 32.90
C THR H 40 15.97 53.84 32.08
N MET H 41 17.10 54.05 32.74
CA MET H 41 18.40 54.37 32.15
C MET H 41 18.48 55.77 31.58
N ASN H 42 17.63 56.69 32.03
CA ASN H 42 17.92 58.11 31.81
C ASN H 42 19.23 58.45 32.51
N LEU H 43 20.14 59.11 31.79
CA LEU H 43 21.47 59.40 32.31
C LEU H 43 21.70 60.90 32.33
N VAL H 44 22.51 61.35 33.28
CA VAL H 44 23.11 62.66 33.23
C VAL H 44 24.62 62.47 33.16
N LEU H 45 25.23 62.91 32.06
CA LEU H 45 26.68 62.98 31.93
C LEU H 45 27.14 64.43 32.06
N LYS H 46 28.36 64.61 32.56
CA LYS H 46 29.00 65.90 32.64
C LYS H 46 30.24 65.90 31.74
N ASP H 47 30.58 67.07 31.19
CA ASP H 47 31.73 67.22 30.30
C ASP H 47 31.66 66.26 29.12
N CYS H 48 30.52 66.28 28.42
CA CYS H 48 30.20 65.27 27.43
C CYS H 48 30.62 65.71 26.03
N THR H 49 31.41 64.86 25.37
CA THR H 49 31.83 65.06 23.99
C THR H 49 31.22 63.98 23.11
N GLU H 50 30.69 64.39 21.96
CA GLU H 50 30.21 63.45 20.96
C GLU H 50 31.34 63.07 20.01
N TYR H 51 31.49 61.79 19.73
CA TYR H 51 32.50 61.30 18.81
C TYR H 51 31.85 60.58 17.63
N ARG H 52 32.51 60.68 16.48
CA ARG H 52 32.12 59.91 15.30
C ARG H 52 32.19 58.42 15.63
N GLU H 53 31.20 57.67 15.14
CA GLU H 53 31.07 56.27 15.56
C GLU H 53 32.35 55.49 15.25
N GLY H 54 32.82 54.73 16.23
CA GLY H 54 34.00 53.90 16.10
C GLY H 54 35.32 54.65 16.16
N THR H 55 35.30 55.98 16.07
CA THR H 55 36.52 56.77 15.96
C THR H 55 36.78 57.54 17.26
N SER H 56 37.86 58.31 17.23
CA SER H 56 38.21 59.22 18.32
C SER H 56 38.20 60.68 17.87
N ASP H 57 37.60 60.97 16.72
CA ASP H 57 37.48 62.35 16.25
C ASP H 57 36.29 63.01 16.92
N PRO H 58 36.49 64.03 17.75
CA PRO H 58 35.35 64.67 18.42
C PRO H 58 34.54 65.51 17.43
N VAL H 59 33.23 65.50 17.63
CA VAL H 59 32.28 66.12 16.71
C VAL H 59 31.69 67.41 17.28
N ALA H 60 31.36 67.41 18.57
CA ALA H 60 30.78 68.57 19.22
C ALA H 60 30.91 68.37 20.73
N LYS H 61 30.86 69.48 21.46
CA LYS H 61 30.83 69.46 22.91
C LYS H 61 29.44 69.88 23.37
N TYR H 62 28.92 69.20 24.37
CA TYR H 62 27.56 69.46 24.80
C TYR H 62 27.46 69.72 26.29
N GLY H 63 28.56 69.63 27.02
CA GLY H 63 28.53 69.96 28.44
C GLY H 63 27.77 68.90 29.22
N ARG H 64 26.96 69.37 30.17
CA ARG H 64 26.13 68.51 31.00
C ARG H 64 24.87 68.14 30.22
N VAL H 65 24.65 66.84 30.01
CA VAL H 65 23.56 66.38 29.16
C VAL H 65 22.69 65.37 29.91
N LEU H 66 21.38 65.50 29.73
CA LEU H 66 20.42 64.49 30.15
C LEU H 66 20.05 63.67 28.93
N ILE H 67 20.36 62.38 28.97
CA ILE H 67 20.15 61.45 27.86
C ILE H 67 18.98 60.56 28.20
N ARG H 68 18.06 60.38 27.24
CA ARG H 68 16.91 59.52 27.47
C ARG H 68 17.27 58.05 27.27
N GLY H 69 16.88 57.22 28.23
CA GLY H 69 17.27 55.82 28.18
C GLY H 69 16.72 55.07 26.99
N SER H 70 15.52 55.44 26.55
CA SER H 70 14.84 54.64 25.53
C SER H 70 15.60 54.64 24.21
N ASN H 71 16.50 55.60 23.98
CA ASN H 71 17.26 55.64 22.74
C ASN H 71 18.70 55.18 22.92
N ILE H 72 19.02 54.44 23.97
CA ILE H 72 20.40 53.98 24.23
C ILE H 72 20.55 52.57 23.69
N LEU H 73 21.64 52.33 22.95
CA LEU H 73 22.01 50.98 22.53
C LEU H 73 22.82 50.27 23.59
N PHE H 74 23.84 50.95 24.14
CA PHE H 74 24.62 50.37 25.21
C PHE H 74 25.43 51.47 25.88
N ILE H 75 25.94 51.14 27.05
CA ILE H 75 26.80 52.01 27.84
C ILE H 75 28.06 51.22 28.17
N SER H 76 29.21 51.75 27.80
CA SER H 76 30.46 51.18 28.29
C SER H 76 30.67 51.71 29.69
N ILE H 77 30.50 50.84 30.70
CA ILE H 77 30.47 51.29 32.08
C ILE H 77 31.85 51.26 32.72
N ASP H 78 32.89 50.86 31.98
CA ASP H 78 34.27 50.87 32.43
C ASP H 78 35.18 51.52 31.40
N TYR H 79 34.63 52.46 30.62
CA TYR H 79 35.35 53.03 29.49
C TYR H 79 36.64 53.71 29.92
N GLU H 80 36.65 54.27 31.13
CA GLU H 80 37.84 54.86 31.74
C GLU H 80 39.09 54.03 31.51
N SER H 81 39.06 52.79 31.99
CA SER H 81 40.22 51.92 32.06
C SER H 81 40.54 51.20 30.75
N ILE H 82 39.98 51.63 29.62
CA ILE H 82 40.38 51.10 28.32
C ILE H 82 40.54 52.26 27.35
N ILE I 5 9.07 22.53 30.94
CA ILE I 5 9.24 23.77 31.68
C ILE I 5 10.54 24.49 31.29
N GLU I 6 10.65 24.86 30.02
CA GLU I 6 11.71 25.77 29.59
C GLU I 6 11.12 26.81 28.65
N ASN I 7 11.66 28.01 28.76
CA ASN I 7 11.29 29.14 27.92
C ASN I 7 12.57 29.72 27.34
N PRO I 8 12.46 30.53 26.28
CA PRO I 8 13.68 31.08 25.67
C PRO I 8 14.55 31.88 26.61
N LEU I 9 13.96 32.59 27.59
CA LEU I 9 14.75 33.42 28.49
C LEU I 9 15.65 32.57 29.39
N LYS I 10 15.16 31.42 29.86
CA LYS I 10 15.98 30.50 30.64
C LYS I 10 17.20 30.04 29.84
N SER I 11 17.05 29.87 28.54
CA SER I 11 18.19 29.49 27.71
C SER I 11 19.29 30.53 27.77
N LEU I 12 18.94 31.80 28.00
CA LEU I 12 19.96 32.83 28.13
C LEU I 12 20.76 32.69 29.42
N LYS I 13 20.14 32.16 30.48
CA LYS I 13 20.87 31.92 31.72
C LYS I 13 21.93 30.85 31.54
N THR I 14 21.76 29.96 30.57
CA THR I 14 22.75 28.91 30.35
C THR I 14 24.02 29.44 29.72
N ALA I 15 23.97 30.61 29.07
CA ALA I 15 25.16 31.19 28.46
C ALA I 15 25.97 32.04 29.43
N LEU I 16 25.62 32.05 30.71
CA LEU I 16 26.36 32.83 31.68
C LEU I 16 27.82 32.42 31.70
N ASN I 17 28.71 33.42 31.67
CA ASN I 17 30.17 33.27 31.63
C ASN I 17 30.68 32.63 30.35
N LYS I 18 29.82 32.38 29.37
CA LYS I 18 30.29 32.00 28.05
C LYS I 18 30.35 33.22 27.14
N ILE I 19 31.11 33.07 26.05
CA ILE I 19 31.18 34.10 25.02
C ILE I 19 29.91 34.04 24.19
N VAL I 20 29.32 35.22 23.91
CA VAL I 20 28.11 35.29 23.08
C VAL I 20 28.31 36.34 22.00
N LEU I 21 27.59 36.17 20.90
CA LEU I 21 27.40 37.20 19.90
C LEU I 21 26.02 37.82 20.06
N VAL I 22 25.98 39.14 20.19
CA VAL I 22 24.74 39.93 20.25
C VAL I 22 24.65 40.80 19.00
N LYS I 23 23.57 40.65 18.24
CA LYS I 23 23.30 41.51 17.10
C LYS I 23 22.19 42.50 17.46
N LEU I 24 22.46 43.79 17.24
CA LEU I 24 21.51 44.85 17.59
C LEU I 24 20.71 45.28 16.36
N LYS I 25 19.72 46.14 16.60
CA LYS I 25 18.72 46.47 15.59
C LYS I 25 19.34 47.10 14.36
N ASN I 26 20.42 47.84 14.52
CA ASN I 26 21.11 48.49 13.42
C ASN I 26 22.11 47.56 12.73
N GLY I 27 22.14 46.29 13.11
CA GLY I 27 22.97 45.32 12.42
C GLY I 27 24.36 45.12 13.00
N GLU I 28 24.80 45.94 13.95
CA GLU I 28 26.12 45.74 14.53
C GLU I 28 26.15 44.49 15.41
N GLU I 29 27.27 43.80 15.39
CA GLU I 29 27.47 42.59 16.16
C GLU I 29 28.51 42.84 17.23
N TYR I 30 28.20 42.43 18.46
CA TYR I 30 29.07 42.60 19.62
C TYR I 30 29.33 41.24 20.23
N VAL I 31 30.60 40.95 20.46
CA VAL I 31 31.01 39.67 21.03
C VAL I 31 31.73 39.96 22.34
N GLY I 32 31.38 39.21 23.39
CA GLY I 32 31.94 39.38 24.71
C GLY I 32 31.44 38.26 25.59
N ARG I 33 31.97 38.20 26.81
CA ARG I 33 31.57 37.16 27.76
C ARG I 33 30.36 37.64 28.55
N LEU I 34 29.31 36.83 28.54
CA LEU I 34 28.06 37.19 29.21
C LEU I 34 28.24 37.13 30.72
N GLU I 35 28.07 38.27 31.38
CA GLU I 35 28.24 38.34 32.84
C GLU I 35 26.93 38.38 33.59
N GLN I 36 25.95 39.12 33.08
CA GLN I 36 24.66 39.28 33.74
C GLN I 36 23.59 39.45 32.68
N SER I 37 22.37 39.04 33.03
CA SER I 37 21.21 39.27 32.18
C SER I 37 19.99 39.39 33.09
N ASP I 38 18.93 40.01 32.56
CA ASP I 38 17.68 40.06 33.31
C ASP I 38 16.53 39.62 32.41
N GLY I 39 15.31 39.71 32.97
CA GLY I 39 14.12 39.32 32.21
C GLY I 39 13.91 40.14 30.95
N THR I 40 14.29 41.42 30.98
CA THR I 40 14.19 42.33 29.84
C THR I 40 15.17 41.97 28.72
N MET I 41 16.12 41.08 28.98
CA MET I 41 17.27 40.81 28.12
C MET I 41 18.26 41.96 28.08
N ASN I 42 18.22 42.86 29.07
CA ASN I 42 19.39 43.67 29.36
C ASN I 42 20.55 42.73 29.67
N LEU I 43 21.72 43.04 29.10
CA LEU I 43 22.90 42.20 29.26
C LEU I 43 24.07 43.04 29.73
N VAL I 44 25.02 42.39 30.40
CA VAL I 44 26.34 42.95 30.66
C VAL I 44 27.37 41.96 30.11
N LEU I 45 28.24 42.45 29.23
CA LEU I 45 29.33 41.69 28.65
C LEU I 45 30.67 42.31 29.03
N LYS I 46 31.64 41.46 29.37
CA LYS I 46 33.02 41.90 29.55
C LYS I 46 33.83 41.63 28.28
N ASP I 47 34.86 42.44 28.06
CA ASP I 47 35.76 42.31 26.91
C ASP I 47 34.95 42.31 25.61
N CYS I 48 34.23 43.40 25.39
CA CYS I 48 33.31 43.47 24.26
C CYS I 48 34.02 44.03 23.03
N THR I 49 33.95 43.30 21.93
CA THR I 49 34.42 43.75 20.64
C THR I 49 33.24 43.87 19.69
N GLU I 50 33.15 45.00 19.00
CA GLU I 50 32.20 45.15 17.90
C GLU I 50 32.84 44.65 16.61
N TYR I 51 32.05 43.90 15.83
CA TYR I 51 32.42 43.45 14.51
C TYR I 51 31.40 43.96 13.52
N ARG I 52 31.86 44.41 12.36
CA ARG I 52 30.89 44.82 11.35
C ARG I 52 30.20 43.57 10.80
N GLU I 53 28.94 43.77 10.42
CA GLU I 53 27.97 42.67 10.35
C GLU I 53 28.47 41.50 9.53
N GLY I 54 28.34 40.30 10.10
CA GLY I 54 28.62 39.05 9.42
C GLY I 54 30.07 38.73 9.15
N THR I 55 31.01 39.51 9.67
CA THR I 55 32.39 39.37 9.25
C THR I 55 33.30 39.11 10.43
N SER I 56 34.60 39.19 10.14
CA SER I 56 35.66 38.81 11.05
C SER I 56 36.41 39.98 11.63
N ASP I 57 36.33 41.16 11.01
CA ASP I 57 37.23 42.25 11.33
C ASP I 57 36.65 43.09 12.45
N PRO I 58 37.39 43.30 13.54
CA PRO I 58 36.88 44.14 14.62
C PRO I 58 36.87 45.61 14.22
N VAL I 59 35.82 46.31 14.66
CA VAL I 59 35.70 47.73 14.39
C VAL I 59 35.96 48.57 15.64
N ALA I 60 35.77 48.04 16.84
CA ALA I 60 36.05 48.78 18.05
C ALA I 60 36.03 47.82 19.24
N LYS I 61 36.69 48.25 20.31
CA LYS I 61 36.62 47.57 21.61
C LYS I 61 35.95 48.50 22.59
N TYR I 62 35.02 47.97 23.39
CA TYR I 62 34.27 48.80 24.31
C TYR I 62 34.36 48.36 25.76
N GLY I 63 35.14 47.33 26.08
CA GLY I 63 35.31 46.95 27.47
C GLY I 63 34.08 46.26 28.02
N ARG I 64 33.65 46.65 29.21
CA ARG I 64 32.47 46.08 29.82
C ARG I 64 31.26 46.97 29.48
N VAL I 65 30.23 46.37 28.90
CA VAL I 65 29.10 47.12 28.35
C VAL I 65 27.80 46.59 28.93
N LEU I 66 26.91 47.51 29.26
CA LEU I 66 25.52 47.18 29.54
C LEU I 66 24.74 47.45 28.25
N ILE I 67 24.24 46.39 27.63
CA ILE I 67 23.44 46.48 26.41
C ILE I 67 21.97 46.46 26.80
N ARG I 68 21.19 47.35 26.19
CA ARG I 68 19.76 47.43 26.46
C ARG I 68 18.99 46.36 25.68
N GLY I 69 18.13 45.61 26.38
CA GLY I 69 17.46 44.46 25.75
C GLY I 69 16.57 44.84 24.58
N SER I 70 15.86 45.95 24.66
CA SER I 70 14.87 46.26 23.62
C SER I 70 15.50 46.45 22.24
N ASN I 71 16.80 46.71 22.14
CA ASN I 71 17.43 46.92 20.85
C ASN I 71 18.14 45.68 20.31
N ILE I 72 17.97 44.52 20.94
CA ILE I 72 18.62 43.32 20.46
C ILE I 72 17.76 42.65 19.40
N LEU I 73 18.41 42.21 18.32
CA LEU I 73 17.76 41.30 17.37
C LEU I 73 17.87 39.86 17.85
N PHE I 74 19.08 39.40 18.13
CA PHE I 74 19.26 38.05 18.65
C PHE I 74 20.58 37.97 19.40
N ILE I 75 20.73 36.87 20.15
CA ILE I 75 21.94 36.53 20.90
C ILE I 75 22.31 35.11 20.53
N SER I 76 23.54 34.92 20.03
CA SER I 76 24.06 33.57 19.79
C SER I 76 24.57 33.03 21.12
N ILE I 77 23.81 32.13 21.75
CA ILE I 77 24.11 31.72 23.12
C ILE I 77 25.13 30.59 23.17
N ASP I 78 25.50 30.00 22.02
CA ASP I 78 26.53 28.98 21.95
C ASP I 78 27.70 29.44 21.09
N TYR I 79 27.90 30.75 20.96
CA TYR I 79 28.88 31.26 20.00
C TYR I 79 30.29 30.80 20.34
N GLU I 80 30.58 30.56 21.62
CA GLU I 80 31.92 30.19 22.04
C GLU I 80 32.44 28.99 21.25
N SER I 81 31.57 28.02 20.97
CA SER I 81 31.98 26.76 20.35
C SER I 81 31.77 26.74 18.83
N ILE I 82 31.56 27.89 18.19
CA ILE I 82 31.46 27.96 16.75
C ILE I 82 32.37 29.07 16.22
N MET I 83 33.35 29.48 17.02
CA MET I 83 34.28 30.53 16.63
C MET I 83 35.73 30.08 16.80
N ILE J 5 -9.90 24.79 19.42
CA ILE J 5 -9.38 26.14 19.69
C ILE J 5 -8.09 26.43 18.92
N GLU J 6 -8.12 27.48 18.11
CA GLU J 6 -7.00 27.83 17.25
C GLU J 6 -6.83 29.35 17.25
N ASN J 7 -5.58 29.78 17.37
CA ASN J 7 -5.22 31.20 17.29
C ASN J 7 -3.81 31.29 16.78
N PRO J 8 -3.38 32.46 16.29
CA PRO J 8 -2.05 32.55 15.65
C PRO J 8 -0.89 32.08 16.52
N LEU J 9 -0.89 32.41 17.81
CA LEU J 9 0.24 32.04 18.65
C LEU J 9 0.27 30.54 18.95
N LYS J 10 -0.87 29.87 18.96
CA LYS J 10 -0.88 28.42 19.07
C LYS J 10 -0.30 27.76 17.81
N SER J 11 -0.55 28.35 16.63
CA SER J 11 0.03 27.81 15.41
C SER J 11 1.55 27.82 15.47
N LEU J 12 2.13 28.78 16.20
CA LEU J 12 3.57 28.81 16.37
C LEU J 12 4.07 27.55 17.06
N LYS J 13 3.31 27.04 18.03
CA LYS J 13 3.71 25.83 18.76
C LYS J 13 3.81 24.62 17.85
N THR J 14 2.95 24.54 16.82
CA THR J 14 3.02 23.43 15.90
C THR J 14 4.29 23.41 15.07
N ALA J 15 5.13 24.44 15.15
CA ALA J 15 6.41 24.43 14.45
C ALA J 15 7.56 23.93 15.31
N LEU J 16 7.31 23.59 16.57
CA LEU J 16 8.40 23.14 17.43
C LEU J 16 9.07 21.92 16.82
N ASN J 17 10.40 21.89 16.90
CA ASN J 17 11.28 20.86 16.34
C ASN J 17 11.27 20.80 14.82
N LYS J 18 10.64 21.77 14.15
CA LYS J 18 10.70 21.86 12.70
C LYS J 18 11.49 23.09 12.27
N ILE J 19 11.95 23.06 11.03
CA ILE J 19 12.70 24.17 10.45
C ILE J 19 11.74 25.33 10.18
N VAL J 20 12.12 26.53 10.62
CA VAL J 20 11.34 27.72 10.33
C VAL J 20 12.25 28.77 9.68
N LEU J 21 11.62 29.68 8.95
CA LEU J 21 12.27 30.91 8.51
C LEU J 21 11.68 32.07 9.29
N VAL J 22 12.57 32.89 9.89
CA VAL J 22 12.19 34.09 10.63
C VAL J 22 12.73 35.31 9.87
N LYS J 23 11.86 36.25 9.54
CA LYS J 23 12.30 37.51 8.94
C LYS J 23 12.19 38.63 9.98
N LEU J 24 13.28 39.35 10.19
CA LEU J 24 13.28 40.43 11.16
C LEU J 24 12.92 41.76 10.49
N LYS J 25 12.78 42.81 11.32
CA LYS J 25 12.30 44.11 10.83
C LYS J 25 13.24 44.72 9.78
N ASN J 26 14.52 44.38 9.82
CA ASN J 26 15.50 44.89 8.88
C ASN J 26 15.57 44.07 7.59
N GLY J 27 14.70 43.08 7.42
CA GLY J 27 14.66 42.29 6.22
C GLY J 27 15.47 41.01 6.25
N GLU J 28 16.37 40.87 7.23
CA GLU J 28 17.18 39.67 7.33
C GLU J 28 16.35 38.42 7.64
N GLU J 29 16.73 37.29 7.04
CA GLU J 29 16.04 36.02 7.20
C GLU J 29 16.96 35.02 7.87
N TYR J 30 16.42 34.31 8.86
CA TYR J 30 17.16 33.35 9.66
C TYR J 30 16.41 32.03 9.59
N VAL J 31 17.11 30.97 9.18
CA VAL J 31 16.51 29.65 8.98
C VAL J 31 17.13 28.72 9.99
N GLY J 32 16.27 28.06 10.80
CA GLY J 32 16.75 27.13 11.81
C GLY J 32 15.63 26.31 12.40
N ARG J 33 16.01 25.32 13.20
CA ARG J 33 15.05 24.40 13.81
C ARG J 33 14.51 25.02 15.09
N LEU J 34 13.19 25.20 15.15
CA LEU J 34 12.58 25.84 16.30
C LEU J 34 12.63 24.91 17.51
N GLU J 35 13.27 25.36 18.60
CA GLU J 35 13.42 24.60 19.84
C GLU J 35 12.52 25.09 20.96
N GLN J 36 12.33 26.41 21.08
CA GLN J 36 11.48 26.96 22.11
C GLN J 36 10.82 28.23 21.58
N SER J 37 9.67 28.57 22.16
CA SER J 37 9.02 29.83 21.90
C SER J 37 8.19 30.17 23.13
N ASP J 38 7.88 31.46 23.30
CA ASP J 38 6.98 31.89 24.35
C ASP J 38 5.91 32.81 23.77
N GLY J 39 5.00 33.27 24.63
CA GLY J 39 3.87 34.05 24.17
C GLY J 39 4.25 35.36 23.50
N THR J 40 5.40 35.92 23.85
CA THR J 40 5.88 37.15 23.22
C THR J 40 6.58 36.90 21.90
N MET J 41 6.69 35.64 21.48
CA MET J 41 7.33 35.20 20.23
C MET J 41 8.85 35.31 20.29
N ASN J 42 9.43 35.39 21.48
CA ASN J 42 10.84 35.06 21.61
C ASN J 42 11.05 33.61 21.19
N LEU J 43 12.09 33.36 20.42
CA LEU J 43 12.37 32.05 19.86
C LEU J 43 13.78 31.62 20.22
N VAL J 44 13.97 30.31 20.30
CA VAL J 44 15.30 29.72 20.29
C VAL J 44 15.39 28.85 19.05
N LEU J 45 16.29 29.22 18.13
CA LEU J 45 16.55 28.42 16.96
C LEU J 45 17.86 27.66 17.14
N LYS J 46 17.89 26.45 16.61
CA LYS J 46 19.09 25.63 16.59
C LYS J 46 19.64 25.63 15.17
N ASP J 47 20.96 25.64 15.03
CA ASP J 47 21.59 25.51 13.73
C ASP J 47 21.17 26.65 12.81
N CYS J 48 21.23 27.88 13.33
CA CYS J 48 20.67 29.02 12.62
C CYS J 48 21.61 29.54 11.53
N THR J 49 21.07 29.76 10.33
CA THR J 49 21.79 30.37 9.23
C THR J 49 21.07 31.62 8.77
N GLU J 50 21.82 32.71 8.61
CA GLU J 50 21.30 33.95 8.04
C GLU J 50 21.43 33.94 6.53
N TYR J 51 20.36 34.39 5.86
CA TYR J 51 20.32 34.51 4.41
C TYR J 51 20.02 35.94 4.01
N ARG J 52 20.63 36.36 2.89
CA ARG J 52 20.27 37.62 2.26
C ARG J 52 18.80 37.58 1.85
N GLU J 53 18.10 38.68 2.14
CA GLU J 53 16.64 38.70 2.04
C GLU J 53 16.13 38.21 0.70
N GLY J 54 15.14 37.32 0.74
CA GLY J 54 14.50 36.82 -0.45
C GLY J 54 15.34 35.91 -1.32
N THR J 55 16.57 35.59 -0.91
CA THR J 55 17.49 34.80 -1.72
C THR J 55 17.86 33.52 -0.96
N SER J 56 18.73 32.72 -1.61
CA SER J 56 19.26 31.49 -1.04
C SER J 56 20.73 31.63 -0.63
N ASP J 57 21.29 32.84 -0.72
CA ASP J 57 22.70 33.04 -0.40
C ASP J 57 22.91 33.20 1.11
N PRO J 58 23.54 32.22 1.77
CA PRO J 58 23.81 32.35 3.20
C PRO J 58 24.88 33.41 3.44
N VAL J 59 24.69 34.20 4.48
CA VAL J 59 25.67 35.24 4.81
C VAL J 59 26.38 34.96 6.13
N ALA J 60 25.82 34.12 7.00
CA ALA J 60 26.47 33.88 8.28
C ALA J 60 25.84 32.68 8.97
N LYS J 61 26.63 32.02 9.80
CA LYS J 61 26.18 30.89 10.60
C LYS J 61 26.29 31.30 12.06
N TYR J 62 25.21 31.10 12.83
CA TYR J 62 25.13 31.62 14.19
C TYR J 62 24.89 30.57 15.26
N GLY J 63 24.80 29.29 14.90
CA GLY J 63 24.53 28.25 15.88
C GLY J 63 23.15 28.40 16.51
N ARG J 64 23.10 28.25 17.83
CA ARG J 64 21.85 28.36 18.57
C ARG J 64 21.63 29.82 18.95
N VAL J 65 20.48 30.38 18.56
CA VAL J 65 20.21 31.80 18.76
C VAL J 65 18.93 31.99 19.55
N LEU J 66 18.96 32.98 20.41
CA LEU J 66 17.78 33.49 21.08
C LEU J 66 17.31 34.72 20.30
N ILE J 67 16.17 34.60 19.62
CA ILE J 67 15.61 35.70 18.83
C ILE J 67 14.53 36.42 19.62
N ARG J 68 14.57 37.74 19.58
CA ARG J 68 13.66 38.57 20.36
C ARG J 68 12.38 38.81 19.56
N GLY J 69 11.23 38.51 20.17
CA GLY J 69 9.97 38.54 19.43
C GLY J 69 9.62 39.92 18.89
N SER J 70 9.88 40.97 19.66
CA SER J 70 9.43 42.30 19.26
C SER J 70 10.04 42.77 17.93
N ASN J 71 11.16 42.19 17.49
CA ASN J 71 11.73 42.64 16.23
C ASN J 71 11.50 41.68 15.08
N ILE J 72 10.54 40.73 15.22
CA ILE J 72 10.18 39.78 14.17
C ILE J 72 9.09 40.40 13.28
N LEU J 73 9.21 40.24 11.95
CA LEU J 73 8.11 40.57 11.04
C LEU J 73 7.17 39.39 10.86
N PHE J 74 7.71 38.22 10.47
CA PHE J 74 6.90 37.02 10.39
C PHE J 74 7.78 35.79 10.56
N ILE J 75 7.11 34.69 10.89
CA ILE J 75 7.70 33.37 10.96
C ILE J 75 6.98 32.49 9.97
N SER J 76 7.74 31.85 9.09
CA SER J 76 7.26 30.80 8.20
C SER J 76 7.27 29.49 8.98
N ILE J 77 6.10 29.01 9.41
CA ILE J 77 6.04 27.90 10.36
C ILE J 77 6.04 26.53 9.69
N ASP J 78 5.88 26.46 8.37
CA ASP J 78 5.92 25.20 7.64
C ASP J 78 7.09 25.18 6.64
N TYR J 79 8.15 25.95 6.93
CA TYR J 79 9.21 26.15 5.96
C TYR J 79 9.88 24.84 5.57
N GLU J 80 9.93 23.85 6.48
CA GLU J 80 10.55 22.57 6.15
C GLU J 80 9.88 21.95 4.93
N SER J 81 8.55 21.93 4.92
CA SER J 81 7.78 21.35 3.83
C SER J 81 7.95 22.09 2.51
N ILE J 82 8.56 23.28 2.54
CA ILE J 82 8.66 24.13 1.35
C ILE J 82 10.13 24.21 0.95
N MET J 83 10.96 24.84 1.79
CA MET J 83 12.38 25.04 1.52
C MET J 83 12.64 25.63 0.13
N ILE K 5 -23.70 45.46 15.52
CA ILE K 5 -22.29 45.72 15.78
C ILE K 5 -21.45 45.63 14.50
N GLU K 6 -20.68 46.69 14.22
CA GLU K 6 -19.67 46.69 13.18
C GLU K 6 -18.51 47.59 13.60
N ASN K 7 -17.28 47.09 13.44
CA ASN K 7 -16.07 47.82 13.79
C ASN K 7 -14.92 47.25 12.98
N PRO K 8 -13.79 47.97 12.88
CA PRO K 8 -12.74 47.53 11.94
C PRO K 8 -12.22 46.13 12.17
N LEU K 9 -12.02 45.72 13.42
CA LEU K 9 -11.40 44.41 13.65
C LEU K 9 -12.37 43.25 13.37
N LYS K 10 -13.69 43.47 13.50
CA LYS K 10 -14.61 42.45 13.06
C LYS K 10 -14.56 42.28 11.55
N SER K 11 -14.36 43.39 10.82
CA SER K 11 -14.18 43.29 9.37
C SER K 11 -13.03 42.37 9.02
N LEU K 12 -11.99 42.33 9.85
CA LEU K 12 -10.89 41.42 9.60
C LEU K 12 -11.33 39.98 9.69
N LYS K 13 -12.24 39.66 10.61
CA LYS K 13 -12.68 38.28 10.72
C LYS K 13 -13.62 37.86 9.59
N THR K 14 -14.26 38.81 8.90
CA THR K 14 -15.05 38.45 7.73
C THR K 14 -14.20 38.06 6.53
N ALA K 15 -12.88 38.32 6.56
CA ALA K 15 -11.96 37.86 5.52
C ALA K 15 -11.37 36.48 5.80
N LEU K 16 -11.79 35.81 6.87
CA LEU K 16 -11.28 34.48 7.13
C LEU K 16 -11.52 33.55 5.94
N ASN K 17 -10.47 32.84 5.53
CA ASN K 17 -10.42 31.89 4.40
C ASN K 17 -10.39 32.58 3.04
N LYS K 18 -10.25 33.89 3.00
CA LYS K 18 -10.12 34.60 1.74
C LYS K 18 -8.68 35.00 1.50
N ILE K 19 -8.36 35.23 0.23
CA ILE K 19 -7.09 35.83 -0.13
C ILE K 19 -7.10 37.28 0.33
N VAL K 20 -6.05 37.69 1.04
CA VAL K 20 -5.87 39.06 1.47
C VAL K 20 -4.49 39.51 1.01
N LEU K 21 -4.29 40.81 1.00
CA LEU K 21 -2.96 41.39 0.83
C LEU K 21 -2.60 42.13 2.09
N VAL K 22 -1.40 41.86 2.62
CA VAL K 22 -0.90 42.54 3.81
C VAL K 22 0.34 43.33 3.43
N LYS K 23 0.35 44.62 3.74
CA LYS K 23 1.52 45.47 3.53
C LYS K 23 2.15 45.79 4.89
N LEU K 24 3.45 45.55 5.00
CA LEU K 24 4.19 45.84 6.23
C LEU K 24 4.84 47.23 6.17
N LYS K 25 5.32 47.69 7.34
CA LYS K 25 5.84 49.05 7.44
C LYS K 25 7.00 49.30 6.48
N ASN K 26 7.81 48.27 6.19
CA ASN K 26 8.88 48.36 5.21
C ASN K 26 8.38 48.33 3.76
N GLY K 27 7.08 48.31 3.54
CA GLY K 27 6.53 48.36 2.20
C GLY K 27 6.42 47.04 1.48
N GLU K 28 6.84 45.93 2.10
CA GLU K 28 6.67 44.63 1.46
C GLU K 28 5.22 44.21 1.47
N GLU K 29 4.81 43.52 0.42
CA GLU K 29 3.44 43.05 0.26
C GLU K 29 3.44 41.53 0.27
N TYR K 30 2.54 40.95 1.05
CA TYR K 30 2.40 39.51 1.21
C TYR K 30 0.96 39.14 0.92
N VAL K 31 0.75 38.24 -0.02
CA VAL K 31 -0.58 37.82 -0.45
C VAL K 31 -0.75 36.35 -0.09
N GLY K 32 -1.85 36.04 0.60
CA GLY K 32 -2.12 34.66 0.94
C GLY K 32 -3.51 34.57 1.54
N ARG K 33 -3.88 33.36 1.94
CA ARG K 33 -5.22 33.09 2.43
C ARG K 33 -5.22 33.27 3.95
N LEU K 34 -6.10 34.13 4.44
CA LEU K 34 -6.19 34.39 5.88
C LEU K 34 -6.83 33.20 6.59
N GLU K 35 -6.08 32.57 7.50
CA GLU K 35 -6.55 31.41 8.25
C GLU K 35 -6.95 31.75 9.68
N GLN K 36 -6.25 32.67 10.33
CA GLN K 36 -6.53 33.04 11.71
C GLN K 36 -6.11 34.48 11.89
N SER K 37 -6.71 35.12 12.90
CA SER K 37 -6.31 36.46 13.31
C SER K 37 -6.66 36.60 14.79
N ASP K 38 -6.00 37.54 15.46
CA ASP K 38 -6.39 37.81 16.83
C ASP K 38 -6.61 39.30 17.03
N GLY K 39 -6.83 39.73 18.28
CA GLY K 39 -7.12 41.12 18.55
C GLY K 39 -5.96 42.06 18.24
N THR K 40 -4.73 41.54 18.30
CA THR K 40 -3.50 42.27 17.99
C THR K 40 -3.32 42.50 16.50
N MET K 41 -4.14 41.88 15.66
CA MET K 41 -3.95 41.77 14.21
C MET K 41 -2.75 40.90 13.86
N ASN K 42 -2.28 40.06 14.79
CA ASN K 42 -1.47 38.92 14.38
C ASN K 42 -2.29 38.08 13.40
N LEU K 43 -1.65 37.61 12.33
CA LEU K 43 -2.32 36.83 11.31
C LEU K 43 -1.57 35.52 11.06
N VAL K 44 -2.31 34.52 10.60
CA VAL K 44 -1.73 33.36 9.94
C VAL K 44 -2.24 33.35 8.50
N LEU K 45 -1.32 33.38 7.54
CA LEU K 45 -1.63 33.29 6.13
C LEU K 45 -1.15 31.96 5.60
N LYS K 46 -2.00 31.32 4.80
CA LYS K 46 -1.66 30.10 4.12
C LYS K 46 -1.24 30.42 2.68
N ASP K 47 -0.22 29.71 2.19
CA ASP K 47 0.21 29.81 0.80
C ASP K 47 0.58 31.25 0.44
N CYS K 48 1.52 31.78 1.21
CA CYS K 48 1.86 33.19 1.17
C CYS K 48 2.98 33.46 0.16
N THR K 49 2.77 34.46 -0.69
CA THR K 49 3.77 34.94 -1.63
C THR K 49 4.04 36.42 -1.36
N GLU K 50 5.31 36.78 -1.29
CA GLU K 50 5.71 38.18 -1.19
C GLU K 50 5.89 38.77 -2.58
N TYR K 51 5.40 39.98 -2.77
CA TYR K 51 5.53 40.70 -4.03
C TYR K 51 6.29 41.99 -3.81
N ARG K 52 7.06 42.40 -4.83
CA ARG K 52 7.70 43.70 -4.79
C ARG K 52 6.63 44.77 -4.69
N GLU K 53 6.88 45.76 -3.83
CA GLU K 53 5.88 46.77 -3.49
C GLU K 53 5.18 47.34 -4.73
N GLY K 54 3.85 47.27 -4.71
CA GLY K 54 3.03 47.87 -5.75
C GLY K 54 2.99 47.14 -7.07
N THR K 55 3.63 45.98 -7.20
CA THR K 55 3.69 45.26 -8.46
C THR K 55 3.15 43.85 -8.29
N SER K 56 3.25 43.06 -9.37
CA SER K 56 2.86 41.66 -9.37
C SER K 56 4.05 40.74 -9.62
N ASP K 57 5.26 41.23 -9.41
CA ASP K 57 6.45 40.40 -9.52
C ASP K 57 6.68 39.66 -8.20
N PRO K 58 6.44 38.35 -8.15
CA PRO K 58 6.72 37.60 -6.92
C PRO K 58 8.22 37.59 -6.64
N VAL K 59 8.59 37.90 -5.40
CA VAL K 59 9.98 37.88 -4.99
C VAL K 59 10.35 36.65 -4.16
N ALA K 60 9.40 36.04 -3.45
CA ALA K 60 9.69 34.86 -2.65
C ALA K 60 8.37 34.24 -2.19
N LYS K 61 8.40 32.93 -1.95
CA LYS K 61 7.27 32.20 -1.38
C LYS K 61 7.65 31.75 0.02
N TYR K 62 6.71 31.87 0.95
CA TYR K 62 7.00 31.59 2.34
C TYR K 62 6.06 30.57 2.97
N GLY K 63 5.05 30.08 2.24
CA GLY K 63 4.19 29.01 2.78
C GLY K 63 3.21 29.53 3.80
N ARG K 64 3.12 28.85 4.94
CA ARG K 64 2.26 29.28 6.03
C ARG K 64 3.07 30.20 6.92
N VAL K 65 2.55 31.43 7.15
CA VAL K 65 3.30 32.45 7.88
C VAL K 65 2.45 32.99 9.01
N LEU K 66 3.11 33.25 10.14
CA LEU K 66 2.54 34.03 11.24
C LEU K 66 3.12 35.44 11.15
N ILE K 67 2.26 36.41 10.86
CA ILE K 67 2.65 37.81 10.70
C ILE K 67 2.32 38.58 11.97
N ARG K 68 3.30 39.25 12.54
CA ARG K 68 3.07 40.05 13.75
C ARG K 68 2.27 41.31 13.42
N GLY K 69 1.25 41.56 14.22
CA GLY K 69 0.37 42.69 13.95
C GLY K 69 1.03 44.06 13.99
N SER K 70 2.01 44.26 14.89
CA SER K 70 2.51 45.62 15.09
C SER K 70 3.22 46.19 13.87
N ASN K 71 3.66 45.36 12.91
CA ASN K 71 4.36 45.86 11.74
C ASN K 71 3.48 45.98 10.50
N ILE K 72 2.18 45.77 10.64
CA ILE K 72 1.27 45.83 9.51
C ILE K 72 0.87 47.28 9.26
N LEU K 73 0.94 47.72 8.01
CA LEU K 73 0.37 49.01 7.63
C LEU K 73 -1.12 48.86 7.39
N PHE K 74 -1.49 47.96 6.48
CA PHE K 74 -2.89 47.72 6.20
C PHE K 74 -3.06 46.30 5.66
N ILE K 75 -4.30 45.86 5.65
CA ILE K 75 -4.71 44.59 5.09
C ILE K 75 -5.80 44.87 4.08
N SER K 76 -5.61 44.41 2.85
CA SER K 76 -6.69 44.45 1.87
C SER K 76 -7.59 43.25 2.15
N ILE K 77 -8.75 43.50 2.75
CA ILE K 77 -9.57 42.38 3.22
C ILE K 77 -10.44 41.78 2.14
N ASP K 78 -10.48 42.38 0.95
CA ASP K 78 -11.24 41.88 -0.19
C ASP K 78 -10.36 41.70 -1.42
N TYR K 79 -9.07 41.39 -1.21
CA TYR K 79 -8.12 41.38 -2.31
C TYR K 79 -8.51 40.40 -3.40
N GLU K 80 -9.17 39.31 -3.04
CA GLU K 80 -9.61 38.32 -4.03
C GLU K 80 -10.48 38.97 -5.10
N SER K 81 -11.35 39.89 -4.70
CA SER K 81 -12.26 40.54 -5.65
C SER K 81 -11.55 41.35 -6.73
N ILE K 82 -10.27 41.67 -6.55
CA ILE K 82 -9.58 42.51 -7.53
C ILE K 82 -8.22 41.94 -7.92
N MET K 83 -8.13 40.62 -7.96
CA MET K 83 -6.92 39.99 -8.50
C MET K 83 -7.13 39.67 -9.98
N ILE L 5 -19.43 69.02 23.04
CA ILE L 5 -18.33 68.08 23.19
C ILE L 5 -17.58 67.89 21.87
N GLU L 6 -16.34 68.38 21.84
CA GLU L 6 -15.52 68.33 20.63
C GLU L 6 -14.15 67.82 20.99
N ASN L 7 -13.72 66.74 20.36
CA ASN L 7 -12.37 66.23 20.48
C ASN L 7 -11.94 65.66 19.13
N PRO L 8 -10.62 65.51 18.91
CA PRO L 8 -10.17 65.07 17.58
C PRO L 8 -10.74 63.74 17.14
N LEU L 9 -10.90 62.78 18.06
CA LEU L 9 -11.42 61.48 17.65
C LEU L 9 -12.87 61.58 17.20
N LYS L 10 -13.68 62.37 17.90
CA LYS L 10 -15.07 62.56 17.47
C LYS L 10 -15.15 63.26 16.11
N SER L 11 -14.16 64.11 15.80
CA SER L 11 -14.10 64.69 14.46
C SER L 11 -13.92 63.63 13.39
N LEU L 12 -13.26 62.51 13.74
CA LEU L 12 -13.11 61.41 12.79
C LEU L 12 -14.47 60.82 12.45
N LYS L 13 -15.36 60.72 13.45
CA LYS L 13 -16.68 60.14 13.23
C LYS L 13 -17.50 60.96 12.25
N THR L 14 -17.27 62.27 12.18
CA THR L 14 -17.99 63.09 11.22
C THR L 14 -17.64 62.74 9.79
N ALA L 15 -16.47 62.16 9.55
CA ALA L 15 -16.01 61.86 8.19
C ALA L 15 -16.52 60.52 7.69
N LEU L 16 -17.36 59.84 8.47
CA LEU L 16 -17.90 58.56 8.04
C LEU L 16 -18.67 58.71 6.74
N ASN L 17 -18.51 57.72 5.86
CA ASN L 17 -19.10 57.64 4.53
C ASN L 17 -18.63 58.72 3.59
N LYS L 18 -17.61 59.49 3.96
CA LYS L 18 -16.98 60.47 3.08
C LYS L 18 -15.61 59.98 2.60
N ILE L 19 -15.15 60.57 1.50
CA ILE L 19 -13.82 60.30 0.98
C ILE L 19 -12.80 61.01 1.87
N VAL L 20 -11.73 60.29 2.24
CA VAL L 20 -10.67 60.83 3.09
C VAL L 20 -9.34 60.49 2.46
N LEU L 21 -8.31 61.22 2.89
CA LEU L 21 -6.94 60.93 2.55
C LEU L 21 -6.21 60.53 3.82
N VAL L 22 -5.52 59.40 3.78
CA VAL L 22 -4.72 58.90 4.89
C VAL L 22 -3.28 58.85 4.46
N LYS L 23 -2.40 59.46 5.25
CA LYS L 23 -0.96 59.39 5.00
C LYS L 23 -0.30 58.62 6.12
N LEU L 24 0.50 57.62 5.77
CA LEU L 24 1.14 56.71 6.72
C LEU L 24 2.58 57.15 7.01
N LYS L 25 3.19 56.45 7.97
CA LYS L 25 4.52 56.84 8.45
C LYS L 25 5.57 56.80 7.34
N ASN L 26 5.43 55.88 6.40
CA ASN L 26 6.34 55.80 5.26
C ASN L 26 6.04 56.83 4.18
N GLY L 27 5.13 57.77 4.44
CA GLY L 27 4.85 58.84 3.49
C GLY L 27 3.83 58.52 2.42
N GLU L 28 3.39 57.28 2.31
CA GLU L 28 2.42 56.94 1.27
C GLU L 28 1.04 57.50 1.60
N GLU L 29 0.27 57.77 0.56
CA GLU L 29 -1.05 58.36 0.69
C GLU L 29 -2.11 57.43 0.12
N TYR L 30 -3.16 57.21 0.89
CA TYR L 30 -4.27 56.34 0.53
C TYR L 30 -5.55 57.15 0.60
N VAL L 31 -6.38 57.03 -0.44
CA VAL L 31 -7.64 57.76 -0.51
C VAL L 31 -8.75 56.76 -0.79
N GLY L 32 -9.83 56.84 -0.01
CA GLY L 32 -11.00 55.98 -0.15
C GLY L 32 -12.08 56.49 0.78
N ARG L 33 -13.27 55.89 0.67
CA ARG L 33 -14.39 56.32 1.49
C ARG L 33 -14.32 55.65 2.86
N LEU L 34 -14.40 56.47 3.92
CA LEU L 34 -14.31 55.95 5.28
C LEU L 34 -15.58 55.18 5.64
N GLU L 35 -15.43 53.89 5.98
CA GLU L 35 -16.59 53.07 6.32
C GLU L 35 -16.66 52.71 7.80
N GLN L 36 -15.52 52.58 8.48
CA GLN L 36 -15.47 52.26 9.91
C GLN L 36 -14.22 52.90 10.50
N SER L 37 -14.27 53.15 11.80
CA SER L 37 -13.14 53.66 12.56
C SER L 37 -13.36 53.31 14.01
N ASP L 38 -12.26 53.17 14.77
CA ASP L 38 -12.43 52.94 16.21
C ASP L 38 -11.52 53.88 17.00
N GLY L 39 -11.44 53.64 18.32
CA GLY L 39 -10.73 54.55 19.21
C GLY L 39 -9.25 54.62 18.96
N THR L 40 -8.66 53.56 18.40
CA THR L 40 -7.24 53.52 18.09
C THR L 40 -6.93 54.16 16.74
N MET L 41 -7.94 54.70 16.05
CA MET L 41 -7.83 55.23 14.70
C MET L 41 -7.57 54.13 13.66
N ASN L 42 -7.85 52.86 13.99
CA ASN L 42 -7.97 51.87 12.94
C ASN L 42 -9.11 52.29 12.03
N LEU L 43 -8.91 52.14 10.72
CA LEU L 43 -9.95 52.51 9.77
C LEU L 43 -10.22 51.39 8.79
N VAL L 44 -11.45 51.37 8.28
CA VAL L 44 -11.77 50.63 7.07
C VAL L 44 -12.13 51.65 5.99
N LEU L 45 -11.43 51.58 4.86
CA LEU L 45 -11.73 52.38 3.67
C LEU L 45 -12.25 51.50 2.54
N LYS L 46 -13.28 51.97 1.86
CA LYS L 46 -13.80 51.34 0.67
C LYS L 46 -13.16 51.97 -0.56
N ASP L 47 -12.85 51.14 -1.57
CA ASP L 47 -12.34 51.61 -2.87
C ASP L 47 -11.07 52.45 -2.71
N CYS L 48 -10.06 51.84 -2.13
CA CYS L 48 -8.85 52.56 -1.73
C CYS L 48 -7.83 52.61 -2.86
N THR L 49 -7.29 53.79 -3.12
CA THR L 49 -6.24 54.00 -4.09
C THR L 49 -5.03 54.63 -3.42
N GLU L 50 -3.85 54.06 -3.65
CA GLU L 50 -2.62 54.65 -3.15
C GLU L 50 -2.04 55.63 -4.18
N TYR L 51 -1.54 56.75 -3.67
CA TYR L 51 -0.97 57.78 -4.53
C TYR L 51 0.47 58.04 -4.13
N ARG L 52 1.29 58.40 -5.12
CA ARG L 52 2.65 58.85 -4.82
C ARG L 52 2.57 60.05 -3.89
N GLU L 53 3.51 60.12 -2.96
CA GLU L 53 3.50 61.15 -1.92
C GLU L 53 3.48 62.54 -2.54
N GLY L 54 2.51 63.35 -2.12
CA GLY L 54 2.41 64.73 -2.57
C GLY L 54 1.92 64.92 -3.99
N THR L 55 1.54 63.86 -4.68
CA THR L 55 1.15 63.94 -6.07
C THR L 55 -0.26 63.41 -6.26
N SER L 56 -0.67 63.29 -7.52
CA SER L 56 -2.00 62.80 -7.88
C SER L 56 -1.98 61.58 -8.79
N ASP L 57 -0.79 60.97 -9.03
CA ASP L 57 -0.81 59.80 -9.91
C ASP L 57 -0.97 58.52 -9.09
N PRO L 58 -1.94 57.67 -9.44
CA PRO L 58 -2.17 56.45 -8.65
C PRO L 58 -1.07 55.44 -8.90
N VAL L 59 -0.70 54.73 -7.84
CA VAL L 59 0.32 53.68 -7.96
C VAL L 59 -0.25 52.29 -7.71
N ALA L 60 -1.35 52.16 -6.99
CA ALA L 60 -1.96 50.85 -6.77
C ALA L 60 -3.39 51.03 -6.29
N LYS L 61 -4.23 50.05 -6.62
CA LYS L 61 -5.59 49.95 -6.10
C LYS L 61 -5.64 48.78 -5.12
N TYR L 62 -6.27 48.99 -3.97
CA TYR L 62 -6.30 47.96 -2.96
C TYR L 62 -7.70 47.58 -2.49
N GLY L 63 -8.75 48.22 -3.02
CA GLY L 63 -10.10 47.85 -2.64
C GLY L 63 -10.43 48.24 -1.20
N ARG L 64 -11.08 47.34 -0.48
CA ARG L 64 -11.45 47.59 0.90
C ARG L 64 -10.26 47.24 1.79
N VAL L 65 -9.77 48.22 2.54
CA VAL L 65 -8.56 48.03 3.34
C VAL L 65 -8.87 48.31 4.80
N LEU L 66 -8.19 47.56 5.68
CA LEU L 66 -8.14 47.81 7.11
C LEU L 66 -6.78 48.43 7.39
N ILE L 67 -6.77 49.68 7.85
CA ILE L 67 -5.54 50.42 8.10
C ILE L 67 -5.30 50.49 9.60
N ARG L 68 -4.09 50.16 10.03
CA ARG L 68 -3.73 50.18 11.44
C ARG L 68 -3.48 51.60 11.92
N GLY L 69 -4.21 52.01 12.97
CA GLY L 69 -4.13 53.39 13.43
C GLY L 69 -2.74 53.81 13.85
N SER L 70 -2.00 52.89 14.48
CA SER L 70 -0.70 53.28 15.04
C SER L 70 0.30 53.70 13.97
N ASN L 71 0.05 53.40 12.69
CA ASN L 71 0.98 53.77 11.64
C ASN L 71 0.54 54.99 10.84
N ILE L 72 -0.51 55.69 11.27
CA ILE L 72 -1.07 56.79 10.51
C ILE L 72 -0.38 58.08 10.91
N LEU L 73 0.02 58.89 9.92
CA LEU L 73 0.48 60.24 10.22
C LEU L 73 -0.71 61.19 10.41
N PHE L 74 -1.52 61.36 9.37
CA PHE L 74 -2.71 62.18 9.52
C PHE L 74 -3.80 61.65 8.61
N ILE L 75 -5.02 62.09 8.90
CA ILE L 75 -6.18 61.81 8.09
C ILE L 75 -6.78 63.15 7.66
N SER L 76 -6.87 63.36 6.36
CA SER L 76 -7.60 64.51 5.83
C SER L 76 -9.08 64.16 5.87
N ILE L 77 -9.81 64.74 6.83
CA ILE L 77 -11.18 64.30 7.08
C ILE L 77 -12.21 65.01 6.21
N ASP L 78 -11.83 66.08 5.52
CA ASP L 78 -12.72 66.78 4.60
C ASP L 78 -12.20 66.72 3.17
N TYR L 79 -11.43 65.67 2.84
CA TYR L 79 -10.73 65.64 1.56
C TYR L 79 -11.68 65.70 0.38
N GLU L 80 -12.88 65.13 0.53
CA GLU L 80 -13.85 65.11 -0.57
C GLU L 80 -14.21 66.53 -1.01
N SER L 81 -14.43 67.43 -0.05
CA SER L 81 -14.86 68.78 -0.39
C SER L 81 -13.76 69.60 -1.06
N ILE L 82 -12.48 69.22 -0.88
CA ILE L 82 -11.37 69.91 -1.53
C ILE L 82 -10.68 68.98 -2.52
N MET L 83 -11.46 68.19 -3.26
CA MET L 83 -10.89 67.27 -4.22
C MET L 83 -11.43 67.55 -5.63
N LYS M 4 -0.46 80.71 38.10
CA LYS M 4 -0.21 79.88 39.28
C LYS M 4 0.19 78.46 38.87
N ILE M 5 -0.24 78.04 37.69
CA ILE M 5 -0.17 76.64 37.28
C ILE M 5 -0.02 76.55 35.77
N GLU M 6 1.17 76.17 35.31
CA GLU M 6 1.46 76.14 33.87
C GLU M 6 2.32 74.93 33.56
N ASN M 7 1.89 74.15 32.57
CA ASN M 7 2.58 72.95 32.15
C ASN M 7 2.54 72.90 30.62
N PRO M 8 3.49 72.17 30.00
CA PRO M 8 3.60 72.21 28.53
C PRO M 8 2.31 71.94 27.77
N LEU M 9 1.56 70.91 28.14
CA LEU M 9 0.36 70.56 27.38
C LEU M 9 -0.72 71.63 27.49
N LYS M 10 -0.76 72.36 28.61
CA LYS M 10 -1.70 73.47 28.73
C LYS M 10 -1.29 74.63 27.83
N SER M 11 0.02 74.81 27.62
CA SER M 11 0.46 75.78 26.64
C SER M 11 -0.07 75.43 25.26
N LEU M 12 -0.29 74.16 24.97
CA LEU M 12 -0.89 73.82 23.68
C LEU M 12 -2.32 74.31 23.60
N LYS M 13 -3.03 74.35 24.73
CA LYS M 13 -4.43 74.77 24.71
C LYS M 13 -4.58 76.25 24.40
N THR M 14 -3.61 77.08 24.77
CA THR M 14 -3.70 78.50 24.49
C THR M 14 -3.42 78.84 23.03
N ALA M 15 -2.95 77.90 22.21
CA ALA M 15 -2.79 78.12 20.79
C ALA M 15 -4.04 77.81 19.99
N LEU M 16 -5.13 77.44 20.67
CA LEU M 16 -6.37 77.14 19.99
C LEU M 16 -6.80 78.34 19.14
N ASN M 17 -7.26 78.06 17.92
CA ASN M 17 -7.68 79.03 16.91
C ASN M 17 -6.53 79.87 16.36
N LYS M 18 -5.29 79.64 16.78
CA LYS M 18 -4.13 80.26 16.19
C LYS M 18 -3.50 79.34 15.15
N ILE M 19 -2.76 79.95 14.24
CA ILE M 19 -2.00 79.22 13.26
C ILE M 19 -0.74 78.69 13.91
N VAL M 20 -0.46 77.40 13.70
CA VAL M 20 0.68 76.75 14.32
C VAL M 20 1.44 76.02 13.22
N LEU M 21 2.68 75.67 13.53
CA LEU M 21 3.47 74.80 12.68
C LEU M 21 3.71 73.48 13.42
N VAL M 22 3.44 72.37 12.75
CA VAL M 22 3.64 71.02 13.29
C VAL M 22 4.69 70.31 12.44
N LYS M 23 5.79 69.90 13.08
CA LYS M 23 6.83 69.11 12.43
C LYS M 23 6.75 67.67 12.91
N LEU M 24 6.65 66.73 11.98
CA LEU M 24 6.54 65.30 12.27
C LEU M 24 7.91 64.62 12.19
N LYS M 25 7.92 63.35 12.63
CA LYS M 25 9.18 62.59 12.73
C LYS M 25 9.93 62.58 11.41
N ASN M 26 9.22 62.38 10.31
CA ASN M 26 9.88 62.39 9.01
C ASN M 26 10.34 63.79 8.58
N GLY M 27 10.20 64.82 9.42
CA GLY M 27 10.66 66.14 9.09
C GLY M 27 9.68 67.01 8.33
N GLU M 28 8.55 66.46 7.90
CA GLU M 28 7.54 67.26 7.21
C GLU M 28 6.93 68.30 8.13
N GLU M 29 6.67 69.48 7.60
CA GLU M 29 6.08 70.58 8.36
C GLU M 29 4.69 70.86 7.82
N TYR M 30 3.73 71.08 8.74
CA TYR M 30 2.33 71.29 8.41
C TYR M 30 1.86 72.53 9.15
N VAL M 31 1.31 73.48 8.39
CA VAL M 31 0.87 74.76 8.92
C VAL M 31 -0.64 74.84 8.78
N GLY M 32 -1.31 75.25 9.84
CA GLY M 32 -2.76 75.37 9.80
C GLY M 32 -3.24 75.90 11.12
N ARG M 33 -4.54 76.15 11.17
CA ARG M 33 -5.16 76.74 12.36
C ARG M 33 -5.56 75.62 13.32
N LEU M 34 -5.04 75.69 14.54
CA LEU M 34 -5.28 74.64 15.54
C LEU M 34 -6.72 74.70 16.04
N GLU M 35 -7.53 73.70 15.71
CA GLU M 35 -8.95 73.67 16.05
C GLU M 35 -9.27 72.82 17.26
N GLN M 36 -8.54 71.72 17.47
CA GLN M 36 -8.77 70.84 18.60
C GLN M 36 -7.46 70.16 18.98
N SER M 37 -7.38 69.71 20.23
CA SER M 37 -6.25 68.93 20.70
C SER M 37 -6.69 68.11 21.91
N ASP M 38 -5.94 67.05 22.20
CA ASP M 38 -6.22 66.23 23.38
C ASP M 38 -4.93 65.98 24.15
N GLY M 39 -5.07 65.25 25.26
CA GLY M 39 -3.95 65.03 26.15
C GLY M 39 -2.82 64.21 25.55
N THR M 40 -3.10 63.48 24.49
CA THR M 40 -2.07 62.73 23.78
C THR M 40 -1.45 63.53 22.63
N MET M 41 -1.82 64.80 22.51
CA MET M 41 -1.32 65.72 21.48
C MET M 41 -1.81 65.37 20.08
N ASN M 42 -2.92 64.64 19.98
CA ASN M 42 -3.65 64.57 18.72
C ASN M 42 -4.23 65.95 18.42
N LEU M 43 -4.07 66.41 17.18
CA LEU M 43 -4.51 67.74 16.78
C LEU M 43 -5.49 67.66 15.62
N VAL M 44 -6.40 68.63 15.56
CA VAL M 44 -7.15 68.93 14.35
C VAL M 44 -6.71 70.31 13.88
N LEU M 45 -6.17 70.38 12.67
CA LEU M 45 -5.82 71.64 12.03
C LEU M 45 -6.77 71.88 10.85
N LYS M 46 -7.16 73.12 10.68
CA LYS M 46 -8.01 73.54 9.58
C LYS M 46 -7.15 74.32 8.58
N ASP M 47 -7.49 74.18 7.30
CA ASP M 47 -6.76 74.83 6.21
C ASP M 47 -5.27 74.55 6.32
N CYS M 48 -4.91 73.28 6.10
CA CYS M 48 -3.59 72.79 6.39
C CYS M 48 -2.74 72.69 5.14
N THR M 49 -1.55 73.25 5.19
CA THR M 49 -0.63 73.22 4.06
C THR M 49 0.68 72.58 4.49
N GLU M 50 1.12 71.58 3.74
CA GLU M 50 2.40 70.94 4.00
C GLU M 50 3.52 71.69 3.28
N TYR M 51 4.60 71.98 4.00
CA TYR M 51 5.76 72.66 3.44
C TYR M 51 6.99 71.75 3.53
N ARG M 52 7.95 72.02 2.64
CA ARG M 52 9.22 71.32 2.70
C ARG M 52 10.08 71.83 3.85
N GLU M 53 10.73 70.90 4.54
CA GLU M 53 11.40 71.18 5.80
C GLU M 53 12.32 72.40 5.71
N GLY M 54 12.13 73.34 6.63
CA GLY M 54 12.97 74.51 6.71
C GLY M 54 12.65 75.62 5.72
N THR M 55 11.73 75.40 4.79
CA THR M 55 11.43 76.34 3.72
C THR M 55 9.97 76.79 3.80
N SER M 56 9.57 77.61 2.83
CA SER M 56 8.19 78.10 2.73
C SER M 56 7.53 77.73 1.40
N ASP M 57 8.01 76.69 0.72
CA ASP M 57 7.39 76.25 -0.52
C ASP M 57 6.36 75.17 -0.23
N PRO M 58 5.11 75.35 -0.64
CA PRO M 58 4.03 74.42 -0.27
C PRO M 58 4.01 73.18 -1.16
N VAL M 59 3.95 72.02 -0.51
CA VAL M 59 3.95 70.73 -1.20
C VAL M 59 2.54 70.29 -1.57
N ALA M 60 1.61 70.42 -0.62
CA ALA M 60 0.28 69.87 -0.79
C ALA M 60 -0.67 70.63 0.12
N LYS M 61 -1.92 70.73 -0.32
CA LYS M 61 -3.01 71.23 0.52
C LYS M 61 -3.83 70.04 1.00
N TYR M 62 -4.16 70.03 2.29
CA TYR M 62 -4.85 68.90 2.87
C TYR M 62 -6.14 69.25 3.58
N GLY M 63 -6.50 70.52 3.68
CA GLY M 63 -7.74 70.90 4.34
C GLY M 63 -7.71 70.61 5.83
N ARG M 64 -8.84 70.14 6.35
CA ARG M 64 -8.96 69.80 7.76
C ARG M 64 -8.31 68.43 7.99
N VAL M 65 -7.30 68.37 8.85
CA VAL M 65 -6.55 67.14 9.06
C VAL M 65 -6.54 66.78 10.54
N LEU M 66 -6.64 65.49 10.80
CA LEU M 66 -6.47 64.96 12.15
C LEU M 66 -5.06 64.37 12.22
N ILE M 67 -4.22 64.96 13.07
CA ILE M 67 -2.81 64.63 13.15
C ILE M 67 -2.58 63.84 14.43
N ARG M 68 -2.01 62.65 14.30
CA ARG M 68 -1.78 61.78 15.45
C ARG M 68 -0.62 62.29 16.30
N GLY M 69 -0.83 62.37 17.63
CA GLY M 69 0.18 62.96 18.50
C GLY M 69 1.52 62.23 18.47
N SER M 70 1.49 60.89 18.45
CA SER M 70 2.72 60.14 18.69
C SER M 70 3.79 60.40 17.63
N ASN M 71 3.44 60.92 16.47
CA ASN M 71 4.44 61.15 15.43
C ASN M 71 4.90 62.61 15.34
N ILE M 72 4.54 63.44 16.32
CA ILE M 72 4.89 64.85 16.31
C ILE M 72 6.26 65.05 16.95
N LEU M 73 7.09 65.87 16.31
CA LEU M 73 8.35 66.29 16.90
C LEU M 73 8.19 67.55 17.74
N PHE M 74 7.60 68.60 17.17
CA PHE M 74 7.29 69.78 17.96
C PHE M 74 6.13 70.52 17.31
N ILE M 75 5.56 71.44 18.07
CA ILE M 75 4.49 72.31 17.61
C ILE M 75 4.93 73.74 17.88
N SER M 76 5.05 74.54 16.82
CA SER M 76 5.31 75.96 16.98
C SER M 76 3.98 76.61 17.36
N ILE M 77 3.77 76.84 18.66
CA ILE M 77 2.45 77.27 19.13
C ILE M 77 2.19 78.76 18.92
N ASP M 78 3.23 79.53 18.60
CA ASP M 78 3.11 80.97 18.37
C ASP M 78 3.48 81.34 16.94
N TYR M 79 3.33 80.39 16.00
CA TYR M 79 3.86 80.56 14.66
C TYR M 79 3.29 81.78 13.96
N GLU M 80 2.05 82.15 14.28
CA GLU M 80 1.43 83.33 13.67
C GLU M 80 2.28 84.57 13.92
N SER M 81 2.88 84.68 15.11
CA SER M 81 3.60 85.88 15.51
C SER M 81 4.98 86.01 14.87
N ILE M 82 5.47 84.99 14.17
CA ILE M 82 6.79 85.03 13.54
C ILE M 82 6.70 84.82 12.04
N MET M 83 5.51 84.98 11.46
CA MET M 83 5.32 84.72 10.04
C MET M 83 4.71 85.93 9.34
N ILE N 5 17.93 64.97 47.53
CA ILE N 5 17.34 64.19 46.44
C ILE N 5 17.86 64.68 45.10
N GLU N 6 18.33 63.74 44.27
CA GLU N 6 18.83 64.06 42.94
C GLU N 6 18.52 62.90 42.00
N ASN N 7 18.05 63.22 40.80
CA ASN N 7 17.78 62.23 39.77
C ASN N 7 17.76 62.95 38.41
N PRO N 8 17.92 62.21 37.30
CA PRO N 8 18.00 62.88 35.98
C PRO N 8 16.90 63.90 35.71
N LEU N 9 15.64 63.54 36.00
CA LEU N 9 14.53 64.43 35.66
C LEU N 9 14.52 65.69 36.51
N LYS N 10 15.01 65.61 37.75
CA LYS N 10 15.10 66.82 38.57
C LYS N 10 16.15 67.77 38.02
N SER N 11 17.21 67.23 37.41
CA SER N 11 18.20 68.07 36.75
C SER N 11 17.58 68.88 35.61
N LEU N 12 16.56 68.32 34.94
CA LEU N 12 15.82 69.10 33.96
C LEU N 12 15.19 70.34 34.57
N LYS N 13 14.73 70.25 35.82
CA LYS N 13 14.11 71.39 36.48
C LYS N 13 15.11 72.50 36.76
N THR N 14 16.37 72.16 37.06
CA THR N 14 17.35 73.18 37.35
C THR N 14 17.79 73.95 36.11
N ALA N 15 17.37 73.52 34.92
CA ALA N 15 17.63 74.24 33.68
C ALA N 15 16.52 75.23 33.34
N LEU N 16 15.52 75.37 34.21
CA LEU N 16 14.42 76.29 33.93
C LEU N 16 14.94 77.71 33.75
N ASN N 17 14.37 78.41 32.76
CA ASN N 17 14.65 79.78 32.39
C ASN N 17 16.05 79.97 31.81
N LYS N 18 16.77 78.89 31.58
CA LYS N 18 18.09 78.93 30.95
C LYS N 18 17.99 78.44 29.52
N ILE N 19 18.94 78.90 28.70
CA ILE N 19 19.03 78.40 27.33
C ILE N 19 19.53 76.97 27.34
N VAL N 20 18.91 76.13 26.51
CA VAL N 20 19.24 74.71 26.44
C VAL N 20 19.38 74.32 24.98
N LEU N 21 20.08 73.22 24.75
CA LEU N 21 20.13 72.57 23.45
C LEU N 21 19.39 71.25 23.53
N VAL N 22 18.49 71.02 22.58
CA VAL N 22 17.71 69.80 22.51
C VAL N 22 18.00 69.13 21.18
N LYS N 23 18.47 67.89 21.23
CA LYS N 23 18.65 67.11 20.01
C LYS N 23 17.54 66.07 19.94
N LEU N 24 16.91 65.99 18.77
CA LEU N 24 15.82 65.05 18.53
C LEU N 24 16.35 63.84 17.77
N LYS N 25 15.54 62.79 17.70
CA LYS N 25 16.02 61.51 17.19
C LYS N 25 16.47 61.60 15.74
N ASN N 26 15.89 62.52 14.97
CA ASN N 26 16.38 62.69 13.60
C ASN N 26 17.73 63.39 13.54
N GLY N 27 18.32 63.74 14.68
CA GLY N 27 19.61 64.38 14.71
C GLY N 27 19.58 65.90 14.69
N GLU N 28 18.40 66.50 14.53
CA GLU N 28 18.32 67.96 14.51
C GLU N 28 18.48 68.53 15.91
N GLU N 29 19.05 69.74 15.98
CA GLU N 29 19.33 70.40 17.24
C GLU N 29 18.56 71.71 17.34
N TYR N 30 17.99 71.96 18.51
CA TYR N 30 17.12 73.11 18.73
C TYR N 30 17.59 73.82 19.99
N VAL N 31 17.89 75.11 19.88
CA VAL N 31 18.40 75.91 21.00
C VAL N 31 17.35 76.95 21.36
N GLY N 32 17.09 77.08 22.65
CA GLY N 32 16.12 78.06 23.12
C GLY N 32 16.19 78.11 24.62
N ARG N 33 15.42 79.04 25.18
CA ARG N 33 15.34 79.19 26.62
C ARG N 33 14.27 78.25 27.16
N LEU N 34 14.68 77.34 28.05
CA LEU N 34 13.75 76.37 28.63
C LEU N 34 12.75 77.06 29.55
N GLU N 35 11.47 76.91 29.25
CA GLU N 35 10.48 77.66 30.00
C GLU N 35 9.45 76.79 30.70
N GLN N 36 9.24 75.54 30.28
CA GLN N 36 8.41 74.57 30.99
C GLN N 36 8.94 73.17 30.71
N SER N 37 8.54 72.21 31.55
CA SER N 37 8.85 70.81 31.33
C SER N 37 7.94 69.96 32.22
N ASP N 38 7.85 68.67 31.91
CA ASP N 38 7.08 67.74 32.74
C ASP N 38 7.84 66.42 32.83
N GLY N 39 7.19 65.41 33.43
CA GLY N 39 7.85 64.16 33.72
C GLY N 39 8.09 63.30 32.49
N THR N 40 7.25 63.44 31.46
CA THR N 40 7.50 62.80 30.18
C THR N 40 8.58 63.51 29.37
N MET N 41 9.14 64.59 29.92
CA MET N 41 10.13 65.45 29.27
C MET N 41 9.54 66.24 28.09
N ASN N 42 8.24 66.46 28.07
CA ASN N 42 7.70 67.48 27.18
C ASN N 42 8.26 68.83 27.58
N LEU N 43 8.67 69.61 26.59
CA LEU N 43 9.35 70.88 26.80
C LEU N 43 8.64 72.01 26.06
N VAL N 44 8.67 73.20 26.66
CA VAL N 44 8.38 74.44 25.95
C VAL N 44 9.65 75.27 25.94
N LEU N 45 10.12 75.61 24.74
CA LEU N 45 11.22 76.54 24.53
C LEU N 45 10.68 77.84 23.95
N LYS N 46 11.24 78.96 24.37
CA LYS N 46 10.97 80.23 23.72
C LYS N 46 12.19 80.69 22.92
N ASP N 47 11.94 81.30 21.77
CA ASP N 47 12.99 81.81 20.88
C ASP N 47 13.88 80.68 20.36
N CYS N 48 13.24 79.72 19.69
CA CYS N 48 13.91 78.49 19.32
C CYS N 48 14.44 78.55 17.90
N THR N 49 15.70 78.19 17.73
CA THR N 49 16.35 78.11 16.43
C THR N 49 16.88 76.70 16.20
N GLU N 50 16.53 76.13 15.05
CA GLU N 50 17.09 74.84 14.67
C GLU N 50 18.46 75.05 14.02
N TYR N 51 19.41 74.20 14.41
CA TYR N 51 20.73 74.17 13.82
C TYR N 51 20.95 72.81 13.17
N ARG N 52 21.72 72.80 12.10
CA ARG N 52 22.13 71.53 11.50
C ARG N 52 23.06 70.77 12.45
N GLU N 53 23.02 69.44 12.34
CA GLU N 53 23.67 68.54 13.29
C GLU N 53 25.10 68.97 13.59
N GLY N 54 25.37 69.22 14.87
CA GLY N 54 26.74 69.53 15.29
C GLY N 54 27.36 70.71 14.58
N THR N 55 26.60 71.78 14.36
CA THR N 55 27.11 73.01 13.77
C THR N 55 26.56 74.19 14.56
N SER N 56 26.79 75.39 14.01
CA SER N 56 26.24 76.63 14.55
C SER N 56 25.55 77.46 13.48
N ASP N 57 25.30 76.88 12.30
CA ASP N 57 24.64 77.59 11.20
C ASP N 57 23.13 77.38 11.30
N PRO N 58 22.34 78.45 11.44
CA PRO N 58 20.89 78.28 11.63
C PRO N 58 20.20 77.72 10.39
N VAL N 59 19.13 76.97 10.65
CA VAL N 59 18.32 76.36 9.60
C VAL N 59 16.93 76.99 9.53
N ALA N 60 16.35 77.34 10.68
CA ALA N 60 15.01 77.90 10.74
C ALA N 60 14.78 78.45 12.14
N LYS N 61 13.82 79.38 12.21
CA LYS N 61 13.42 80.04 13.44
C LYS N 61 11.98 79.65 13.73
N TYR N 62 11.74 79.05 14.90
CA TYR N 62 10.42 78.52 15.21
C TYR N 62 9.72 79.22 16.36
N GLY N 63 10.38 80.17 17.03
CA GLY N 63 9.76 80.87 18.14
C GLY N 63 9.52 79.95 19.33
N ARG N 64 8.33 80.07 19.93
CA ARG N 64 7.96 79.26 21.08
C ARG N 64 7.46 77.90 20.60
N VAL N 65 8.15 76.83 21.01
CA VAL N 65 7.83 75.48 20.55
C VAL N 65 7.48 74.57 21.73
N LEU N 66 6.51 73.71 21.53
CA LEU N 66 6.26 72.58 22.41
C LEU N 66 6.93 71.36 21.80
N ILE N 67 7.89 70.77 22.51
CA ILE N 67 8.67 69.64 22.03
C ILE N 67 8.22 68.38 22.76
N ARG N 68 7.88 67.34 21.99
CA ARG N 68 7.41 66.09 22.57
C ARG N 68 8.58 65.30 23.15
N GLY N 69 8.45 64.93 24.44
CA GLY N 69 9.55 64.27 25.12
C GLY N 69 9.95 62.95 24.47
N SER N 70 8.98 62.20 23.97
CA SER N 70 9.28 60.87 23.48
C SER N 70 10.24 60.89 22.29
N ASN N 71 10.42 62.02 21.62
CA ASN N 71 11.29 62.08 20.46
C ASN N 71 12.59 62.82 20.73
N ILE N 72 12.94 63.02 21.99
CA ILE N 72 14.18 63.68 22.39
C ILE N 72 15.28 62.64 22.55
N LEU N 73 16.48 62.97 22.07
CA LEU N 73 17.66 62.13 22.27
C LEU N 73 18.39 62.53 23.54
N PHE N 74 18.81 63.80 23.63
CA PHE N 74 19.32 64.35 24.86
C PHE N 74 18.99 65.84 24.92
N ILE N 75 19.17 66.40 26.11
CA ILE N 75 19.05 67.82 26.38
C ILE N 75 20.36 68.25 27.04
N SER N 76 21.03 69.23 26.45
CA SER N 76 22.17 69.87 27.10
C SER N 76 21.63 70.89 28.09
N ILE N 77 21.77 70.63 29.39
CA ILE N 77 21.06 71.40 30.40
C ILE N 77 21.82 72.63 30.90
N ASP N 78 23.13 72.75 30.63
CA ASP N 78 23.85 73.99 30.92
C ASP N 78 24.54 74.50 29.68
N TYR N 79 23.81 74.50 28.56
CA TYR N 79 24.38 74.90 27.27
C TYR N 79 24.83 76.35 27.25
N GLU N 80 24.26 77.20 28.13
CA GLU N 80 24.51 78.64 28.10
C GLU N 80 26.00 78.97 28.10
N SER N 81 26.83 78.12 28.73
CA SER N 81 28.28 78.29 28.74
C SER N 81 28.95 77.75 27.47
N ILE N 82 28.19 77.64 26.37
CA ILE N 82 28.71 77.30 25.05
C ILE N 82 28.04 78.22 24.05
N MET N 83 28.69 78.42 22.91
CA MET N 83 28.27 79.38 21.86
C MET N 83 28.47 80.82 22.35
N ILE O 5 -39.33 2.33 -52.85
CA ILE O 5 -38.65 2.90 -51.70
C ILE O 5 -39.63 3.04 -50.54
N GLU O 6 -39.30 2.42 -49.41
CA GLU O 6 -40.13 2.59 -48.22
C GLU O 6 -39.25 2.43 -46.98
N ASN O 7 -39.30 3.43 -46.11
CA ASN O 7 -38.50 3.40 -44.89
C ASN O 7 -39.29 4.09 -43.80
N PRO O 8 -38.87 3.93 -42.54
CA PRO O 8 -39.65 4.50 -41.43
C PRO O 8 -39.99 5.98 -41.60
N LEU O 9 -39.05 6.78 -42.08
CA LEU O 9 -39.26 8.23 -42.15
C LEU O 9 -40.28 8.61 -43.21
N LYS O 10 -40.31 7.88 -44.33
CA LYS O 10 -41.32 8.10 -45.36
C LYS O 10 -42.72 7.77 -44.83
N SER O 11 -42.82 6.76 -43.97
CA SER O 11 -44.13 6.43 -43.41
C SER O 11 -44.68 7.57 -42.58
N LEU O 12 -43.80 8.33 -41.93
CA LEU O 12 -44.23 9.53 -41.23
C LEU O 12 -44.83 10.55 -42.20
N LYS O 13 -44.20 10.74 -43.37
CA LYS O 13 -44.76 11.69 -44.33
C LYS O 13 -46.12 11.23 -44.85
N THR O 14 -46.41 9.92 -44.82
CA THR O 14 -47.73 9.46 -45.21
C THR O 14 -48.81 9.88 -44.21
N ALA O 15 -48.40 10.24 -42.98
CA ALA O 15 -49.35 10.62 -41.94
C ALA O 15 -49.83 12.06 -42.06
N LEU O 16 -49.33 12.82 -43.03
CA LEU O 16 -49.64 14.24 -43.09
C LEU O 16 -51.14 14.47 -43.24
N ASN O 17 -51.65 15.44 -42.48
CA ASN O 17 -53.06 15.79 -42.37
C ASN O 17 -53.91 14.69 -41.75
N LYS O 18 -53.30 13.69 -41.13
CA LYS O 18 -54.03 12.70 -40.37
C LYS O 18 -53.86 12.92 -38.87
N ILE O 19 -54.82 12.43 -38.11
CA ILE O 19 -54.71 12.44 -36.67
C ILE O 19 -53.65 11.44 -36.24
N VAL O 20 -52.75 11.87 -35.37
CA VAL O 20 -51.68 11.01 -34.86
C VAL O 20 -51.64 11.16 -33.34
N LEU O 21 -51.06 10.14 -32.70
CA LEU O 21 -50.75 10.20 -31.28
C LEU O 21 -49.23 10.17 -31.14
N VAL O 22 -48.70 11.10 -30.38
CA VAL O 22 -47.27 11.21 -30.11
C VAL O 22 -47.06 10.98 -28.62
N LYS O 23 -46.20 10.02 -28.29
CA LYS O 23 -45.82 9.77 -26.92
C LYS O 23 -44.38 10.23 -26.71
N LEU O 24 -44.17 11.04 -25.68
CA LEU O 24 -42.85 11.56 -25.37
C LEU O 24 -42.12 10.67 -24.36
N LYS O 25 -40.82 10.97 -24.16
CA LYS O 25 -39.99 10.16 -23.26
C LYS O 25 -40.54 10.09 -21.84
N ASN O 26 -41.23 11.15 -21.39
CA ASN O 26 -41.79 11.16 -20.05
C ASN O 26 -43.14 10.45 -19.98
N GLY O 27 -43.57 9.85 -21.09
CA GLY O 27 -44.78 9.05 -21.15
C GLY O 27 -46.04 9.80 -21.51
N GLU O 28 -46.00 11.13 -21.56
CA GLU O 28 -47.18 11.91 -21.92
C GLU O 28 -47.56 11.72 -23.39
N GLU O 29 -48.86 11.71 -23.64
CA GLU O 29 -49.40 11.45 -24.97
C GLU O 29 -50.13 12.68 -25.48
N TYR O 30 -49.90 13.01 -26.74
CA TYR O 30 -50.45 14.19 -27.40
C TYR O 30 -51.11 13.77 -28.69
N VAL O 31 -52.39 14.08 -28.84
CA VAL O 31 -53.19 13.71 -30.01
C VAL O 31 -53.56 14.97 -30.77
N GLY O 32 -53.39 14.94 -32.08
CA GLY O 32 -53.68 16.08 -32.93
C GLY O 32 -53.43 15.73 -34.38
N ARG O 33 -53.73 16.69 -35.26
CA ARG O 33 -53.60 16.47 -36.69
C ARG O 33 -52.19 16.90 -37.13
N LEU O 34 -51.47 15.98 -37.76
CA LEU O 34 -50.10 16.23 -38.18
C LEU O 34 -50.10 17.19 -39.38
N GLU O 35 -49.49 18.35 -39.22
CA GLU O 35 -49.45 19.34 -40.29
C GLU O 35 -48.08 19.45 -40.96
N GLN O 36 -46.99 19.29 -40.22
CA GLN O 36 -45.65 19.31 -40.81
C GLN O 36 -44.75 18.35 -40.04
N SER O 37 -43.75 17.82 -40.74
CA SER O 37 -42.71 16.99 -40.13
C SER O 37 -41.42 17.21 -40.90
N ASP O 38 -40.29 16.94 -40.23
CA ASP O 38 -39.02 17.01 -40.95
C ASP O 38 -38.19 15.77 -40.66
N GLY O 39 -36.95 15.76 -41.15
CA GLY O 39 -36.11 14.58 -41.04
C GLY O 39 -35.72 14.22 -39.62
N THR O 40 -35.60 15.22 -38.75
CA THR O 40 -35.29 14.94 -37.35
C THR O 40 -36.52 14.51 -36.55
N MET O 41 -37.67 14.38 -37.21
CA MET O 41 -38.97 14.07 -36.61
C MET O 41 -39.54 15.21 -35.77
N ASN O 42 -39.04 16.43 -35.93
CA ASN O 42 -39.81 17.56 -35.44
C ASN O 42 -41.16 17.56 -36.14
N LEU O 43 -42.21 17.90 -35.40
CA LEU O 43 -43.58 17.83 -35.89
C LEU O 43 -44.31 19.12 -35.55
N VAL O 44 -45.30 19.43 -36.38
CA VAL O 44 -46.31 20.42 -36.03
C VAL O 44 -47.65 19.71 -36.04
N LEU O 45 -48.36 19.78 -34.91
CA LEU O 45 -49.71 19.24 -34.76
C LEU O 45 -50.71 20.38 -34.64
N LYS O 46 -51.85 20.22 -35.31
CA LYS O 46 -52.98 21.12 -35.17
C LYS O 46 -53.95 20.54 -34.14
N ASP O 47 -54.49 21.43 -33.29
CA ASP O 47 -55.53 21.11 -32.31
C ASP O 47 -55.10 19.95 -31.42
N CYS O 48 -54.00 20.20 -30.71
CA CYS O 48 -53.34 19.17 -29.94
C CYS O 48 -53.89 19.12 -28.52
N THR O 49 -54.35 17.94 -28.11
CA THR O 49 -54.76 17.69 -26.73
C THR O 49 -53.83 16.67 -26.09
N GLU O 50 -53.38 16.95 -24.87
CA GLU O 50 -52.62 16.00 -24.08
C GLU O 50 -53.56 15.08 -23.30
N TYR O 51 -53.25 13.78 -23.30
CA TYR O 51 -54.00 12.79 -22.54
C TYR O 51 -53.07 12.08 -21.56
N ARG O 52 -53.62 11.70 -20.41
CA ARG O 52 -52.82 10.97 -19.44
C ARG O 52 -52.47 9.60 -20.02
N GLU O 53 -51.27 9.12 -19.70
CA GLU O 53 -50.71 7.97 -20.40
C GLU O 53 -51.63 6.76 -20.30
N GLY O 54 -51.98 6.20 -21.47
CA GLY O 54 -52.75 4.98 -21.55
C GLY O 54 -54.24 5.13 -21.36
N THR O 55 -54.77 6.35 -21.32
CA THR O 55 -56.19 6.55 -21.07
C THR O 55 -56.77 7.52 -22.10
N SER O 56 -58.06 7.81 -21.94
CA SER O 56 -58.76 8.81 -22.73
C SER O 56 -58.99 10.09 -21.94
N ASP O 57 -58.33 10.26 -20.78
CA ASP O 57 -58.50 11.40 -19.90
C ASP O 57 -57.73 12.62 -20.38
N PRO O 58 -58.39 13.63 -20.94
CA PRO O 58 -57.67 14.82 -21.42
C PRO O 58 -57.08 15.58 -20.26
N VAL O 59 -55.86 16.06 -20.46
CA VAL O 59 -55.14 16.84 -19.44
C VAL O 59 -55.15 18.33 -19.78
N ALA O 60 -54.93 18.66 -21.03
CA ALA O 60 -54.78 20.07 -21.42
C ALA O 60 -54.94 20.16 -22.92
N LYS O 61 -55.35 21.33 -23.37
CA LYS O 61 -55.38 21.67 -24.79
C LYS O 61 -54.25 22.63 -25.04
N TYR O 62 -53.49 22.40 -26.12
CA TYR O 62 -52.33 23.23 -26.42
C TYR O 62 -52.39 23.87 -27.79
N GLY O 63 -53.44 23.61 -28.58
CA GLY O 63 -53.55 24.26 -29.87
C GLY O 63 -52.55 23.71 -30.87
N ARG O 64 -51.94 24.61 -31.62
CA ARG O 64 -50.91 24.26 -32.61
C ARG O 64 -49.57 24.19 -31.91
N VAL O 65 -48.94 23.01 -31.95
CA VAL O 65 -47.72 22.75 -31.20
C VAL O 65 -46.63 22.29 -32.15
N LEU O 66 -45.42 22.75 -31.87
CA LEU O 66 -44.20 22.25 -32.48
C LEU O 66 -43.53 21.33 -31.46
N ILE O 67 -43.38 20.05 -31.82
CA ILE O 67 -42.79 19.03 -30.95
C ILE O 67 -41.40 18.68 -31.47
N ARG O 68 -40.40 18.76 -30.59
CA ARG O 68 -39.05 18.34 -30.96
C ARG O 68 -38.97 16.83 -31.08
N GLY O 69 -38.42 16.34 -32.19
CA GLY O 69 -38.36 14.90 -32.42
C GLY O 69 -37.51 14.13 -31.45
N SER O 70 -36.45 14.75 -30.91
CA SER O 70 -35.51 14.01 -30.08
C SER O 70 -36.12 13.49 -28.79
N ASN O 71 -37.29 14.00 -28.37
CA ASN O 71 -37.91 13.46 -27.16
C ASN O 71 -39.07 12.54 -27.47
N ILE O 72 -39.24 12.14 -28.72
CA ILE O 72 -40.36 11.29 -29.09
C ILE O 72 -40.00 9.84 -28.85
N LEU O 73 -40.91 9.09 -28.24
CA LEU O 73 -40.77 7.65 -28.16
C LEU O 73 -41.33 7.00 -29.41
N PHE O 74 -42.56 7.36 -29.74
CA PHE O 74 -43.13 6.83 -30.96
C PHE O 74 -44.29 7.71 -31.39
N ILE O 75 -44.74 7.46 -32.61
CA ILE O 75 -45.84 8.17 -33.22
C ILE O 75 -46.77 7.11 -33.74
N SER O 76 -48.01 7.14 -33.30
CA SER O 76 -49.06 6.34 -33.91
C SER O 76 -49.55 7.07 -35.14
N ILE O 77 -49.25 6.52 -36.33
CA ILE O 77 -49.45 7.27 -37.57
C ILE O 77 -50.82 7.03 -38.21
N ASP O 78 -51.67 6.19 -37.62
CA ASP O 78 -53.03 5.98 -38.11
C ASP O 78 -54.00 5.96 -36.93
N TYR O 79 -53.84 6.90 -36.00
CA TYR O 79 -54.47 6.79 -34.70
C TYR O 79 -55.97 7.07 -34.75
N GLU O 80 -56.47 7.77 -35.78
CA GLU O 80 -57.90 7.99 -35.84
C GLU O 80 -58.65 6.67 -36.01
N SER O 81 -58.02 5.69 -36.66
CA SER O 81 -58.61 4.37 -36.80
C SER O 81 -58.68 3.62 -35.48
N ILE O 82 -58.07 4.14 -34.41
CA ILE O 82 -57.99 3.48 -33.13
C ILE O 82 -58.85 4.17 -32.08
N MET O 83 -58.93 5.49 -32.13
CA MET O 83 -59.77 6.28 -31.22
C MET O 83 -61.19 5.72 -31.08
N ILE P 5 -21.89 -12.95 -44.26
CA ILE P 5 -21.77 -11.68 -43.53
C ILE P 5 -22.89 -11.48 -42.51
N GLU P 6 -22.51 -11.22 -41.28
CA GLU P 6 -23.48 -11.12 -40.20
C GLU P 6 -23.09 -9.99 -39.25
N ASN P 7 -24.10 -9.28 -38.75
CA ASN P 7 -23.93 -8.24 -37.74
C ASN P 7 -25.29 -7.95 -37.11
N PRO P 8 -25.32 -7.24 -35.98
CA PRO P 8 -26.61 -7.02 -35.29
C PRO P 8 -27.72 -6.44 -36.15
N LEU P 9 -27.41 -5.46 -37.00
CA LEU P 9 -28.50 -4.76 -37.70
C LEU P 9 -29.09 -5.61 -38.82
N LYS P 10 -28.28 -6.43 -39.49
CA LYS P 10 -28.84 -7.38 -40.44
C LYS P 10 -29.76 -8.39 -39.74
N SER P 11 -29.49 -8.70 -38.47
CA SER P 11 -30.39 -9.60 -37.76
C SER P 11 -31.78 -8.99 -37.61
N LEU P 12 -31.86 -7.67 -37.52
CA LEU P 12 -33.15 -6.98 -37.51
C LEU P 12 -33.92 -7.20 -38.81
N LYS P 13 -33.21 -7.29 -39.94
CA LYS P 13 -33.88 -7.53 -41.22
C LYS P 13 -34.58 -8.88 -41.24
N THR P 14 -33.99 -9.89 -40.60
CA THR P 14 -34.62 -11.21 -40.55
C THR P 14 -35.96 -11.21 -39.82
N ALA P 15 -36.32 -10.13 -39.13
CA ALA P 15 -37.59 -10.10 -38.43
C ALA P 15 -38.70 -9.41 -39.20
N LEU P 16 -38.44 -8.97 -40.44
CA LEU P 16 -39.47 -8.34 -41.24
C LEU P 16 -40.70 -9.23 -41.34
N ASN P 17 -41.87 -8.64 -41.12
CA ASN P 17 -43.18 -9.27 -41.17
C ASN P 17 -43.38 -10.29 -40.06
N LYS P 18 -42.44 -10.41 -39.14
CA LYS P 18 -42.61 -11.20 -37.93
C LYS P 18 -43.13 -10.35 -36.77
N ILE P 19 -43.77 -11.01 -35.81
CA ILE P 19 -44.12 -10.33 -34.56
C ILE P 19 -42.85 -10.13 -33.74
N VAL P 20 -42.70 -8.94 -33.17
CA VAL P 20 -41.55 -8.62 -32.35
C VAL P 20 -42.04 -7.95 -31.08
N LEU P 21 -41.19 -7.98 -30.06
CA LEU P 21 -41.40 -7.19 -28.85
C LEU P 21 -40.27 -6.17 -28.77
N VAL P 22 -40.66 -4.91 -28.48
CA VAL P 22 -39.72 -3.81 -28.36
C VAL P 22 -39.86 -3.23 -26.97
N LYS P 23 -38.77 -3.21 -26.21
CA LYS P 23 -38.77 -2.55 -24.91
C LYS P 23 -38.06 -1.22 -25.03
N LEU P 24 -38.69 -0.16 -24.53
CA LEU P 24 -38.15 1.20 -24.59
C LEU P 24 -37.48 1.58 -23.27
N LYS P 25 -36.79 2.73 -23.32
CA LYS P 25 -35.97 3.18 -22.19
C LYS P 25 -36.79 3.34 -20.91
N ASN P 26 -38.09 3.62 -21.02
CA ASN P 26 -38.95 3.71 -19.85
C ASN P 26 -39.44 2.36 -19.33
N GLY P 27 -38.93 1.25 -19.86
CA GLY P 27 -39.35 -0.08 -19.46
C GLY P 27 -40.60 -0.61 -20.12
N GLU P 28 -41.32 0.22 -20.88
CA GLU P 28 -42.57 -0.22 -21.50
C GLU P 28 -42.29 -1.12 -22.71
N GLU P 29 -43.15 -2.12 -22.89
CA GLU P 29 -43.00 -3.15 -23.89
C GLU P 29 -44.11 -3.05 -24.92
N TYR P 30 -43.72 -3.16 -26.18
CA TYR P 30 -44.63 -3.01 -27.31
C TYR P 30 -44.47 -4.21 -28.22
N VAL P 31 -45.59 -4.86 -28.53
CA VAL P 31 -45.64 -6.05 -29.36
C VAL P 31 -46.40 -5.72 -30.64
N GLY P 32 -45.83 -6.06 -31.78
CA GLY P 32 -46.51 -5.88 -33.04
C GLY P 32 -45.66 -6.45 -34.15
N ARG P 33 -46.22 -6.43 -35.35
CA ARG P 33 -45.57 -7.03 -36.51
C ARG P 33 -44.65 -6.00 -37.17
N LEU P 34 -43.37 -6.37 -37.32
CA LEU P 34 -42.36 -5.46 -37.86
C LEU P 34 -42.53 -5.29 -39.36
N GLU P 35 -42.81 -4.06 -39.78
CA GLU P 35 -43.00 -3.76 -41.19
C GLU P 35 -41.78 -3.10 -41.84
N GLN P 36 -41.08 -2.23 -41.11
CA GLN P 36 -40.00 -1.46 -41.69
C GLN P 36 -38.97 -1.20 -40.61
N SER P 37 -37.70 -1.13 -41.00
CA SER P 37 -36.64 -0.72 -40.09
C SER P 37 -35.58 0.00 -40.91
N ASP P 38 -34.70 0.71 -40.21
CA ASP P 38 -33.64 1.44 -40.90
C ASP P 38 -32.37 1.32 -40.07
N GLY P 39 -31.34 2.03 -40.55
CA GLY P 39 -30.02 1.89 -39.98
C GLY P 39 -29.91 2.40 -38.56
N THR P 40 -30.74 3.35 -38.18
CA THR P 40 -30.72 3.87 -36.82
C THR P 40 -31.66 3.10 -35.88
N MET P 41 -32.27 2.02 -36.37
CA MET P 41 -33.22 1.18 -35.64
C MET P 41 -34.56 1.86 -35.43
N ASN P 42 -34.88 2.91 -36.20
CA ASN P 42 -36.27 3.32 -36.30
C ASN P 42 -37.09 2.14 -36.84
N LEU P 43 -38.26 1.92 -36.26
CA LEU P 43 -39.11 0.82 -36.67
C LEU P 43 -40.51 1.31 -36.99
N VAL P 44 -41.17 0.60 -37.89
CA VAL P 44 -42.62 0.70 -38.06
C VAL P 44 -43.23 -0.65 -37.74
N LEU P 45 -44.12 -0.67 -36.75
CA LEU P 45 -44.83 -1.87 -36.30
C LEU P 45 -46.30 -1.75 -36.67
N LYS P 46 -46.89 -2.87 -37.04
CA LYS P 46 -48.32 -2.94 -37.32
C LYS P 46 -49.03 -3.52 -36.11
N ASP P 47 -50.26 -3.07 -35.89
CA ASP P 47 -51.14 -3.59 -34.84
C ASP P 47 -50.38 -3.70 -33.51
N CYS P 48 -49.89 -2.55 -33.06
CA CYS P 48 -49.02 -2.51 -31.89
C CYS P 48 -49.85 -2.39 -30.62
N THR P 49 -49.58 -3.27 -29.67
CA THR P 49 -50.18 -3.22 -28.35
C THR P 49 -49.09 -3.07 -27.29
N GLU P 50 -49.32 -2.20 -26.33
CA GLU P 50 -48.40 -2.05 -25.21
C GLU P 50 -48.80 -3.01 -24.09
N TYR P 51 -47.79 -3.60 -23.46
CA TYR P 51 -47.98 -4.55 -22.38
C TYR P 51 -47.22 -4.06 -21.15
N ARG P 52 -47.88 -4.13 -19.99
CA ARG P 52 -47.17 -3.80 -18.75
C ARG P 52 -45.93 -4.68 -18.63
N GLU P 53 -44.84 -4.05 -18.22
CA GLU P 53 -43.51 -4.62 -18.36
C GLU P 53 -43.41 -5.98 -17.66
N GLY P 54 -42.88 -6.97 -18.38
CA GLY P 54 -42.70 -8.30 -17.87
C GLY P 54 -43.94 -9.17 -17.84
N THR P 55 -45.09 -8.64 -18.25
CA THR P 55 -46.37 -9.32 -18.13
C THR P 55 -47.02 -9.48 -19.50
N SER P 56 -48.21 -10.09 -19.50
CA SER P 56 -48.99 -10.33 -20.70
C SER P 56 -50.27 -9.51 -20.74
N ASP P 57 -50.41 -8.54 -19.85
CA ASP P 57 -51.68 -7.82 -19.77
C ASP P 57 -51.62 -6.55 -20.60
N PRO P 58 -52.48 -6.41 -21.60
CA PRO P 58 -52.41 -5.23 -22.48
C PRO P 58 -52.81 -3.97 -21.74
N VAL P 59 -52.04 -2.92 -21.99
CA VAL P 59 -52.25 -1.60 -21.42
C VAL P 59 -52.98 -0.68 -22.39
N ALA P 60 -52.62 -0.72 -23.67
CA ALA P 60 -53.18 0.20 -24.65
C ALA P 60 -52.88 -0.30 -26.06
N LYS P 61 -53.76 0.06 -26.99
CA LYS P 61 -53.49 -0.19 -28.40
C LYS P 61 -53.12 1.10 -29.10
N TYR P 62 -52.19 1.00 -30.05
CA TYR P 62 -51.68 2.16 -30.76
C TYR P 62 -51.65 1.98 -32.27
N GLY P 63 -52.11 0.84 -32.79
CA GLY P 63 -52.19 0.67 -34.23
C GLY P 63 -50.81 0.63 -34.84
N ARG P 64 -50.64 1.37 -35.93
CA ARG P 64 -49.37 1.39 -36.64
C ARG P 64 -48.48 2.49 -36.09
N VAL P 65 -47.31 2.11 -35.57
CA VAL P 65 -46.45 3.01 -34.83
C VAL P 65 -45.09 3.13 -35.49
N LEU P 66 -44.61 4.36 -35.59
CA LEU P 66 -43.22 4.66 -35.91
C LEU P 66 -42.48 4.80 -34.59
N ILE P 67 -41.53 3.92 -34.33
CA ILE P 67 -40.77 3.92 -33.08
C ILE P 67 -39.38 4.50 -33.35
N ARG P 68 -38.98 5.44 -32.51
CA ARG P 68 -37.69 6.10 -32.64
C ARG P 68 -36.58 5.22 -32.07
N GLY P 69 -35.57 4.92 -32.88
CA GLY P 69 -34.54 3.96 -32.50
C GLY P 69 -33.72 4.36 -31.28
N SER P 70 -33.48 5.65 -31.09
CA SER P 70 -32.59 6.08 -30.00
C SER P 70 -33.14 5.73 -28.62
N ASN P 71 -34.45 5.50 -28.47
CA ASN P 71 -34.99 5.18 -27.15
C ASN P 71 -35.31 3.71 -26.99
N ILE P 72 -34.81 2.85 -27.87
CA ILE P 72 -35.06 1.42 -27.79
C ILE P 72 -34.03 0.80 -26.86
N LEU P 73 -34.50 0.00 -25.90
CA LEU P 73 -33.59 -0.81 -25.09
C LEU P 73 -33.19 -2.08 -25.83
N PHE P 74 -34.18 -2.87 -26.26
CA PHE P 74 -33.88 -4.01 -27.10
C PHE P 74 -35.11 -4.38 -27.91
N ILE P 75 -34.89 -5.23 -28.91
CA ILE P 75 -35.94 -5.83 -29.73
C ILE P 75 -35.80 -7.34 -29.64
N SER P 76 -36.89 -8.02 -29.25
CA SER P 76 -36.93 -9.47 -29.31
C SER P 76 -37.31 -9.85 -30.74
N ILE P 77 -36.34 -10.33 -31.51
CA ILE P 77 -36.55 -10.44 -32.96
C ILE P 77 -37.18 -11.76 -33.36
N ASP P 78 -37.31 -12.71 -32.44
CA ASP P 78 -37.97 -13.99 -32.69
C ASP P 78 -39.17 -14.19 -31.78
N TYR P 79 -39.79 -13.10 -31.30
CA TYR P 79 -40.79 -13.20 -30.25
C TYR P 79 -41.95 -14.10 -30.65
N GLU P 80 -42.30 -14.12 -31.93
CA GLU P 80 -43.41 -14.94 -32.42
C GLU P 80 -43.16 -16.42 -32.14
N SER P 81 -41.90 -16.85 -32.19
CA SER P 81 -41.56 -18.19 -31.76
C SER P 81 -41.65 -18.35 -30.24
N ILE P 82 -41.77 -17.26 -29.50
CA ILE P 82 -41.61 -17.27 -28.05
C ILE P 82 -42.92 -16.97 -27.32
N MET P 83 -43.92 -16.42 -28.00
CA MET P 83 -45.23 -16.16 -27.40
C MET P 83 -46.23 -17.26 -27.77
N ILE Q 5 -1.83 -6.23 -29.25
CA ILE Q 5 -2.94 -5.27 -29.35
C ILE Q 5 -4.11 -5.74 -28.50
N GLU Q 6 -4.45 -4.96 -27.47
CA GLU Q 6 -5.56 -5.25 -26.58
C GLU Q 6 -6.28 -3.96 -26.25
N ASN Q 7 -7.60 -3.99 -26.34
CA ASN Q 7 -8.41 -2.83 -26.00
C ASN Q 7 -9.80 -3.33 -25.59
N PRO Q 8 -10.58 -2.50 -24.91
CA PRO Q 8 -11.88 -2.99 -24.41
C PRO Q 8 -12.76 -3.63 -25.48
N LEU Q 9 -12.84 -3.08 -26.70
CA LEU Q 9 -13.81 -3.61 -27.65
C LEU Q 9 -13.38 -4.97 -28.21
N LYS Q 10 -12.08 -5.22 -28.33
CA LYS Q 10 -11.63 -6.54 -28.74
C LYS Q 10 -11.98 -7.57 -27.67
N SER Q 11 -12.01 -7.16 -26.39
CA SER Q 11 -12.43 -8.09 -25.36
C SER Q 11 -13.88 -8.49 -25.52
N LEU Q 12 -14.70 -7.62 -26.12
CA LEU Q 12 -16.07 -8.01 -26.46
C LEU Q 12 -16.07 -9.15 -27.46
N LYS Q 13 -15.20 -9.07 -28.48
CA LYS Q 13 -15.13 -10.10 -29.51
C LYS Q 13 -14.72 -11.46 -28.95
N THR Q 14 -13.92 -11.49 -27.88
CA THR Q 14 -13.56 -12.76 -27.26
C THR Q 14 -14.73 -13.42 -26.55
N ALA Q 15 -15.75 -12.65 -26.19
CA ALA Q 15 -16.94 -13.19 -25.53
C ALA Q 15 -17.89 -13.87 -26.49
N LEU Q 16 -17.59 -13.86 -27.80
CA LEU Q 16 -18.47 -14.49 -28.78
C LEU Q 16 -18.78 -15.93 -28.40
N ASN Q 17 -20.04 -16.32 -28.56
CA ASN Q 17 -20.58 -17.65 -28.24
C ASN Q 17 -20.54 -17.96 -26.75
N LYS Q 18 -20.08 -17.05 -25.90
CA LYS Q 18 -20.15 -17.27 -24.46
C LYS Q 18 -21.46 -16.73 -23.89
N ILE Q 19 -21.81 -17.26 -22.71
CA ILE Q 19 -22.90 -16.71 -21.91
C ILE Q 19 -22.43 -15.41 -21.29
N VAL Q 20 -23.24 -14.35 -21.41
CA VAL Q 20 -22.85 -13.07 -20.86
C VAL Q 20 -24.00 -12.49 -20.05
N LEU Q 21 -23.67 -11.56 -19.16
CA LEU Q 21 -24.68 -10.77 -18.46
C LEU Q 21 -24.55 -9.32 -18.93
N VAL Q 22 -25.66 -8.75 -19.38
CA VAL Q 22 -25.72 -7.36 -19.83
C VAL Q 22 -26.63 -6.60 -18.87
N LYS Q 23 -26.08 -5.56 -18.23
CA LYS Q 23 -26.86 -4.67 -17.38
C LYS Q 23 -27.10 -3.35 -18.10
N LEU Q 24 -28.36 -2.97 -18.23
CA LEU Q 24 -28.74 -1.77 -18.97
C LEU Q 24 -28.90 -0.59 -18.02
N LYS Q 25 -29.05 0.60 -18.63
CA LYS Q 25 -29.04 1.86 -17.87
C LYS Q 25 -30.05 1.86 -16.74
N ASN Q 26 -31.22 1.26 -16.96
CA ASN Q 26 -32.29 1.18 -15.99
C ASN Q 26 -32.09 0.09 -14.93
N GLY Q 27 -30.90 -0.53 -14.87
CA GLY Q 27 -30.58 -1.48 -13.82
C GLY Q 27 -30.89 -2.93 -14.13
N GLU Q 28 -31.74 -3.18 -15.13
CA GLU Q 28 -32.13 -4.53 -15.50
C GLU Q 28 -30.96 -5.35 -16.02
N GLU Q 29 -30.96 -6.65 -15.72
CA GLU Q 29 -29.91 -7.56 -16.16
C GLU Q 29 -30.46 -8.60 -17.13
N TYR Q 30 -29.68 -8.90 -18.15
CA TYR Q 30 -30.08 -9.84 -19.18
C TYR Q 30 -28.94 -10.83 -19.38
N VAL Q 31 -29.27 -12.11 -19.36
CA VAL Q 31 -28.29 -13.17 -19.47
C VAL Q 31 -28.66 -13.99 -20.70
N GLY Q 32 -27.67 -14.26 -21.54
CA GLY Q 32 -27.87 -15.05 -22.72
C GLY Q 32 -26.53 -15.28 -23.38
N ARG Q 33 -26.56 -15.97 -24.52
CA ARG Q 33 -25.35 -16.32 -25.23
C ARG Q 33 -25.06 -15.25 -26.31
N LEU Q 34 -23.89 -14.64 -26.24
CA LEU Q 34 -23.51 -13.59 -27.19
C LEU Q 34 -23.33 -14.17 -28.59
N GLU Q 35 -24.27 -13.88 -29.50
CA GLU Q 35 -24.17 -14.36 -30.88
C GLU Q 35 -23.51 -13.36 -31.83
N GLN Q 36 -23.70 -12.06 -31.66
CA GLN Q 36 -23.11 -11.06 -32.54
C GLN Q 36 -22.90 -9.77 -31.76
N SER Q 37 -22.00 -8.92 -32.26
CA SER Q 37 -21.71 -7.62 -31.68
C SER Q 37 -21.05 -6.74 -32.73
N ASP Q 38 -21.10 -5.42 -32.51
CA ASP Q 38 -20.46 -4.46 -33.43
C ASP Q 38 -19.70 -3.43 -32.62
N GLY Q 39 -19.12 -2.46 -33.33
CA GLY Q 39 -18.25 -1.47 -32.73
C GLY Q 39 -18.97 -0.45 -31.86
N THR Q 40 -20.27 -0.29 -32.03
CA THR Q 40 -21.05 0.51 -31.09
C THR Q 40 -21.61 -0.31 -29.93
N MET Q 41 -21.26 -1.60 -29.84
CA MET Q 41 -21.67 -2.51 -28.78
C MET Q 41 -23.15 -2.88 -28.85
N ASN Q 42 -23.77 -2.75 -30.01
CA ASN Q 42 -25.01 -3.48 -30.26
C ASN Q 42 -24.70 -4.97 -30.21
N LEU Q 43 -25.62 -5.73 -29.60
CA LEU Q 43 -25.45 -7.15 -29.33
C LEU Q 43 -26.67 -7.91 -29.81
N VAL Q 44 -26.46 -9.15 -30.25
CA VAL Q 44 -27.50 -10.14 -30.37
C VAL Q 44 -27.17 -11.25 -29.37
N LEU Q 45 -28.10 -11.51 -28.47
CA LEU Q 45 -28.02 -12.59 -27.50
C LEU Q 45 -29.04 -13.65 -27.89
N LYS Q 46 -28.67 -14.91 -27.69
CA LYS Q 46 -29.58 -16.04 -27.83
C LYS Q 46 -30.07 -16.48 -26.46
N ASP Q 47 -31.28 -17.02 -26.41
CA ASP Q 47 -31.87 -17.58 -25.19
C ASP Q 47 -31.71 -16.61 -24.01
N CYS Q 48 -32.32 -15.44 -24.17
CA CYS Q 48 -32.11 -14.36 -23.23
C CYS Q 48 -33.15 -14.39 -22.11
N THR Q 49 -32.68 -14.40 -20.87
CA THR Q 49 -33.54 -14.27 -19.71
C THR Q 49 -33.23 -12.96 -19.00
N GLU Q 50 -34.28 -12.21 -18.64
CA GLU Q 50 -34.11 -11.04 -17.80
C GLU Q 50 -34.22 -11.40 -16.32
N TYR Q 51 -33.31 -10.87 -15.52
CA TYR Q 51 -33.28 -11.09 -14.08
C TYR Q 51 -33.47 -9.77 -13.33
N ARG Q 52 -33.97 -9.87 -12.11
CA ARG Q 52 -33.99 -8.73 -11.19
C ARG Q 52 -32.57 -8.37 -10.76
N GLU Q 53 -32.26 -7.07 -10.80
CA GLU Q 53 -30.91 -6.61 -10.48
C GLU Q 53 -30.42 -7.15 -9.15
N GLY Q 54 -29.19 -7.67 -9.14
CA GLY Q 54 -28.57 -8.20 -7.94
C GLY Q 54 -29.06 -9.57 -7.50
N THR Q 55 -30.04 -10.15 -8.17
CA THR Q 55 -30.63 -11.43 -7.77
C THR Q 55 -30.51 -12.45 -8.89
N SER Q 56 -31.05 -13.64 -8.64
CA SER Q 56 -31.12 -14.70 -9.64
C SER Q 56 -32.56 -15.16 -9.88
N ASP Q 57 -33.52 -14.26 -9.67
CA ASP Q 57 -34.93 -14.59 -9.89
C ASP Q 57 -35.36 -14.13 -11.29
N PRO Q 58 -35.71 -15.06 -12.19
CA PRO Q 58 -36.03 -14.64 -13.56
C PRO Q 58 -37.30 -13.80 -13.62
N VAL Q 59 -37.28 -12.80 -14.47
CA VAL Q 59 -38.38 -11.84 -14.64
C VAL Q 59 -39.19 -12.17 -15.89
N ALA Q 60 -38.51 -12.45 -17.00
CA ALA Q 60 -39.15 -12.67 -18.28
C ALA Q 60 -38.13 -13.34 -19.20
N LYS Q 61 -38.63 -14.08 -20.19
CA LYS Q 61 -37.79 -14.63 -21.25
C LYS Q 61 -38.09 -13.88 -22.53
N TYR Q 62 -37.06 -13.57 -23.28
CA TYR Q 62 -37.26 -12.75 -24.48
C TYR Q 62 -36.68 -13.38 -25.74
N GLY Q 63 -36.11 -14.58 -25.65
CA GLY Q 63 -35.65 -15.27 -26.84
C GLY Q 63 -34.39 -14.63 -27.38
N ARG Q 64 -34.30 -14.53 -28.70
CA ARG Q 64 -33.17 -13.88 -29.34
C ARG Q 64 -33.43 -12.37 -29.35
N VAL Q 65 -32.54 -11.60 -28.72
CA VAL Q 65 -32.74 -10.16 -28.59
C VAL Q 65 -31.57 -9.41 -29.21
N LEU Q 66 -31.90 -8.28 -29.84
CA LEU Q 66 -30.95 -7.29 -30.30
C LEU Q 66 -30.95 -6.14 -29.30
N ILE Q 67 -29.81 -5.93 -28.64
CA ILE Q 67 -29.69 -4.95 -27.57
C ILE Q 67 -28.89 -3.75 -28.09
N ARG Q 68 -29.45 -2.55 -27.91
CA ARG Q 68 -28.78 -1.33 -28.35
C ARG Q 68 -27.60 -1.00 -27.46
N GLY Q 69 -26.42 -0.81 -28.08
CA GLY Q 69 -25.22 -0.59 -27.29
C GLY Q 69 -25.25 0.66 -26.41
N SER Q 70 -25.96 1.71 -26.86
CA SER Q 70 -25.90 2.99 -26.17
C SER Q 70 -26.54 2.94 -24.78
N ASN Q 71 -27.48 2.02 -24.53
CA ASN Q 71 -28.11 1.95 -23.21
C ASN Q 71 -27.47 0.90 -22.30
N ILE Q 72 -26.34 0.30 -22.71
CA ILE Q 72 -25.65 -0.68 -21.90
C ILE Q 72 -24.78 0.01 -20.87
N LEU Q 73 -24.83 -0.48 -19.63
CA LEU Q 73 -23.92 -0.04 -18.57
C LEU Q 73 -22.65 -0.87 -18.53
N PHE Q 74 -22.78 -2.20 -18.49
CA PHE Q 74 -21.61 -3.05 -18.59
C PHE Q 74 -22.02 -4.42 -19.09
N ILE Q 75 -21.03 -5.20 -19.50
CA ILE Q 75 -21.21 -6.54 -20.01
C ILE Q 75 -20.24 -7.42 -19.23
N SER Q 76 -20.78 -8.43 -18.56
CA SER Q 76 -19.94 -9.45 -17.95
C SER Q 76 -19.53 -10.41 -19.06
N ILE Q 77 -18.29 -10.31 -19.52
CA ILE Q 77 -17.90 -11.05 -20.72
C ILE Q 77 -17.52 -12.50 -20.43
N ASP Q 78 -17.45 -12.90 -19.17
CA ASP Q 78 -17.13 -14.29 -18.80
C ASP Q 78 -18.10 -14.82 -17.76
N TYR Q 79 -19.40 -14.54 -17.93
CA TYR Q 79 -20.35 -14.77 -16.85
C TYR Q 79 -20.55 -16.24 -16.49
N GLU Q 80 -20.21 -17.17 -17.38
CA GLU Q 80 -20.40 -18.59 -17.07
C GLU Q 80 -19.61 -19.02 -15.84
N SER Q 81 -18.45 -18.38 -15.59
CA SER Q 81 -17.57 -18.78 -14.52
C SER Q 81 -18.03 -18.30 -13.15
N ILE Q 82 -19.14 -17.58 -13.06
CA ILE Q 82 -19.76 -17.30 -11.76
C ILE Q 82 -21.24 -17.63 -11.72
N MET Q 83 -21.93 -17.75 -12.86
CA MET Q 83 -23.35 -18.14 -12.87
C MET Q 83 -23.54 -19.55 -12.31
N LYS R 4 6.05 15.58 -17.56
CA LYS R 4 6.08 15.89 -18.99
C LYS R 4 4.71 16.38 -19.46
N ILE R 5 4.01 15.52 -20.18
CA ILE R 5 2.67 15.79 -20.68
C ILE R 5 1.67 15.06 -19.79
N GLU R 6 0.77 15.83 -19.17
CA GLU R 6 -0.16 15.31 -18.17
C GLU R 6 -1.55 15.83 -18.49
N ASN R 7 -2.53 14.92 -18.51
CA ASN R 7 -3.92 15.28 -18.77
C ASN R 7 -4.82 14.24 -18.14
N PRO R 8 -6.09 14.57 -17.88
CA PRO R 8 -6.98 13.60 -17.21
C PRO R 8 -6.94 12.20 -17.81
N LEU R 9 -6.84 12.08 -19.13
CA LEU R 9 -6.99 10.77 -19.76
C LEU R 9 -5.76 9.90 -19.57
N LYS R 10 -4.56 10.48 -19.68
CA LYS R 10 -3.36 9.69 -19.45
C LYS R 10 -3.20 9.29 -17.99
N SER R 11 -3.85 9.99 -17.07
CA SER R 11 -3.85 9.56 -15.68
C SER R 11 -4.63 8.26 -15.49
N LEU R 12 -5.56 7.96 -16.40
CA LEU R 12 -6.26 6.68 -16.36
C LEU R 12 -5.31 5.52 -16.60
N LYS R 13 -4.30 5.71 -17.46
CA LYS R 13 -3.39 4.62 -17.78
C LYS R 13 -2.36 4.34 -16.71
N THR R 14 -2.12 5.29 -15.79
CA THR R 14 -1.29 4.98 -14.63
C THR R 14 -1.99 4.04 -13.66
N ALA R 15 -3.31 3.89 -13.76
CA ALA R 15 -4.04 2.97 -12.89
C ALA R 15 -4.12 1.56 -13.45
N LEU R 16 -3.54 1.33 -14.63
CA LEU R 16 -3.51 -0.01 -15.22
C LEU R 16 -2.97 -1.03 -14.23
N ASN R 17 -3.69 -2.13 -14.08
CA ASN R 17 -3.40 -3.26 -13.19
C ASN R 17 -3.53 -2.91 -11.73
N LYS R 18 -4.15 -1.79 -11.37
CA LYS R 18 -4.42 -1.46 -9.99
C LYS R 18 -5.93 -1.56 -9.71
N ILE R 19 -6.26 -1.72 -8.43
CA ILE R 19 -7.67 -1.74 -8.05
C ILE R 19 -8.24 -0.34 -8.18
N VAL R 20 -9.39 -0.23 -8.83
CA VAL R 20 -10.06 1.05 -8.99
C VAL R 20 -11.51 0.91 -8.55
N LEU R 21 -12.12 2.04 -8.24
CA LEU R 21 -13.56 2.14 -8.01
C LEU R 21 -14.17 2.98 -9.12
N VAL R 22 -15.22 2.45 -9.74
CA VAL R 22 -15.95 3.13 -10.81
C VAL R 22 -17.36 3.37 -10.31
N LYS R 23 -17.80 4.64 -10.32
CA LYS R 23 -19.19 4.92 -10.05
C LYS R 23 -19.87 5.21 -11.38
N LEU R 24 -21.05 4.62 -11.59
CA LEU R 24 -21.83 4.83 -12.79
C LEU R 24 -22.91 5.86 -12.54
N LYS R 25 -23.58 6.26 -13.64
CA LYS R 25 -24.57 7.35 -13.61
C LYS R 25 -25.70 7.09 -12.61
N ASN R 26 -26.05 5.83 -12.40
CA ASN R 26 -27.12 5.46 -11.47
C ASN R 26 -26.63 5.31 -10.03
N GLY R 27 -25.39 5.66 -9.75
CA GLY R 27 -24.87 5.71 -8.40
C GLY R 27 -24.16 4.46 -7.92
N GLU R 28 -24.32 3.32 -8.60
CA GLU R 28 -23.68 2.12 -8.08
C GLU R 28 -22.19 2.12 -8.35
N GLU R 29 -21.45 1.49 -7.45
CA GLU R 29 -20.00 1.49 -7.47
C GLU R 29 -19.51 0.07 -7.71
N TYR R 30 -18.46 -0.02 -8.54
CA TYR R 30 -17.87 -1.26 -8.98
C TYR R 30 -16.38 -1.20 -8.68
N VAL R 31 -15.86 -2.25 -8.06
CA VAL R 31 -14.46 -2.31 -7.65
C VAL R 31 -13.83 -3.52 -8.31
N GLY R 32 -12.71 -3.31 -8.96
CA GLY R 32 -12.01 -4.40 -9.62
C GLY R 32 -10.66 -3.92 -10.08
N ARG R 33 -9.89 -4.84 -10.64
CA ARG R 33 -8.58 -4.51 -11.18
C ARG R 33 -8.73 -4.02 -12.61
N LEU R 34 -8.24 -2.83 -12.88
CA LEU R 34 -8.30 -2.26 -14.23
C LEU R 34 -7.34 -3.01 -15.15
N GLU R 35 -7.87 -3.67 -16.18
CA GLU R 35 -7.00 -4.39 -17.12
C GLU R 35 -6.79 -3.64 -18.43
N GLN R 36 -7.81 -2.94 -18.92
CA GLN R 36 -7.72 -2.22 -20.18
C GLN R 36 -8.57 -0.96 -20.08
N SER R 37 -8.20 0.06 -20.85
CA SER R 37 -9.00 1.26 -21.02
C SER R 37 -8.72 1.84 -22.39
N ASP R 38 -9.65 2.66 -22.89
CA ASP R 38 -9.43 3.35 -24.14
C ASP R 38 -9.73 4.85 -23.96
N GLY R 39 -9.59 5.59 -25.04
CA GLY R 39 -9.76 7.03 -25.02
C GLY R 39 -11.16 7.48 -24.69
N THR R 40 -12.15 6.64 -24.96
CA THR R 40 -13.52 6.95 -24.58
C THR R 40 -13.83 6.52 -23.15
N MET R 41 -12.85 5.98 -22.44
CA MET R 41 -12.96 5.53 -21.05
C MET R 41 -13.81 4.27 -20.92
N ASN R 42 -13.99 3.50 -22.00
CA ASN R 42 -14.40 2.11 -21.81
C ASN R 42 -13.32 1.40 -21.01
N LEU R 43 -13.74 0.53 -20.11
CA LEU R 43 -12.83 -0.15 -19.20
C LEU R 43 -13.13 -1.64 -19.21
N VAL R 44 -12.09 -2.44 -19.01
CA VAL R 44 -12.23 -3.83 -18.61
C VAL R 44 -11.71 -3.94 -17.19
N LEU R 45 -12.55 -4.46 -16.31
CA LEU R 45 -12.19 -4.72 -14.92
C LEU R 45 -12.24 -6.22 -14.67
N LYS R 46 -11.23 -6.72 -13.96
CA LYS R 46 -11.16 -8.11 -13.53
C LYS R 46 -11.67 -8.20 -12.10
N ASP R 47 -12.38 -9.28 -11.79
CA ASP R 47 -12.86 -9.57 -10.44
C ASP R 47 -13.67 -8.38 -9.91
N CYS R 48 -14.72 -8.05 -10.64
CA CYS R 48 -15.51 -6.87 -10.34
C CYS R 48 -16.63 -7.21 -9.34
N THR R 49 -16.60 -6.56 -8.18
CA THR R 49 -17.67 -6.59 -7.21
C THR R 49 -18.38 -5.24 -7.15
N GLU R 50 -19.71 -5.26 -7.23
CA GLU R 50 -20.53 -4.08 -7.05
C GLU R 50 -20.85 -3.87 -5.57
N TYR R 51 -20.74 -2.61 -5.12
CA TYR R 51 -21.08 -2.23 -3.75
C TYR R 51 -22.19 -1.19 -3.78
N ARG R 52 -23.04 -1.23 -2.76
CA ARG R 52 -24.04 -0.20 -2.62
C ARG R 52 -23.34 1.13 -2.34
N GLU R 53 -23.90 2.20 -2.90
CA GLU R 53 -23.22 3.47 -2.97
C GLU R 53 -22.82 3.98 -1.60
N GLY R 54 -21.55 4.36 -1.47
CA GLY R 54 -21.00 4.94 -0.27
C GLY R 54 -20.63 3.97 0.83
N THR R 55 -20.83 2.67 0.65
CA THR R 55 -20.66 1.69 1.72
C THR R 55 -19.64 0.62 1.32
N SER R 56 -19.54 -0.40 2.18
CA SER R 56 -18.65 -1.55 2.00
C SER R 56 -19.42 -2.85 1.82
N ASP R 57 -20.75 -2.76 1.67
CA ASP R 57 -21.65 -3.90 1.53
C ASP R 57 -21.65 -4.40 0.09
N PRO R 58 -21.06 -5.57 -0.20
CA PRO R 58 -21.16 -6.11 -1.56
C PRO R 58 -22.60 -6.52 -1.86
N VAL R 59 -23.01 -6.27 -3.10
CA VAL R 59 -24.35 -6.65 -3.54
C VAL R 59 -24.32 -7.71 -4.63
N ALA R 60 -23.29 -7.75 -5.46
CA ALA R 60 -23.26 -8.75 -6.53
C ALA R 60 -21.83 -8.85 -7.07
N LYS R 61 -21.51 -10.02 -7.60
CA LYS R 61 -20.22 -10.30 -8.24
C LYS R 61 -20.46 -10.47 -9.72
N TYR R 62 -19.60 -9.85 -10.53
CA TYR R 62 -19.80 -9.86 -11.97
C TYR R 62 -18.61 -10.37 -12.76
N GLY R 63 -17.51 -10.72 -12.10
CA GLY R 63 -16.37 -11.27 -12.80
C GLY R 63 -15.66 -10.20 -13.62
N ARG R 64 -15.30 -10.56 -14.84
CA ARG R 64 -14.65 -9.64 -15.78
C ARG R 64 -15.71 -8.85 -16.53
N VAL R 65 -15.67 -7.52 -16.43
CA VAL R 65 -16.73 -6.68 -17.00
C VAL R 65 -16.15 -5.65 -17.95
N LEU R 66 -16.89 -5.41 -19.03
CA LEU R 66 -16.63 -4.33 -19.96
C LEU R 66 -17.59 -3.19 -19.63
N ILE R 67 -17.06 -2.11 -19.05
CA ILE R 67 -17.86 -0.96 -18.62
C ILE R 67 -17.83 0.11 -19.69
N ARG R 68 -19.00 0.60 -20.07
CA ARG R 68 -19.10 1.61 -21.12
C ARG R 68 -18.74 2.99 -20.56
N GLY R 69 -17.77 3.66 -21.20
CA GLY R 69 -17.27 4.94 -20.69
C GLY R 69 -18.35 6.01 -20.56
N SER R 70 -19.27 6.06 -21.54
CA SER R 70 -20.24 7.15 -21.56
C SER R 70 -21.15 7.17 -20.33
N ASN R 71 -21.27 6.05 -19.62
CA ASN R 71 -22.11 6.01 -18.44
C ASN R 71 -21.32 6.06 -17.14
N ILE R 72 -20.04 6.38 -17.20
CA ILE R 72 -19.23 6.50 -16.00
C ILE R 72 -19.35 7.90 -15.44
N LEU R 73 -19.49 8.01 -14.11
CA LEU R 73 -19.43 9.29 -13.43
C LEU R 73 -17.99 9.65 -13.04
N PHE R 74 -17.29 8.72 -12.39
CA PHE R 74 -15.88 8.94 -12.08
C PHE R 74 -15.22 7.60 -11.80
N ILE R 75 -13.89 7.65 -11.82
CA ILE R 75 -13.03 6.51 -11.49
C ILE R 75 -12.05 6.99 -10.43
N SER R 76 -12.12 6.37 -9.24
CA SER R 76 -11.09 6.51 -8.21
C SER R 76 -9.87 5.69 -8.65
N ILE R 77 -8.87 6.39 -9.20
CA ILE R 77 -7.75 5.74 -9.88
C ILE R 77 -6.64 5.29 -8.94
N ASP R 78 -6.75 5.60 -7.65
CA ASP R 78 -5.78 5.19 -6.63
C ASP R 78 -6.48 4.41 -5.52
N TYR R 79 -7.59 3.75 -5.83
CA TYR R 79 -8.46 3.23 -4.77
C TYR R 79 -7.74 2.21 -3.91
N GLU R 80 -6.90 1.38 -4.52
CA GLU R 80 -6.26 0.29 -3.80
C GLU R 80 -5.45 0.79 -2.61
N SER R 81 -4.90 2.00 -2.71
CA SER R 81 -4.08 2.56 -1.64
C SER R 81 -4.89 3.30 -0.60
N ILE R 82 -6.21 3.34 -0.74
CA ILE R 82 -7.08 3.91 0.28
C ILE R 82 -8.10 2.90 0.83
N MET R 83 -8.39 1.82 0.11
CA MET R 83 -9.39 0.85 0.50
C MET R 83 -9.00 0.03 1.73
N LYS S 4 -7.78 41.07 -22.34
CA LYS S 4 -7.19 39.76 -22.60
C LYS S 4 -8.20 38.76 -23.15
N ILE S 5 -7.77 37.51 -23.25
CA ILE S 5 -8.63 36.39 -23.60
C ILE S 5 -9.24 35.87 -22.30
N GLU S 6 -10.56 35.96 -22.16
CA GLU S 6 -11.26 35.41 -21.00
C GLU S 6 -12.51 34.68 -21.48
N ASN S 7 -12.62 33.41 -21.15
CA ASN S 7 -13.80 32.62 -21.46
C ASN S 7 -14.02 31.61 -20.35
N PRO S 8 -15.23 31.05 -20.23
CA PRO S 8 -15.49 30.08 -19.15
C PRO S 8 -14.43 28.99 -19.02
N LEU S 9 -13.98 28.39 -20.12
CA LEU S 9 -13.05 27.27 -20.04
C LEU S 9 -11.69 27.69 -19.48
N LYS S 10 -11.19 28.85 -19.89
CA LYS S 10 -9.91 29.31 -19.32
C LYS S 10 -10.06 29.61 -17.83
N SER S 11 -11.25 30.01 -17.39
CA SER S 11 -11.47 30.13 -15.94
C SER S 11 -11.28 28.80 -15.23
N LEU S 12 -11.58 27.68 -15.89
CA LEU S 12 -11.33 26.38 -15.29
C LEU S 12 -9.83 26.16 -15.08
N LYS S 13 -9.01 26.64 -16.01
CA LYS S 13 -7.57 26.39 -15.91
C LYS S 13 -6.92 27.23 -14.82
N THR S 14 -7.49 28.38 -14.47
CA THR S 14 -6.97 29.13 -13.33
C THR S 14 -7.20 28.41 -12.02
N ALA S 15 -8.06 27.40 -11.99
CA ALA S 15 -8.39 26.75 -10.73
C ALA S 15 -7.44 25.59 -10.44
N LEU S 16 -6.41 25.40 -11.24
CA LEU S 16 -5.49 24.30 -10.99
C LEU S 16 -4.79 24.52 -9.66
N ASN S 17 -4.60 23.42 -8.93
CA ASN S 17 -4.04 23.38 -7.58
C ASN S 17 -4.93 24.07 -6.56
N LYS S 18 -6.11 24.51 -6.95
CA LYS S 18 -7.04 25.05 -5.97
C LYS S 18 -8.09 24.01 -5.60
N ILE S 19 -8.70 24.22 -4.43
CA ILE S 19 -9.79 23.37 -3.97
C ILE S 19 -11.07 23.77 -4.69
N VAL S 20 -11.75 22.80 -5.29
CA VAL S 20 -12.97 23.06 -6.03
C VAL S 20 -14.08 22.16 -5.49
N LEU S 21 -15.32 22.60 -5.71
CA LEU S 21 -16.47 21.75 -5.54
C LEU S 21 -17.06 21.45 -6.91
N VAL S 22 -17.24 20.16 -7.20
CA VAL S 22 -17.85 19.69 -8.42
C VAL S 22 -19.21 19.07 -8.08
N LYS S 23 -20.27 19.59 -8.68
CA LYS S 23 -21.61 19.01 -8.55
C LYS S 23 -21.97 18.25 -9.82
N LEU S 24 -22.44 17.01 -9.66
CA LEU S 24 -22.80 16.17 -10.78
C LEU S 24 -24.30 16.26 -11.07
N LYS S 25 -24.69 15.68 -12.22
CA LYS S 25 -26.08 15.72 -12.66
C LYS S 25 -27.02 15.11 -11.63
N ASN S 26 -26.58 14.05 -10.94
CA ASN S 26 -27.40 13.42 -9.92
C ASN S 26 -27.45 14.22 -8.62
N GLY S 27 -26.78 15.38 -8.55
CA GLY S 27 -26.83 16.23 -7.38
C GLY S 27 -25.70 16.01 -6.37
N GLU S 28 -24.93 14.94 -6.51
CA GLU S 28 -23.86 14.67 -5.55
C GLU S 28 -22.74 15.68 -5.69
N GLU S 29 -22.12 16.05 -4.56
CA GLU S 29 -21.08 17.07 -4.54
C GLU S 29 -19.76 16.46 -4.13
N TYR S 30 -18.70 16.82 -4.85
CA TYR S 30 -17.35 16.32 -4.64
C TYR S 30 -16.40 17.49 -4.49
N VAL S 31 -15.66 17.50 -3.39
CA VAL S 31 -14.72 18.55 -3.04
C VAL S 31 -13.33 17.94 -2.99
N GLY S 32 -12.36 18.60 -3.63
CA GLY S 32 -11.00 18.13 -3.69
C GLY S 32 -10.15 19.18 -4.39
N ARG S 33 -8.86 18.92 -4.44
CA ARG S 33 -7.92 19.85 -5.07
C ARG S 33 -7.79 19.50 -6.54
N LEU S 34 -8.00 20.49 -7.41
CA LEU S 34 -8.00 20.24 -8.85
C LEU S 34 -6.57 20.04 -9.33
N GLU S 35 -6.29 18.87 -9.91
CA GLU S 35 -4.94 18.60 -10.38
C GLU S 35 -4.80 18.65 -11.88
N GLN S 36 -5.81 18.26 -12.65
CA GLN S 36 -5.73 18.28 -14.10
C GLN S 36 -7.12 18.53 -14.66
N SER S 37 -7.16 19.17 -15.83
CA SER S 37 -8.42 19.38 -16.52
C SER S 37 -8.15 19.41 -18.01
N ASP S 38 -9.19 19.20 -18.79
CA ASP S 38 -9.08 19.27 -20.25
C ASP S 38 -10.29 20.03 -20.77
N GLY S 39 -10.32 20.24 -22.09
CA GLY S 39 -11.34 21.09 -22.68
C GLY S 39 -12.74 20.50 -22.60
N THR S 40 -12.84 19.17 -22.53
CA THR S 40 -14.12 18.53 -22.26
C THR S 40 -14.54 18.61 -20.79
N MET S 41 -13.75 19.29 -19.95
CA MET S 41 -13.99 19.42 -18.50
C MET S 41 -13.91 18.08 -17.76
N ASN S 42 -13.25 17.08 -18.34
CA ASN S 42 -12.74 15.97 -17.53
C ASN S 42 -11.76 16.53 -16.51
N LEU S 43 -11.80 15.99 -15.30
CA LEU S 43 -11.03 16.53 -14.20
C LEU S 43 -10.38 15.39 -13.42
N VAL S 44 -9.22 15.69 -12.84
CA VAL S 44 -8.61 14.85 -11.82
C VAL S 44 -8.53 15.67 -10.54
N LEU S 45 -9.20 15.18 -9.48
CA LEU S 45 -9.09 15.76 -8.15
C LEU S 45 -8.23 14.88 -7.27
N LYS S 46 -7.41 15.52 -6.45
CA LYS S 46 -6.67 14.87 -5.39
C LYS S 46 -7.51 14.92 -4.11
N ASP S 47 -7.50 13.82 -3.35
CA ASP S 47 -8.12 13.72 -2.02
C ASP S 47 -9.56 14.20 -2.04
N CYS S 48 -10.38 13.47 -2.79
CA CYS S 48 -11.75 13.85 -3.08
C CYS S 48 -12.71 13.28 -2.04
N THR S 49 -13.50 14.16 -1.42
CA THR S 49 -14.54 13.77 -0.48
C THR S 49 -15.89 14.11 -1.08
N GLU S 50 -16.82 13.15 -1.04
CA GLU S 50 -18.20 13.39 -1.43
C GLU S 50 -19.01 13.87 -0.24
N TYR S 51 -19.92 14.81 -0.50
CA TYR S 51 -20.80 15.38 0.51
C TYR S 51 -22.23 15.27 0.04
N ARG S 52 -23.14 15.07 0.98
CA ARG S 52 -24.56 15.11 0.64
C ARG S 52 -24.95 16.51 0.19
N GLU S 53 -25.84 16.56 -0.78
CA GLU S 53 -26.09 17.80 -1.51
C GLU S 53 -26.54 18.91 -0.57
N GLY S 54 -25.93 20.09 -0.74
CA GLY S 54 -26.26 21.26 0.03
C GLY S 54 -25.74 21.28 1.45
N THR S 55 -25.14 20.20 1.92
CA THR S 55 -24.72 20.09 3.31
C THR S 55 -23.20 19.98 3.37
N SER S 56 -22.69 19.79 4.58
CA SER S 56 -21.26 19.55 4.76
C SER S 56 -21.03 18.26 5.51
N ASP S 57 -21.92 17.28 5.32
CA ASP S 57 -21.77 15.98 5.95
C ASP S 57 -21.11 15.02 4.98
N PRO S 58 -19.89 14.54 5.24
CA PRO S 58 -19.21 13.66 4.28
C PRO S 58 -19.91 12.33 4.10
N VAL S 59 -19.90 11.84 2.86
CA VAL S 59 -20.52 10.56 2.52
C VAL S 59 -19.47 9.48 2.32
N ALA S 60 -18.38 9.81 1.63
CA ALA S 60 -17.35 8.86 1.29
C ALA S 60 -16.12 9.63 0.86
N LYS S 61 -14.97 8.98 0.98
CA LYS S 61 -13.71 9.50 0.49
C LYS S 61 -13.28 8.62 -0.67
N TYR S 62 -12.85 9.25 -1.77
CA TYR S 62 -12.49 8.51 -2.96
C TYR S 62 -11.05 8.70 -3.39
N GLY S 63 -10.26 9.41 -2.59
CA GLY S 63 -8.87 9.65 -2.96
C GLY S 63 -8.78 10.45 -4.24
N ARG S 64 -7.95 9.97 -5.16
CA ARG S 64 -7.70 10.63 -6.42
C ARG S 64 -8.70 10.13 -7.47
N VAL S 65 -9.49 11.05 -8.04
CA VAL S 65 -10.58 10.66 -8.95
C VAL S 65 -10.43 11.36 -10.29
N LEU S 66 -10.79 10.63 -11.33
CA LEU S 66 -11.01 11.18 -12.65
C LEU S 66 -12.52 11.32 -12.83
N ILE S 67 -12.98 12.55 -12.99
CA ILE S 67 -14.41 12.83 -13.17
C ILE S 67 -14.65 13.11 -14.64
N ARG S 68 -15.69 12.50 -15.20
CA ARG S 68 -16.05 12.71 -16.59
C ARG S 68 -16.82 14.02 -16.73
N GLY S 69 -16.37 14.89 -17.65
CA GLY S 69 -16.95 16.23 -17.74
C GLY S 69 -18.41 16.27 -18.14
N SER S 70 -18.86 15.31 -18.97
CA SER S 70 -20.21 15.38 -19.51
C SER S 70 -21.31 15.18 -18.45
N ASN S 71 -20.97 14.75 -17.24
CA ASN S 71 -21.95 14.64 -16.18
C ASN S 71 -21.83 15.74 -15.15
N ILE S 72 -20.97 16.73 -15.38
CA ILE S 72 -20.81 17.83 -14.45
C ILE S 72 -21.94 18.82 -14.66
N LEU S 73 -22.53 19.29 -13.56
CA LEU S 73 -23.47 20.40 -13.59
C LEU S 73 -22.73 21.73 -13.46
N PHE S 74 -21.88 21.84 -12.45
CA PHE S 74 -21.06 23.03 -12.31
C PHE S 74 -19.88 22.72 -11.40
N ILE S 75 -18.91 23.61 -11.45
CA ILE S 75 -17.68 23.54 -10.67
C ILE S 75 -17.53 24.88 -9.97
N SER S 76 -17.56 24.86 -8.64
CA SER S 76 -17.16 26.02 -7.84
C SER S 76 -15.65 26.13 -7.91
N ILE S 77 -15.14 27.09 -8.69
CA ILE S 77 -13.71 27.14 -8.98
C ILE S 77 -12.93 27.87 -7.89
N ASP S 78 -13.60 28.43 -6.88
CA ASP S 78 -12.96 29.19 -5.80
C ASP S 78 -13.37 28.66 -4.45
N TYR S 79 -13.57 27.36 -4.33
CA TYR S 79 -14.42 26.88 -3.24
C TYR S 79 -13.77 27.02 -1.87
N GLU S 80 -12.44 27.08 -1.78
CA GLU S 80 -11.81 27.23 -0.47
C GLU S 80 -12.20 28.56 0.18
N SER S 81 -12.48 29.57 -0.62
CA SER S 81 -12.83 30.88 -0.08
C SER S 81 -14.21 30.91 0.55
N ILE S 82 -15.03 29.88 0.35
CA ILE S 82 -16.42 29.93 0.74
C ILE S 82 -16.68 28.87 1.79
N MET S 83 -15.93 27.77 1.71
CA MET S 83 -16.09 26.67 2.65
C MET S 83 -15.34 26.94 3.95
N LYS T 4 -29.62 43.49 -39.47
CA LYS T 4 -30.71 42.97 -38.64
C LYS T 4 -30.28 41.78 -37.79
N ILE T 5 -29.31 41.94 -36.89
CA ILE T 5 -28.71 40.80 -36.18
C ILE T 5 -29.40 40.61 -34.83
N GLU T 6 -30.45 39.81 -34.83
CA GLU T 6 -31.26 39.53 -33.64
C GLU T 6 -31.13 38.04 -33.31
N ASN T 7 -30.46 37.68 -32.21
CA ASN T 7 -30.48 36.24 -31.93
C ASN T 7 -30.30 35.96 -30.45
N PRO T 8 -30.81 34.83 -29.98
CA PRO T 8 -30.86 34.58 -28.53
C PRO T 8 -29.52 34.60 -27.80
N LEU T 9 -28.46 34.08 -28.42
CA LEU T 9 -27.16 34.05 -27.76
C LEU T 9 -26.59 35.45 -27.52
N LYS T 10 -26.79 36.39 -28.45
CA LYS T 10 -26.25 37.72 -28.20
C LYS T 10 -27.00 38.43 -27.07
N SER T 11 -28.27 38.10 -26.85
CA SER T 11 -28.97 38.68 -25.71
C SER T 11 -28.40 38.20 -24.38
N LEU T 12 -27.76 37.03 -24.36
CA LEU T 12 -26.98 36.59 -23.20
C LEU T 12 -25.77 37.48 -22.97
N LYS T 13 -25.14 37.98 -24.04
CA LYS T 13 -24.03 38.92 -23.87
C LYS T 13 -24.47 40.24 -23.24
N THR T 14 -25.72 40.65 -23.45
CA THR T 14 -26.20 41.88 -22.85
C THR T 14 -26.34 41.79 -21.34
N ALA T 15 -26.39 40.59 -20.78
CA ALA T 15 -26.53 40.41 -19.35
C ALA T 15 -25.20 40.43 -18.62
N LEU T 16 -24.09 40.64 -19.34
CA LEU T 16 -22.78 40.64 -18.70
C LEU T 16 -22.74 41.65 -17.55
N ASN T 17 -22.12 41.23 -16.45
CA ASN T 17 -21.97 42.00 -15.22
C ASN T 17 -23.29 42.30 -14.53
N LYS T 18 -24.39 41.68 -14.95
CA LYS T 18 -25.68 41.78 -14.29
C LYS T 18 -26.00 40.50 -13.52
N ILE T 19 -26.89 40.63 -12.54
CA ILE T 19 -27.39 39.49 -11.79
C ILE T 19 -28.34 38.68 -12.65
N VAL T 20 -28.06 37.38 -12.79
CA VAL T 20 -28.94 36.49 -13.55
C VAL T 20 -29.44 35.36 -12.64
N LEU T 21 -30.54 34.74 -13.06
CA LEU T 21 -30.99 33.48 -12.48
C LEU T 21 -30.84 32.40 -13.55
N VAL T 22 -30.25 31.28 -13.15
CA VAL T 22 -30.03 30.11 -14.02
C VAL T 22 -30.76 28.93 -13.39
N LYS T 23 -31.70 28.35 -14.13
CA LYS T 23 -32.33 27.11 -13.68
C LYS T 23 -31.77 25.96 -14.49
N LEU T 24 -31.40 24.87 -13.81
CA LEU T 24 -30.80 23.70 -14.43
C LEU T 24 -31.81 22.58 -14.57
N LYS T 25 -31.40 21.51 -15.27
CA LYS T 25 -32.33 20.45 -15.64
C LYS T 25 -33.02 19.82 -14.43
N ASN T 26 -32.35 19.81 -13.28
CA ASN T 26 -32.97 19.28 -12.06
C ASN T 26 -33.86 20.29 -11.34
N GLY T 27 -34.15 21.43 -11.98
CA GLY T 27 -35.02 22.45 -11.43
C GLY T 27 -34.40 23.37 -10.41
N GLU T 28 -33.15 23.15 -10.03
CA GLU T 28 -32.48 24.04 -9.09
C GLU T 28 -32.18 25.40 -9.72
N GLU T 29 -32.33 26.46 -8.93
CA GLU T 29 -32.09 27.82 -9.36
C GLU T 29 -30.82 28.36 -8.72
N TYR T 30 -29.98 29.01 -9.53
CA TYR T 30 -28.72 29.61 -9.10
C TYR T 30 -28.71 31.07 -9.51
N VAL T 31 -28.40 31.94 -8.54
CA VAL T 31 -28.41 33.38 -8.73
C VAL T 31 -27.01 33.91 -8.51
N GLY T 32 -26.52 34.69 -9.47
CA GLY T 32 -25.22 35.31 -9.32
C GLY T 32 -24.98 36.31 -10.42
N ARG T 33 -23.84 36.98 -10.35
CA ARG T 33 -23.47 37.99 -11.33
C ARG T 33 -22.78 37.34 -12.52
N LEU T 34 -23.34 37.52 -13.70
CA LEU T 34 -22.80 36.90 -14.92
C LEU T 34 -21.50 37.59 -15.30
N GLU T 35 -20.40 36.82 -15.31
CA GLU T 35 -19.07 37.30 -15.61
C GLU T 35 -18.59 36.93 -17.01
N GLN T 36 -18.94 35.73 -17.48
CA GLN T 36 -18.49 35.22 -18.76
C GLN T 36 -19.53 34.26 -19.30
N SER T 37 -19.64 34.23 -20.63
CA SER T 37 -20.44 33.24 -21.34
C SER T 37 -19.71 32.85 -22.62
N ASP T 38 -20.09 31.70 -23.17
CA ASP T 38 -19.58 31.28 -24.47
C ASP T 38 -20.76 30.76 -25.31
N GLY T 39 -20.45 30.33 -26.54
CA GLY T 39 -21.51 29.91 -27.45
C GLY T 39 -22.25 28.65 -27.02
N THR T 40 -21.62 27.81 -26.19
CA THR T 40 -22.27 26.64 -25.61
C THR T 40 -23.22 26.98 -24.47
N MET T 41 -23.29 28.27 -24.08
CA MET T 41 -23.96 28.76 -22.88
C MET T 41 -23.28 28.32 -21.59
N ASN T 42 -22.04 27.82 -21.65
CA ASN T 42 -21.21 27.79 -20.46
C ASN T 42 -21.17 29.17 -19.83
N LEU T 43 -21.33 29.24 -18.51
CA LEU T 43 -21.36 30.49 -17.78
C LEU T 43 -20.32 30.49 -16.67
N VAL T 44 -19.87 31.68 -16.32
CA VAL T 44 -19.18 31.92 -15.05
C VAL T 44 -20.02 32.93 -14.30
N LEU T 45 -20.53 32.54 -13.14
CA LEU T 45 -21.25 33.45 -12.25
C LEU T 45 -20.39 33.77 -11.06
N LYS T 46 -20.48 35.01 -10.61
CA LYS T 46 -19.82 35.49 -9.41
C LYS T 46 -20.83 35.44 -8.27
N ASP T 47 -20.37 35.05 -7.08
CA ASP T 47 -21.16 35.11 -5.84
C ASP T 47 -22.48 34.34 -6.01
N CYS T 48 -22.33 33.07 -6.36
CA CYS T 48 -23.49 32.26 -6.72
C CYS T 48 -24.18 31.69 -5.48
N THR T 49 -25.48 31.87 -5.40
CA THR T 49 -26.30 31.30 -4.34
C THR T 49 -27.37 30.42 -4.97
N GLU T 50 -27.51 29.19 -4.45
CA GLU T 50 -28.62 28.34 -4.86
C GLU T 50 -29.84 28.61 -4.01
N TYR T 51 -30.99 28.67 -4.66
CA TYR T 51 -32.29 28.84 -4.03
C TYR T 51 -33.15 27.64 -4.39
N ARG T 52 -34.08 27.30 -3.51
CA ARG T 52 -35.01 26.24 -3.88
C ARG T 52 -36.04 26.77 -4.87
N GLU T 53 -36.51 25.87 -5.72
CA GLU T 53 -37.28 26.23 -6.90
C GLU T 53 -38.50 27.06 -6.55
N GLY T 54 -38.71 28.15 -7.29
CA GLY T 54 -39.88 28.99 -7.17
C GLY T 54 -39.92 29.90 -5.97
N THR T 55 -38.99 29.78 -5.03
CA THR T 55 -38.96 30.52 -3.79
C THR T 55 -37.69 31.35 -3.70
N SER T 56 -37.52 32.04 -2.57
CA SER T 56 -36.30 32.77 -2.26
C SER T 56 -35.58 32.18 -1.05
N ASP T 57 -35.78 30.88 -0.79
CA ASP T 57 -35.13 30.16 0.31
C ASP T 57 -33.73 29.73 -0.10
N PRO T 58 -32.67 30.38 0.40
CA PRO T 58 -31.31 30.00 -0.01
C PRO T 58 -30.93 28.63 0.54
N VAL T 59 -30.28 27.83 -0.31
CA VAL T 59 -29.94 26.46 0.01
C VAL T 59 -28.45 26.31 0.33
N ALA T 60 -27.60 27.03 -0.39
CA ALA T 60 -26.16 26.84 -0.30
C ALA T 60 -25.50 27.98 -1.04
N LYS T 61 -24.26 28.29 -0.65
CA LYS T 61 -23.44 29.25 -1.36
C LYS T 61 -22.36 28.47 -2.11
N TYR T 62 -22.03 28.93 -3.30
CA TYR T 62 -21.01 28.24 -4.09
C TYR T 62 -19.92 29.15 -4.62
N GLY T 63 -20.01 30.46 -4.39
CA GLY T 63 -18.93 31.37 -4.81
C GLY T 63 -18.89 31.55 -6.32
N ARG T 64 -17.71 31.43 -6.90
CA ARG T 64 -17.56 31.59 -8.34
C ARG T 64 -17.67 30.24 -9.02
N VAL T 65 -18.63 30.11 -9.93
CA VAL T 65 -19.03 28.81 -10.47
C VAL T 65 -18.97 28.82 -11.98
N LEU T 66 -18.42 27.75 -12.54
CA LEU T 66 -18.46 27.47 -13.96
C LEU T 66 -19.64 26.53 -14.19
N ILE T 67 -20.65 27.01 -14.89
CA ILE T 67 -21.85 26.24 -15.15
C ILE T 67 -21.82 25.71 -16.59
N ARG T 68 -22.05 24.41 -16.73
CA ARG T 68 -22.04 23.76 -18.04
C ARG T 68 -23.33 24.05 -18.80
N GLY T 69 -23.19 24.52 -20.04
CA GLY T 69 -24.35 25.01 -20.78
C GLY T 69 -25.42 23.95 -21.04
N SER T 70 -25.00 22.71 -21.27
CA SER T 70 -25.94 21.68 -21.71
C SER T 70 -26.99 21.34 -20.65
N ASN T 71 -26.75 21.63 -19.38
CA ASN T 71 -27.77 21.34 -18.38
C ASN T 71 -28.63 22.53 -18.03
N ILE T 72 -28.47 23.64 -18.74
CA ILE T 72 -29.30 24.81 -18.47
C ILE T 72 -30.66 24.64 -19.12
N LEU T 73 -31.71 24.90 -18.35
CA LEU T 73 -33.06 25.05 -18.91
C LEU T 73 -33.30 26.48 -19.40
N PHE T 74 -33.04 27.46 -18.55
CA PHE T 74 -33.18 28.84 -18.99
C PHE T 74 -32.32 29.75 -18.12
N ILE T 75 -32.05 30.94 -18.64
CA ILE T 75 -31.40 32.02 -17.90
C ILE T 75 -32.36 33.20 -17.87
N SER T 76 -32.56 33.76 -16.68
CA SER T 76 -33.29 35.01 -16.53
C SER T 76 -32.28 36.14 -16.71
N ILE T 77 -32.33 36.80 -17.85
CA ILE T 77 -31.22 37.69 -18.20
C ILE T 77 -31.40 39.09 -17.62
N ASP T 78 -32.61 39.46 -17.21
CA ASP T 78 -32.88 40.73 -16.57
C ASP T 78 -33.32 40.53 -15.12
N TYR T 79 -32.71 39.56 -14.43
CA TYR T 79 -33.22 39.16 -13.13
C TYR T 79 -33.09 40.27 -12.10
N GLU T 80 -32.06 41.12 -12.22
CA GLU T 80 -31.86 42.19 -11.25
C GLU T 80 -33.07 43.12 -11.17
N SER T 81 -33.60 43.52 -12.33
CA SER T 81 -34.80 44.36 -12.40
C SER T 81 -36.02 43.72 -11.74
N ILE T 82 -35.98 42.42 -11.46
CA ILE T 82 -37.13 41.72 -10.91
C ILE T 82 -36.93 41.31 -9.45
N MET T 83 -35.69 41.09 -9.03
CA MET T 83 -35.35 40.62 -7.68
C MET T 83 -35.31 41.76 -6.65
N LYS U 4 -43.93 28.67 -51.08
CA LYS U 4 -44.67 27.59 -50.45
C LYS U 4 -43.77 26.62 -49.70
N ILE U 5 -42.62 27.12 -49.22
CA ILE U 5 -41.75 26.32 -48.36
C ILE U 5 -42.34 26.35 -46.95
N GLU U 6 -42.67 25.17 -46.42
CA GLU U 6 -43.23 25.02 -45.08
C GLU U 6 -42.54 23.85 -44.39
N ASN U 7 -42.20 24.04 -43.12
CA ASN U 7 -41.56 23.01 -42.32
C ASN U 7 -41.61 23.46 -40.85
N PRO U 8 -41.42 22.52 -39.90
CA PRO U 8 -41.59 22.86 -38.48
C PRO U 8 -40.86 24.11 -38.01
N LEU U 9 -39.59 24.28 -38.40
CA LEU U 9 -38.80 25.38 -37.87
C LEU U 9 -39.26 26.75 -38.39
N LYS U 10 -39.69 26.81 -39.64
CA LYS U 10 -40.26 28.07 -40.14
C LYS U 10 -41.54 28.40 -39.40
N SER U 11 -42.32 27.38 -39.01
CA SER U 11 -43.55 27.63 -38.28
C SER U 11 -43.28 28.31 -36.95
N LEU U 12 -42.13 28.01 -36.35
CA LEU U 12 -41.72 28.72 -35.14
C LEU U 12 -41.60 30.21 -35.40
N LYS U 13 -41.00 30.60 -36.53
CA LYS U 13 -40.82 32.01 -36.85
C LYS U 13 -42.14 32.76 -36.88
N THR U 14 -43.25 32.10 -37.24
CA THR U 14 -44.55 32.75 -37.23
C THR U 14 -45.07 33.06 -35.83
N ALA U 15 -44.49 32.49 -34.78
CA ALA U 15 -44.90 32.84 -33.44
C ALA U 15 -44.17 34.06 -32.90
N LEU U 16 -43.21 34.62 -33.64
CA LEU U 16 -42.48 35.79 -33.18
C LEU U 16 -43.46 36.91 -32.85
N ASN U 17 -43.20 37.59 -31.72
CA ASN U 17 -44.02 38.65 -31.14
C ASN U 17 -45.37 38.19 -30.65
N LYS U 18 -45.58 36.88 -30.51
CA LYS U 18 -46.83 36.34 -29.98
C LYS U 18 -46.55 35.59 -28.69
N ILE U 19 -47.57 35.51 -27.85
CA ILE U 19 -47.46 34.71 -26.64
C ILE U 19 -47.45 33.23 -27.00
N VAL U 20 -46.46 32.49 -26.49
CA VAL U 20 -46.37 31.05 -26.69
C VAL U 20 -46.37 30.37 -25.31
N LEU U 21 -46.66 29.08 -25.31
CA LEU U 21 -46.40 28.23 -24.15
C LEU U 21 -45.28 27.28 -24.50
N VAL U 22 -44.26 27.22 -23.65
CA VAL U 22 -43.13 26.31 -23.83
C VAL U 22 -43.15 25.29 -22.70
N LYS U 23 -43.11 24.00 -23.05
CA LYS U 23 -43.00 22.92 -22.06
C LYS U 23 -41.59 22.35 -22.14
N LEU U 24 -40.89 22.35 -21.00
CA LEU U 24 -39.53 21.86 -20.92
C LEU U 24 -39.48 20.40 -20.46
N LYS U 25 -38.29 19.81 -20.55
CA LYS U 25 -38.12 18.38 -20.29
C LYS U 25 -38.69 17.94 -18.95
N ASN U 26 -38.55 18.76 -17.91
CA ASN U 26 -39.12 18.40 -16.61
C ASN U 26 -40.63 18.65 -16.51
N GLY U 27 -41.32 18.91 -17.62
CA GLY U 27 -42.75 19.08 -17.60
C GLY U 27 -43.24 20.46 -17.23
N GLU U 28 -42.36 21.35 -16.78
CA GLU U 28 -42.76 22.71 -16.45
C GLU U 28 -43.14 23.51 -17.69
N GLU U 29 -44.17 24.34 -17.54
CA GLU U 29 -44.69 25.16 -18.63
C GLU U 29 -44.37 26.62 -18.37
N TYR U 30 -43.94 27.31 -19.44
CA TYR U 30 -43.56 28.72 -19.39
C TYR U 30 -44.30 29.46 -20.50
N VAL U 31 -44.93 30.57 -20.12
CA VAL U 31 -45.76 31.36 -21.01
C VAL U 31 -45.17 32.76 -21.08
N GLY U 32 -45.01 33.27 -22.29
CA GLY U 32 -44.42 34.58 -22.50
C GLY U 32 -44.46 34.93 -23.98
N ARG U 33 -44.17 36.20 -24.27
CA ARG U 33 -44.16 36.69 -25.64
C ARG U 33 -42.84 36.31 -26.29
N LEU U 34 -42.88 35.60 -27.40
CA LEU U 34 -41.65 35.18 -28.06
C LEU U 34 -40.99 36.39 -28.74
N GLU U 35 -39.79 36.74 -28.31
CA GLU U 35 -39.05 37.85 -28.91
C GLU U 35 -38.00 37.42 -29.92
N GLN U 36 -37.32 36.30 -29.70
CA GLN U 36 -36.26 35.84 -30.60
C GLN U 36 -36.20 34.32 -30.57
N SER U 37 -35.70 33.75 -31.66
CA SER U 37 -35.44 32.31 -31.73
C SER U 37 -34.35 32.09 -32.76
N ASP U 38 -33.77 30.89 -32.75
CA ASP U 38 -32.71 30.52 -33.68
C ASP U 38 -32.95 29.10 -34.20
N GLY U 39 -32.07 28.66 -35.11
CA GLY U 39 -32.23 27.35 -35.73
C GLY U 39 -32.24 26.19 -34.73
N THR U 40 -31.57 26.34 -33.60
CA THR U 40 -31.55 25.29 -32.59
C THR U 40 -32.73 25.40 -31.62
N MET U 41 -33.64 26.34 -31.83
CA MET U 41 -34.81 26.60 -31.00
C MET U 41 -34.46 27.18 -29.63
N ASN U 42 -33.28 27.78 -29.49
CA ASN U 42 -33.10 28.71 -28.38
C ASN U 42 -34.11 29.83 -28.57
N LEU U 43 -34.74 30.24 -27.46
CA LEU U 43 -35.79 31.24 -27.47
C LEU U 43 -35.46 32.34 -26.46
N VAL U 44 -35.96 33.53 -26.75
CA VAL U 44 -36.04 34.60 -25.76
C VAL U 44 -37.52 34.94 -25.60
N LEU U 45 -38.02 34.82 -24.37
CA LEU U 45 -39.40 35.15 -24.04
C LEU U 45 -39.39 36.41 -23.19
N LYS U 46 -40.36 37.29 -23.41
CA LYS U 46 -40.52 38.44 -22.55
C LYS U 46 -41.60 38.14 -21.51
N ASP U 47 -41.39 38.65 -20.30
CA ASP U 47 -42.33 38.54 -19.18
C ASP U 47 -42.87 37.11 -19.07
N CYS U 48 -41.94 36.23 -18.76
CA CYS U 48 -42.19 34.81 -18.70
C CYS U 48 -42.76 34.44 -17.34
N THR U 49 -43.88 33.71 -17.35
CA THR U 49 -44.45 33.14 -16.15
C THR U 49 -44.46 31.62 -16.24
N GLU U 50 -43.92 30.98 -15.21
CA GLU U 50 -43.97 29.52 -15.09
C GLU U 50 -45.29 29.11 -14.47
N TYR U 51 -45.94 28.12 -15.07
CA TYR U 51 -47.19 27.55 -14.59
C TYR U 51 -46.99 26.07 -14.26
N ARG U 52 -47.69 25.63 -13.20
CA ARG U 52 -47.70 24.22 -12.84
C ARG U 52 -48.32 23.41 -13.98
N GLU U 53 -47.65 22.32 -14.33
CA GLU U 53 -47.96 21.56 -15.54
C GLU U 53 -49.44 21.22 -15.66
N GLY U 54 -50.02 21.54 -16.81
CA GLY U 54 -51.41 21.24 -17.09
C GLY U 54 -52.42 22.18 -16.48
N THR U 55 -52.01 23.25 -15.80
CA THR U 55 -52.93 24.15 -15.12
C THR U 55 -52.66 25.60 -15.53
N SER U 56 -53.45 26.50 -14.94
CA SER U 56 -53.23 27.93 -15.03
C SER U 56 -52.75 28.52 -13.70
N ASP U 57 -52.20 27.67 -12.82
CA ASP U 57 -51.68 28.11 -11.53
C ASP U 57 -50.26 28.66 -11.65
N PRO U 58 -50.09 29.98 -11.55
CA PRO U 58 -48.74 30.55 -11.69
C PRO U 58 -47.87 30.15 -10.51
N VAL U 59 -46.63 29.84 -10.82
CA VAL U 59 -45.67 29.34 -9.86
C VAL U 59 -44.57 30.36 -9.57
N ALA U 60 -44.13 31.09 -10.60
CA ALA U 60 -43.03 32.01 -10.45
C ALA U 60 -42.97 32.88 -11.69
N LYS U 61 -42.41 34.07 -11.55
CA LYS U 61 -42.21 34.99 -12.66
C LYS U 61 -40.72 35.18 -12.86
N TYR U 62 -40.29 35.20 -14.12
CA TYR U 62 -38.88 35.22 -14.43
C TYR U 62 -38.46 36.34 -15.37
N GLY U 63 -39.39 37.21 -15.78
CA GLY U 63 -39.03 38.32 -16.64
C GLY U 63 -38.64 37.84 -18.03
N ARG U 64 -37.60 38.45 -18.58
CA ARG U 64 -37.06 38.06 -19.87
C ARG U 64 -36.12 36.87 -19.70
N VAL U 65 -36.40 35.77 -20.39
CA VAL U 65 -35.61 34.55 -20.21
C VAL U 65 -35.08 34.05 -21.54
N LEU U 66 -33.86 33.50 -21.49
CA LEU U 66 -33.26 32.75 -22.59
C LEU U 66 -33.47 31.26 -22.33
N ILE U 67 -34.30 30.62 -23.14
CA ILE U 67 -34.61 29.19 -23.00
C ILE U 67 -33.73 28.39 -23.93
N ARG U 68 -33.12 27.32 -23.41
CA ARG U 68 -32.27 26.46 -24.23
C ARG U 68 -33.11 25.49 -25.05
N GLY U 69 -32.93 25.51 -26.38
CA GLY U 69 -33.75 24.68 -27.25
C GLY U 69 -33.60 23.18 -27.02
N SER U 70 -32.39 22.74 -26.67
CA SER U 70 -32.15 21.30 -26.49
C SER U 70 -33.02 20.71 -25.38
N ASN U 71 -33.49 21.50 -24.43
CA ASN U 71 -34.29 20.95 -23.34
C ASN U 71 -35.78 21.24 -23.48
N ILE U 72 -36.23 21.69 -24.65
CA ILE U 72 -37.64 21.93 -24.92
C ILE U 72 -38.31 20.64 -25.35
N LEU U 73 -39.51 20.37 -24.82
CA LEU U 73 -40.36 19.30 -25.32
C LEU U 73 -41.26 19.78 -26.47
N PHE U 74 -42.04 20.84 -26.24
CA PHE U 74 -42.78 21.45 -27.33
C PHE U 74 -43.04 22.93 -27.07
N ILE U 75 -43.53 23.59 -28.12
CA ILE U 75 -43.90 25.00 -28.11
C ILE U 75 -45.29 25.13 -28.70
N SER U 76 -46.23 25.65 -27.92
CA SER U 76 -47.53 26.04 -28.48
C SER U 76 -47.35 27.38 -29.20
N ILE U 77 -47.31 27.35 -30.53
CA ILE U 77 -46.98 28.53 -31.33
C ILE U 77 -48.19 29.39 -31.63
N ASP U 78 -49.39 28.96 -31.23
CA ASP U 78 -50.62 29.74 -31.35
C ASP U 78 -51.28 29.94 -30.00
N TYR U 79 -50.49 29.90 -28.91
CA TYR U 79 -51.10 29.83 -27.58
C TYR U 79 -51.97 31.06 -27.32
N GLU U 80 -51.51 32.22 -27.79
CA GLU U 80 -52.22 33.49 -27.64
C GLU U 80 -53.68 33.37 -28.03
N SER U 81 -53.94 32.85 -29.23
CA SER U 81 -55.30 32.83 -29.76
C SER U 81 -56.24 31.93 -28.96
N ILE U 82 -55.74 31.09 -28.06
CA ILE U 82 -56.59 30.17 -27.29
C ILE U 82 -56.41 30.29 -25.79
N MET U 83 -55.55 31.19 -25.31
CA MET U 83 -55.30 31.38 -23.88
C MET U 83 -56.55 31.34 -23.02
N LYS V 4 8.05 -57.58 13.39
CA LYS V 4 8.42 -58.42 12.26
C LYS V 4 7.28 -58.49 11.25
N ILE V 5 6.30 -57.61 11.43
CA ILE V 5 5.24 -57.43 10.45
C ILE V 5 5.83 -56.73 9.23
N GLU V 6 6.06 -57.48 8.15
CA GLU V 6 6.63 -56.92 6.94
C GLU V 6 5.74 -57.28 5.75
N ASN V 7 5.49 -56.31 4.88
CA ASN V 7 4.73 -56.55 3.66
C ASN V 7 5.03 -55.43 2.66
N PRO V 8 4.71 -55.65 1.37
CA PRO V 8 5.03 -54.64 0.35
C PRO V 8 4.63 -53.20 0.68
N LEU V 9 3.37 -52.99 1.09
CA LEU V 9 2.90 -51.62 1.30
C LEU V 9 3.63 -50.93 2.46
N LYS V 10 3.97 -51.68 3.50
CA LYS V 10 4.73 -51.10 4.61
C LYS V 10 6.10 -50.65 4.16
N SER V 11 6.72 -51.41 3.24
CA SER V 11 8.03 -51.02 2.71
C SER V 11 7.95 -49.69 1.97
N LEU V 12 6.81 -49.37 1.36
CA LEU V 12 6.66 -48.08 0.70
C LEU V 12 6.81 -46.93 1.70
N LYS V 13 6.31 -47.11 2.92
CA LYS V 13 6.40 -46.06 3.93
C LYS V 13 7.83 -45.77 4.35
N THR V 14 8.76 -46.71 4.20
CA THR V 14 10.17 -46.46 4.49
C THR V 14 10.83 -45.46 3.53
N ALA V 15 10.17 -45.10 2.43
CA ALA V 15 10.76 -44.18 1.46
C ALA V 15 10.26 -42.77 1.64
N LEU V 16 9.37 -42.53 2.60
CA LEU V 16 8.85 -41.18 2.81
C LEU V 16 10.01 -40.22 3.02
N ASN V 17 9.89 -39.04 2.41
CA ASN V 17 10.89 -37.97 2.44
C ASN V 17 12.20 -38.36 1.77
N LYS V 18 12.24 -39.51 1.08
CA LYS V 18 13.37 -39.90 0.24
C LYS V 18 12.99 -39.79 -1.24
N ILE V 19 14.01 -39.69 -2.07
CA ILE V 19 13.79 -39.66 -3.52
C ILE V 19 13.50 -41.07 -4.01
N VAL V 20 12.44 -41.21 -4.79
CA VAL V 20 12.06 -42.49 -5.37
C VAL V 20 11.98 -42.30 -6.88
N LEU V 21 11.99 -43.43 -7.59
CA LEU V 21 11.67 -43.47 -9.01
C LEU V 21 10.38 -44.25 -9.18
N VAL V 22 9.42 -43.65 -9.88
CA VAL V 22 8.10 -44.24 -10.14
C VAL V 22 7.96 -44.46 -11.65
N LYS V 23 7.67 -45.68 -12.05
CA LYS V 23 7.44 -45.98 -13.46
C LYS V 23 5.96 -46.23 -13.67
N LEU V 24 5.39 -45.56 -14.68
CA LEU V 24 3.96 -45.66 -14.93
C LEU V 24 3.70 -46.65 -16.05
N LYS V 25 2.42 -46.91 -16.30
CA LYS V 25 2.04 -47.98 -17.23
C LYS V 25 2.51 -47.71 -18.66
N ASN V 26 2.56 -46.45 -19.08
CA ASN V 26 3.04 -46.11 -20.42
C ASN V 26 4.56 -46.05 -20.51
N GLY V 27 5.27 -46.52 -19.49
CA GLY V 27 6.70 -46.63 -19.55
C GLY V 27 7.50 -45.46 -19.03
N GLU V 28 6.89 -44.29 -18.83
CA GLU V 28 7.70 -43.16 -18.40
C GLU V 28 8.04 -43.24 -16.91
N GLU V 29 9.21 -42.69 -16.59
CA GLU V 29 9.76 -42.70 -15.24
C GLU V 29 9.73 -41.30 -14.65
N TYR V 30 9.33 -41.24 -13.39
CA TYR V 30 9.22 -40.00 -12.62
C TYR V 30 10.08 -40.13 -11.37
N VAL V 31 10.96 -39.16 -11.15
CA VAL V 31 11.85 -39.14 -10.00
C VAL V 31 11.50 -37.90 -9.16
N GLY V 32 11.34 -38.10 -7.85
CA GLY V 32 11.01 -37.01 -6.95
C GLY V 32 11.08 -37.49 -5.51
N ARG V 33 10.83 -36.57 -4.59
CA ARG V 33 10.87 -36.86 -3.16
C ARG V 33 9.49 -37.27 -2.69
N LEU V 34 9.38 -38.47 -2.13
CA LEU V 34 8.09 -39.01 -1.70
C LEU V 34 7.61 -38.27 -0.45
N GLU V 35 6.52 -37.52 -0.58
CA GLU V 35 5.93 -36.76 0.51
C GLU V 35 4.79 -37.48 1.20
N GLN V 36 3.88 -38.08 0.44
CA GLN V 36 2.71 -38.76 0.99
C GLN V 36 2.39 -39.98 0.14
N SER V 37 1.76 -40.96 0.77
CA SER V 37 1.29 -42.17 0.09
C SER V 37 0.12 -42.72 0.88
N ASP V 38 -0.72 -43.50 0.21
CA ASP V 38 -1.85 -44.14 0.87
C ASP V 38 -1.87 -45.63 0.50
N GLY V 39 -2.89 -46.34 1.01
CA GLY V 39 -2.96 -47.79 0.85
C GLY V 39 -3.22 -48.26 -0.58
N THR V 40 -3.81 -47.42 -1.43
CA THR V 40 -3.94 -47.74 -2.84
C THR V 40 -2.73 -47.28 -3.65
N MET V 41 -1.69 -46.84 -2.98
CA MET V 41 -0.42 -46.40 -3.57
C MET V 41 -0.54 -45.11 -4.38
N ASN V 42 -1.59 -44.30 -4.18
CA ASN V 42 -1.51 -42.91 -4.61
C ASN V 42 -0.31 -42.26 -3.93
N LEU V 43 0.39 -41.38 -4.65
CA LEU V 43 1.61 -40.75 -4.15
C LEU V 43 1.58 -39.25 -4.40
N VAL V 44 2.27 -38.52 -3.54
CA VAL V 44 2.63 -37.13 -3.79
C VAL V 44 4.15 -37.05 -3.82
N LEU V 45 4.69 -36.60 -4.95
CA LEU V 45 6.11 -36.37 -5.13
C LEU V 45 6.36 -34.86 -5.18
N LYS V 46 7.45 -34.45 -4.53
CA LYS V 46 7.96 -33.09 -4.56
C LYS V 46 9.07 -33.00 -5.60
N ASP V 47 9.10 -31.88 -6.33
CA ASP V 47 10.18 -31.58 -7.28
C ASP V 47 10.39 -32.74 -8.23
N CYS V 48 9.34 -33.02 -9.00
CA CYS V 48 9.29 -34.23 -9.80
C CYS V 48 9.82 -33.95 -11.22
N THR V 49 10.75 -34.77 -11.67
CA THR V 49 11.27 -34.73 -13.02
C THR V 49 10.89 -36.01 -13.75
N GLU V 50 10.30 -35.86 -14.93
CA GLU V 50 10.08 -36.99 -15.82
C GLU V 50 11.33 -37.27 -16.64
N TYR V 51 11.69 -38.54 -16.73
CA TYR V 51 12.83 -39.00 -17.53
C TYR V 51 12.35 -39.94 -18.62
N ARG V 52 13.06 -39.91 -19.75
CA ARG V 52 12.83 -40.89 -20.79
C ARG V 52 13.24 -42.26 -20.27
N GLU V 53 12.38 -43.24 -20.50
CA GLU V 53 12.53 -44.55 -19.86
C GLU V 53 13.89 -45.16 -20.16
N GLY V 54 14.50 -45.74 -19.12
CA GLY V 54 15.81 -46.36 -19.21
C GLY V 54 17.00 -45.42 -19.18
N THR V 55 16.79 -44.09 -19.10
CA THR V 55 17.89 -43.17 -19.30
C THR V 55 17.94 -42.14 -18.16
N SER V 56 18.94 -41.25 -18.28
CA SER V 56 19.10 -40.09 -17.42
C SER V 56 18.76 -38.79 -18.15
N ASP V 57 18.02 -38.87 -19.26
CA ASP V 57 17.60 -37.74 -20.08
C ASP V 57 16.32 -37.09 -19.57
N PRO V 58 16.40 -35.95 -18.88
CA PRO V 58 15.19 -35.28 -18.41
C PRO V 58 14.32 -34.84 -19.57
N VAL V 59 13.01 -34.92 -19.41
CA VAL V 59 12.12 -34.50 -20.50
C VAL V 59 11.12 -33.45 -20.06
N ALA V 60 10.81 -33.39 -18.77
CA ALA V 60 9.86 -32.38 -18.29
C ALA V 60 9.95 -32.30 -16.77
N LYS V 61 9.59 -31.12 -16.24
CA LYS V 61 9.49 -30.88 -14.81
C LYS V 61 8.03 -30.63 -14.49
N TYR V 62 7.55 -31.25 -13.42
CA TYR V 62 6.14 -31.16 -13.08
C TYR V 62 5.89 -30.64 -11.66
N GLY V 63 6.94 -30.31 -10.91
CA GLY V 63 6.76 -29.76 -9.58
C GLY V 63 6.23 -30.82 -8.63
N ARG V 64 5.24 -30.46 -7.83
CA ARG V 64 4.62 -31.40 -6.91
C ARG V 64 3.48 -32.12 -7.65
N VAL V 65 3.54 -33.45 -7.68
CA VAL V 65 2.55 -34.23 -8.43
C VAL V 65 1.82 -35.21 -7.51
N LEU V 66 0.53 -35.39 -7.80
CA LEU V 66 -0.28 -36.46 -7.25
C LEU V 66 -0.38 -37.56 -8.31
N ILE V 67 0.17 -38.73 -8.00
CA ILE V 67 0.24 -39.86 -8.90
C ILE V 67 -0.80 -40.88 -8.48
N ARG V 68 -1.63 -41.31 -9.43
CA ARG V 68 -2.66 -42.31 -9.17
C ARG V 68 -2.04 -43.70 -9.09
N GLY V 69 -2.30 -44.41 -7.99
CA GLY V 69 -1.65 -45.70 -7.78
C GLY V 69 -2.02 -46.76 -8.80
N SER V 70 -3.27 -46.76 -9.25
CA SER V 70 -3.72 -47.83 -10.14
C SER V 70 -3.01 -47.80 -11.48
N ASN V 71 -2.26 -46.73 -11.80
CA ASN V 71 -1.52 -46.68 -13.04
C ASN V 71 -0.01 -46.77 -12.84
N ILE V 72 0.44 -47.12 -11.63
CA ILE V 72 1.86 -47.32 -11.35
C ILE V 72 2.26 -48.74 -11.72
N LEU V 73 3.45 -48.88 -12.32
CA LEU V 73 4.06 -50.19 -12.55
C LEU V 73 4.97 -50.60 -11.41
N PHE V 74 5.93 -49.74 -11.03
CA PHE V 74 6.73 -50.01 -9.85
C PHE V 74 7.27 -48.71 -9.30
N ILE V 75 7.81 -48.80 -8.09
CA ILE V 75 8.43 -47.70 -7.37
C ILE V 75 9.77 -48.23 -6.89
N SER V 76 10.85 -47.53 -7.25
CA SER V 76 12.16 -47.77 -6.65
C SER V 76 12.19 -47.05 -5.31
N ILE V 77 12.04 -47.83 -4.23
CA ILE V 77 11.90 -47.24 -2.89
C ILE V 77 13.23 -46.87 -2.28
N ASP V 78 14.35 -47.19 -2.92
CA ASP V 78 15.65 -46.83 -2.41
C ASP V 78 16.47 -46.08 -3.47
N TYR V 79 15.78 -45.31 -4.32
CA TYR V 79 16.46 -44.75 -5.49
C TYR V 79 17.53 -43.75 -5.09
N GLU V 80 17.25 -42.90 -4.08
CA GLU V 80 18.20 -41.87 -3.68
C GLU V 80 19.57 -42.46 -3.36
N SER V 81 19.61 -43.62 -2.70
CA SER V 81 20.89 -44.23 -2.36
C SER V 81 21.59 -44.87 -3.55
N ILE V 82 20.96 -44.89 -4.73
CA ILE V 82 21.56 -45.54 -5.90
C ILE V 82 21.60 -44.62 -7.13
N LYS W 4 -2.58 -81.45 1.27
CA LYS W 4 -3.28 -81.43 -0.01
C LYS W 4 -3.55 -80.00 -0.47
N ILE W 5 -3.02 -79.03 0.27
CA ILE W 5 -3.28 -77.62 0.01
C ILE W 5 -2.10 -77.06 -0.78
N GLU W 6 -2.22 -77.12 -2.10
CA GLU W 6 -1.35 -76.40 -3.00
C GLU W 6 -2.22 -75.50 -3.87
N ASN W 7 -1.83 -74.24 -3.99
CA ASN W 7 -2.51 -73.32 -4.89
C ASN W 7 -1.49 -72.34 -5.46
N PRO W 8 -1.81 -71.68 -6.58
CA PRO W 8 -0.81 -70.83 -7.25
C PRO W 8 -0.19 -69.76 -6.35
N LEU W 9 -0.99 -69.06 -5.54
CA LEU W 9 -0.44 -67.98 -4.71
C LEU W 9 0.49 -68.50 -3.64
N LYS W 10 0.19 -69.67 -3.07
CA LYS W 10 1.11 -70.26 -2.11
C LYS W 10 2.46 -70.56 -2.75
N SER W 11 2.43 -71.01 -4.01
CA SER W 11 3.69 -71.33 -4.69
C SER W 11 4.57 -70.10 -4.82
N LEU W 12 3.97 -68.91 -4.85
CA LEU W 12 4.73 -67.66 -4.78
C LEU W 12 5.48 -67.53 -3.47
N LYS W 13 4.91 -68.03 -2.37
CA LYS W 13 5.61 -67.99 -1.09
C LYS W 13 6.88 -68.83 -1.11
N THR W 14 6.92 -69.90 -1.90
CA THR W 14 8.14 -70.71 -1.95
C THR W 14 9.30 -70.05 -2.68
N ALA W 15 9.09 -68.91 -3.34
CA ALA W 15 10.19 -68.23 -4.00
C ALA W 15 10.84 -67.16 -3.12
N LEU W 16 10.41 -67.05 -1.86
CA LEU W 16 10.96 -66.04 -0.97
C LEU W 16 12.47 -66.23 -0.82
N ASN W 17 13.20 -65.13 -0.92
CA ASN W 17 14.66 -65.05 -0.87
C ASN W 17 15.34 -65.68 -2.07
N LYS W 18 14.59 -66.17 -3.06
CA LYS W 18 15.14 -66.63 -4.32
C LYS W 18 15.10 -65.53 -5.38
N ILE W 19 15.89 -65.71 -6.42
CA ILE W 19 15.88 -64.81 -7.56
C ILE W 19 14.71 -65.16 -8.47
N VAL W 20 13.90 -64.17 -8.83
CA VAL W 20 12.76 -64.41 -9.70
C VAL W 20 12.84 -63.49 -10.92
N LEU W 21 12.12 -63.87 -11.96
CA LEU W 21 11.89 -63.00 -13.09
C LEU W 21 10.42 -62.62 -13.10
N VAL W 22 10.14 -61.33 -13.22
CA VAL W 22 8.78 -60.82 -13.31
C VAL W 22 8.62 -60.16 -14.68
N LYS W 23 7.63 -60.61 -15.45
CA LYS W 23 7.29 -59.98 -16.72
C LYS W 23 6.03 -59.14 -16.55
N LEU W 24 6.11 -57.86 -16.91
CA LEU W 24 4.99 -56.93 -16.75
C LEU W 24 4.14 -56.87 -18.03
N LYS W 25 2.97 -56.24 -17.91
CA LYS W 25 1.97 -56.25 -18.99
C LYS W 25 2.50 -55.61 -20.30
N ASN W 26 3.51 -54.76 -20.21
CA ASN W 26 4.15 -54.18 -21.38
C ASN W 26 5.30 -55.01 -21.92
N GLY W 27 5.48 -56.23 -21.41
CA GLY W 27 6.52 -57.11 -21.91
C GLY W 27 7.88 -56.92 -21.28
N GLU W 28 8.05 -55.94 -20.40
CA GLU W 28 9.34 -55.74 -19.76
C GLU W 28 9.59 -56.79 -18.67
N GLU W 29 10.85 -57.19 -18.54
CA GLU W 29 11.24 -58.26 -17.62
C GLU W 29 12.19 -57.69 -16.59
N TYR W 30 11.93 -58.05 -15.32
CA TYR W 30 12.69 -57.58 -14.16
C TYR W 30 13.16 -58.79 -13.38
N VAL W 31 14.46 -58.87 -13.16
CA VAL W 31 15.08 -59.95 -12.39
C VAL W 31 15.57 -59.37 -11.08
N GLY W 32 15.31 -60.08 -9.99
CA GLY W 32 15.79 -59.67 -8.67
C GLY W 32 15.44 -60.72 -7.64
N ARG W 33 15.87 -60.46 -6.41
CA ARG W 33 15.63 -61.39 -5.30
C ARG W 33 14.31 -61.04 -4.63
N LEU W 34 13.40 -62.01 -4.57
CA LEU W 34 12.09 -61.80 -3.96
C LEU W 34 12.22 -61.65 -2.45
N GLU W 35 11.88 -60.46 -1.95
CA GLU W 35 11.97 -60.18 -0.52
C GLU W 35 10.62 -60.23 0.19
N GLN W 36 9.55 -59.78 -0.45
CA GLN W 36 8.22 -59.83 0.13
C GLN W 36 7.21 -59.96 -0.97
N SER W 37 6.06 -60.52 -0.61
CA SER W 37 4.89 -60.59 -1.48
C SER W 37 3.65 -60.54 -0.60
N ASP W 38 2.54 -60.11 -1.19
CA ASP W 38 1.24 -60.16 -0.51
C ASP W 38 0.26 -60.90 -1.40
N GLY W 39 -0.97 -61.07 -0.91
CA GLY W 39 -1.96 -61.88 -1.57
C GLY W 39 -2.47 -61.32 -2.89
N THR W 40 -2.24 -60.04 -3.16
CA THR W 40 -2.56 -59.49 -4.47
C THR W 40 -1.35 -59.48 -5.39
N MET W 41 -0.26 -60.11 -4.98
CA MET W 41 0.96 -60.30 -5.77
C MET W 41 1.76 -59.01 -5.95
N ASN W 42 1.49 -57.97 -5.14
CA ASN W 42 2.50 -56.95 -4.94
C ASN W 42 3.77 -57.61 -4.45
N LEU W 43 4.91 -57.20 -5.02
CA LEU W 43 6.19 -57.79 -4.66
C LEU W 43 7.17 -56.71 -4.26
N VAL W 44 8.11 -57.09 -3.40
CA VAL W 44 9.34 -56.33 -3.21
C VAL W 44 10.49 -57.18 -3.70
N LEU W 45 11.20 -56.68 -4.72
CA LEU W 45 12.41 -57.29 -5.23
C LEU W 45 13.63 -56.47 -4.81
N LYS W 46 14.70 -57.16 -4.43
CA LYS W 46 15.98 -56.53 -4.14
C LYS W 46 16.91 -56.72 -5.32
N ASP W 47 17.74 -55.70 -5.58
CA ASP W 47 18.76 -55.77 -6.63
C ASP W 47 18.12 -56.03 -8.00
N CYS W 48 17.15 -55.20 -8.33
CA CYS W 48 16.35 -55.43 -9.52
C CYS W 48 17.01 -54.80 -10.75
N THR W 49 17.22 -55.60 -11.77
CA THR W 49 17.69 -55.09 -13.05
C THR W 49 16.67 -55.46 -14.12
N GLU W 50 16.24 -54.47 -14.89
CA GLU W 50 15.35 -54.71 -16.02
C GLU W 50 16.13 -55.21 -17.24
N TYR W 51 15.58 -56.22 -17.91
CA TYR W 51 16.12 -56.72 -19.16
C TYR W 51 15.12 -56.48 -20.28
N ARG W 52 15.64 -56.37 -21.51
CA ARG W 52 14.76 -56.33 -22.67
C ARG W 52 14.18 -57.71 -22.92
N GLU W 53 12.93 -57.73 -23.36
CA GLU W 53 12.13 -58.95 -23.33
C GLU W 53 12.76 -60.08 -24.15
N GLY W 54 12.85 -61.25 -23.52
CA GLY W 54 13.35 -62.44 -24.18
C GLY W 54 14.85 -62.50 -24.34
N THR W 55 15.59 -61.55 -23.78
CA THR W 55 17.05 -61.50 -23.87
C THR W 55 17.62 -61.39 -22.46
N SER W 56 18.96 -61.31 -22.40
CA SER W 56 19.66 -60.94 -21.19
C SER W 56 20.49 -59.66 -21.41
N ASP W 57 19.96 -58.74 -22.22
CA ASP W 57 20.55 -57.42 -22.35
C ASP W 57 19.97 -56.52 -21.27
N PRO W 58 20.75 -56.10 -20.27
CA PRO W 58 20.20 -55.24 -19.22
C PRO W 58 19.89 -53.86 -19.77
N VAL W 59 18.79 -53.29 -19.28
CA VAL W 59 18.31 -52.00 -19.72
C VAL W 59 18.56 -50.92 -18.69
N ALA W 60 18.44 -51.27 -17.41
CA ALA W 60 18.57 -50.30 -16.32
C ALA W 60 18.56 -51.06 -14.99
N LYS W 61 19.09 -50.39 -13.97
CA LYS W 61 19.12 -50.89 -12.60
C LYS W 61 18.20 -50.01 -11.76
N TYR W 62 17.41 -50.64 -10.90
CA TYR W 62 16.42 -49.93 -10.12
C TYR W 62 16.50 -50.20 -8.62
N GLY W 63 17.42 -51.07 -8.19
CA GLY W 63 17.61 -51.29 -6.76
C GLY W 63 16.46 -52.09 -6.17
N ARG W 64 16.03 -51.68 -4.98
CA ARG W 64 14.89 -52.30 -4.32
C ARG W 64 13.59 -51.71 -4.87
N VAL W 65 12.73 -52.53 -5.44
CA VAL W 65 11.54 -52.07 -6.13
C VAL W 65 10.30 -52.71 -5.52
N LEU W 66 9.24 -51.91 -5.37
CA LEU W 66 7.89 -52.39 -5.08
C LEU W 66 7.14 -52.48 -6.40
N ILE W 67 6.83 -53.70 -6.83
CA ILE W 67 6.10 -53.96 -8.06
C ILE W 67 4.63 -54.16 -7.72
N ARG W 68 3.77 -53.54 -8.50
CA ARG W 68 2.32 -53.68 -8.30
C ARG W 68 1.82 -54.95 -8.97
N GLY W 69 1.11 -55.80 -8.19
CA GLY W 69 0.69 -57.09 -8.70
C GLY W 69 -0.29 -57.02 -9.86
N SER W 70 -1.13 -56.00 -9.89
CA SER W 70 -2.16 -55.96 -10.92
C SER W 70 -1.59 -55.79 -12.33
N ASN W 71 -0.31 -55.44 -12.49
CA ASN W 71 0.25 -55.33 -13.82
C ASN W 71 1.23 -56.43 -14.15
N ILE W 72 1.28 -57.49 -13.36
CA ILE W 72 2.18 -58.61 -13.64
C ILE W 72 1.52 -59.56 -14.63
N LEU W 73 2.29 -60.01 -15.63
CA LEU W 73 1.83 -61.11 -16.46
C LEU W 73 2.16 -62.45 -15.82
N PHE W 74 3.41 -62.66 -15.45
CA PHE W 74 3.76 -63.90 -14.77
C PHE W 74 5.03 -63.67 -13.97
N ILE W 75 5.29 -64.61 -13.07
CA ILE W 75 6.52 -64.64 -12.29
C ILE W 75 7.15 -66.00 -12.53
N SER W 76 8.44 -66.00 -12.89
CA SER W 76 9.24 -67.21 -12.90
C SER W 76 9.75 -67.46 -11.49
N ILE W 77 9.10 -68.37 -10.77
CA ILE W 77 9.39 -68.52 -9.34
C ILE W 77 10.63 -69.35 -9.06
N ASP W 78 11.19 -70.01 -10.09
CA ASP W 78 12.40 -70.82 -9.97
C ASP W 78 13.53 -70.30 -10.86
N TYR W 79 13.55 -69.00 -11.14
CA TYR W 79 14.41 -68.51 -12.22
C TYR W 79 15.89 -68.71 -11.90
N GLU W 80 16.26 -68.59 -10.62
CA GLU W 80 17.67 -68.67 -10.26
C GLU W 80 18.24 -70.04 -10.62
N SER W 81 17.47 -71.09 -10.38
CA SER W 81 17.91 -72.45 -10.68
C SER W 81 17.95 -72.76 -12.17
N ILE W 82 17.60 -71.82 -13.04
CA ILE W 82 17.66 -72.06 -14.48
C ILE W 82 18.41 -70.92 -15.18
N MET W 83 18.62 -69.81 -14.46
CA MET W 83 19.30 -68.65 -15.05
C MET W 83 20.77 -68.95 -15.32
N LYS X 4 -21.93 -85.06 -13.17
CA LYS X 4 -23.01 -84.46 -13.92
C LYS X 4 -22.84 -82.94 -14.04
N ILE X 5 -22.09 -82.36 -13.11
CA ILE X 5 -21.77 -80.94 -13.10
C ILE X 5 -20.65 -80.66 -14.10
N GLU X 6 -20.94 -79.87 -15.12
CA GLU X 6 -19.94 -79.50 -16.12
C GLU X 6 -20.01 -77.99 -16.36
N ASN X 7 -18.89 -77.30 -16.14
CA ASN X 7 -18.80 -75.88 -16.48
C ASN X 7 -17.40 -75.56 -16.99
N PRO X 8 -17.20 -74.37 -17.59
CA PRO X 8 -15.85 -74.03 -18.13
C PRO X 8 -14.72 -74.14 -17.11
N LEU X 9 -14.91 -73.65 -15.90
CA LEU X 9 -13.83 -73.63 -14.92
C LEU X 9 -13.46 -75.05 -14.48
N LYS X 10 -14.45 -75.92 -14.31
CA LYS X 10 -14.19 -77.31 -14.01
C LYS X 10 -13.42 -77.99 -15.14
N SER X 11 -13.70 -77.60 -16.38
CA SER X 11 -12.95 -78.16 -17.50
C SER X 11 -11.46 -77.84 -17.42
N LEU X 12 -11.12 -76.73 -16.76
CA LEU X 12 -9.72 -76.41 -16.55
C LEU X 12 -9.05 -77.44 -15.63
N LYS X 13 -9.75 -77.93 -14.61
CA LYS X 13 -9.13 -78.91 -13.72
C LYS X 13 -8.85 -80.25 -14.41
N THR X 14 -9.54 -80.56 -15.51
CA THR X 14 -9.20 -81.77 -16.26
C THR X 14 -7.86 -81.70 -16.99
N ALA X 15 -7.25 -80.52 -17.10
CA ALA X 15 -5.97 -80.40 -17.76
C ALA X 15 -4.80 -80.44 -16.79
N LEU X 16 -5.07 -80.65 -15.50
CA LEU X 16 -4.00 -80.73 -14.53
C LEU X 16 -3.02 -81.82 -14.91
N ASN X 17 -1.73 -81.53 -14.76
CA ASN X 17 -0.60 -82.41 -15.08
C ASN X 17 -0.47 -82.71 -16.56
N LYS X 18 -1.21 -82.01 -17.41
CA LYS X 18 -1.07 -82.11 -18.86
C LYS X 18 -0.45 -80.84 -19.45
N ILE X 19 0.11 -80.98 -20.65
CA ILE X 19 0.65 -79.84 -21.39
C ILE X 19 -0.51 -78.95 -21.84
N VAL X 20 -0.40 -77.66 -21.58
CA VAL X 20 -1.40 -76.72 -22.07
C VAL X 20 -0.71 -75.58 -22.82
N LEU X 21 -1.48 -74.92 -23.68
CA LEU X 21 -1.10 -73.64 -24.29
C LEU X 21 -1.95 -72.52 -23.71
N VAL X 22 -1.29 -71.52 -23.16
CA VAL X 22 -1.92 -70.33 -22.61
C VAL X 22 -1.58 -69.14 -23.51
N LYS X 23 -2.60 -68.44 -24.01
CA LYS X 23 -2.39 -67.22 -24.78
C LYS X 23 -2.81 -66.00 -23.95
N LEU X 24 -1.91 -65.02 -23.84
CA LEU X 24 -2.15 -63.83 -23.02
C LEU X 24 -2.66 -62.67 -23.90
N LYS X 25 -3.12 -61.61 -23.22
CA LYS X 25 -3.75 -60.49 -23.91
C LYS X 25 -2.84 -59.88 -24.99
N ASN X 26 -1.54 -59.84 -24.74
CA ASN X 26 -0.61 -59.31 -25.73
C ASN X 26 -0.32 -60.30 -26.86
N GLY X 27 -1.02 -61.44 -26.90
CA GLY X 27 -0.84 -62.39 -27.98
C GLY X 27 0.26 -63.41 -27.79
N GLU X 28 1.14 -63.23 -26.81
CA GLU X 28 2.18 -64.21 -26.52
C GLU X 28 1.59 -65.55 -26.07
N GLU X 29 2.22 -66.66 -26.50
CA GLU X 29 1.75 -68.01 -26.22
C GLU X 29 2.76 -68.72 -25.33
N TYR X 30 2.26 -69.40 -24.30
CA TYR X 30 3.07 -70.10 -23.31
C TYR X 30 2.61 -71.54 -23.19
N VAL X 31 3.52 -72.48 -23.45
CA VAL X 31 3.25 -73.90 -23.44
C VAL X 31 4.01 -74.50 -22.26
N GLY X 32 3.31 -75.30 -21.45
CA GLY X 32 3.95 -75.98 -20.34
C GLY X 32 2.96 -76.87 -19.62
N ARG X 33 3.47 -77.59 -18.63
CA ARG X 33 2.67 -78.59 -17.92
C ARG X 33 1.92 -77.93 -16.77
N LEU X 34 0.60 -77.97 -16.84
CA LEU X 34 -0.25 -77.36 -15.81
C LEU X 34 -0.11 -78.09 -14.49
N GLU X 35 0.51 -77.45 -13.49
CA GLU X 35 0.64 -78.01 -12.15
C GLU X 35 -0.43 -77.53 -11.17
N GLN X 36 -0.85 -76.27 -11.23
CA GLN X 36 -1.82 -75.75 -10.27
C GLN X 36 -2.71 -74.72 -10.97
N SER X 37 -3.93 -74.58 -10.49
CA SER X 37 -4.82 -73.54 -10.98
C SER X 37 -5.79 -73.18 -9.88
N ASP X 38 -6.31 -71.96 -9.91
CA ASP X 38 -7.32 -71.56 -8.92
C ASP X 38 -8.54 -70.99 -9.64
N GLY X 39 -9.53 -70.55 -8.85
CA GLY X 39 -10.78 -70.11 -9.43
C GLY X 39 -10.69 -68.81 -10.21
N THR X 40 -9.64 -68.03 -9.97
CA THR X 40 -9.36 -66.86 -10.78
C THR X 40 -8.54 -67.19 -12.01
N MET X 41 -8.32 -68.48 -12.29
CA MET X 41 -7.52 -68.92 -13.42
C MET X 41 -6.07 -68.47 -13.33
N ASN X 42 -5.60 -68.12 -12.13
CA ASN X 42 -4.17 -68.10 -11.91
C ASN X 42 -3.64 -69.51 -12.12
N LEU X 43 -2.48 -69.62 -12.76
CA LEU X 43 -1.92 -70.94 -13.10
C LEU X 43 -0.47 -71.03 -12.68
N VAL X 44 -0.03 -72.24 -12.35
CA VAL X 44 1.38 -72.59 -12.28
C VAL X 44 1.67 -73.60 -13.37
N LEU X 45 2.62 -73.26 -14.25
CA LEU X 45 3.09 -74.12 -15.33
C LEU X 45 4.52 -74.56 -15.07
N LYS X 46 4.78 -75.84 -15.26
CA LYS X 46 6.11 -76.39 -15.16
C LYS X 46 6.77 -76.37 -16.54
N ASP X 47 8.05 -76.00 -16.58
CA ASP X 47 8.86 -76.08 -17.80
C ASP X 47 8.23 -75.26 -18.94
N CYS X 48 8.07 -73.96 -18.68
CA CYS X 48 7.30 -73.12 -19.60
C CYS X 48 8.21 -72.56 -20.69
N THR X 49 7.81 -72.76 -21.94
CA THR X 49 8.43 -72.13 -23.10
C THR X 49 7.45 -71.15 -23.73
N GLU X 50 7.95 -69.94 -24.02
CA GLU X 50 7.19 -68.92 -24.75
C GLU X 50 7.43 -69.08 -26.24
N TYR X 51 6.36 -69.03 -27.02
CA TYR X 51 6.44 -69.16 -28.46
C TYR X 51 5.88 -67.92 -29.14
N ARG X 52 6.46 -67.60 -30.29
CA ARG X 52 5.93 -66.54 -31.14
C ARG X 52 4.51 -66.89 -31.55
N GLU X 53 3.61 -65.92 -31.43
CA GLU X 53 2.19 -66.17 -31.62
C GLU X 53 1.90 -66.85 -32.96
N GLY X 54 1.13 -67.95 -32.89
CA GLY X 54 0.70 -68.68 -34.07
C GLY X 54 1.75 -69.59 -34.68
N THR X 55 2.91 -69.74 -34.07
CA THR X 55 3.95 -70.57 -34.67
C THR X 55 4.54 -71.52 -33.64
N SER X 56 5.62 -72.20 -34.01
CA SER X 56 6.36 -73.06 -33.11
C SER X 56 7.79 -72.57 -32.94
N ASP X 57 8.02 -71.29 -33.18
CA ASP X 57 9.28 -70.60 -32.96
C ASP X 57 9.39 -70.24 -31.48
N PRO X 58 10.25 -70.93 -30.71
CA PRO X 58 10.40 -70.60 -29.29
C PRO X 58 11.23 -69.35 -29.10
N VAL X 59 10.82 -68.52 -28.16
CA VAL X 59 11.48 -67.24 -27.95
C VAL X 59 12.20 -67.14 -26.61
N ALA X 60 11.80 -67.91 -25.60
CA ALA X 60 12.43 -67.85 -24.29
C ALA X 60 11.88 -68.97 -23.41
N LYS X 61 12.71 -69.46 -22.49
CA LYS X 61 12.34 -70.47 -21.52
C LYS X 61 12.28 -69.81 -20.15
N TYR X 62 11.23 -70.10 -19.41
CA TYR X 62 11.00 -69.40 -18.15
C TYR X 62 10.89 -70.32 -16.95
N GLY X 63 10.93 -71.65 -17.16
CA GLY X 63 10.94 -72.55 -16.02
C GLY X 63 9.56 -72.68 -15.43
N ARG X 64 9.50 -72.69 -14.11
CA ARG X 64 8.22 -72.78 -13.42
C ARG X 64 7.67 -71.38 -13.27
N VAL X 65 6.51 -71.11 -13.87
CA VAL X 65 5.93 -69.78 -13.89
C VAL X 65 4.57 -69.78 -13.20
N LEU X 66 4.29 -68.68 -12.50
CA LEU X 66 2.97 -68.34 -11.99
C LEU X 66 2.36 -67.30 -12.93
N ILE X 67 1.26 -67.65 -13.61
CA ILE X 67 0.62 -66.79 -14.59
C ILE X 67 -0.66 -66.23 -13.98
N ARG X 68 -0.84 -64.90 -14.05
CA ARG X 68 -2.02 -64.27 -13.50
C ARG X 68 -3.20 -64.51 -14.43
N GLY X 69 -4.31 -64.98 -13.87
CA GLY X 69 -5.46 -65.30 -14.69
C GLY X 69 -6.07 -64.11 -15.43
N SER X 70 -6.01 -62.92 -14.83
CA SER X 70 -6.71 -61.79 -15.41
C SER X 70 -6.15 -61.33 -16.75
N ASN X 71 -4.97 -61.80 -17.15
CA ASN X 71 -4.40 -61.42 -18.44
C ASN X 71 -4.46 -62.52 -19.48
N ILE X 72 -5.12 -63.65 -19.16
CA ILE X 72 -5.25 -64.77 -20.08
C ILE X 72 -6.36 -64.51 -21.08
N LEU X 73 -6.11 -64.82 -22.35
CA LEU X 73 -7.15 -64.84 -23.37
C LEU X 73 -7.86 -66.20 -23.40
N PHE X 74 -7.10 -67.26 -23.66
CA PHE X 74 -7.64 -68.61 -23.62
C PHE X 74 -6.55 -69.59 -23.21
N ILE X 75 -6.99 -70.76 -22.76
CA ILE X 75 -6.13 -71.91 -22.48
C ILE X 75 -6.59 -73.05 -23.36
N SER X 76 -5.66 -73.64 -24.12
CA SER X 76 -5.92 -74.89 -24.81
C SER X 76 -5.73 -76.02 -23.81
N ILE X 77 -6.84 -76.64 -23.40
CA ILE X 77 -6.80 -77.59 -22.30
C ILE X 77 -6.42 -79.00 -22.75
N ASP X 78 -6.54 -79.32 -24.04
CA ASP X 78 -6.12 -80.62 -24.57
C ASP X 78 -4.87 -80.52 -25.45
N TYR X 79 -4.01 -79.51 -25.22
CA TYR X 79 -2.95 -79.20 -26.17
C TYR X 79 -1.97 -80.35 -26.34
N GLU X 80 -1.69 -81.10 -25.27
CA GLU X 80 -0.71 -82.18 -25.33
C GLU X 80 -1.07 -83.19 -26.41
N SER X 81 -2.35 -83.59 -26.47
CA SER X 81 -2.76 -84.64 -27.38
C SER X 81 -2.90 -84.18 -28.83
N ILE X 82 -2.53 -82.95 -29.18
CA ILE X 82 -2.55 -82.57 -30.59
C ILE X 82 -1.35 -81.69 -30.95
N MET X 83 -0.42 -81.53 -30.01
CA MET X 83 0.81 -80.79 -30.31
C MET X 83 1.84 -81.74 -30.95
N LYS Y 4 -42.28 -63.67 -20.22
CA LYS Y 4 -41.50 -62.99 -21.26
C LYS Y 4 -39.99 -63.13 -21.03
N ILE Y 5 -39.50 -64.35 -20.82
CA ILE Y 5 -38.13 -64.59 -20.34
C ILE Y 5 -37.22 -64.84 -21.56
N GLU Y 6 -36.73 -63.75 -22.14
CA GLU Y 6 -35.61 -63.83 -23.07
C GLU Y 6 -34.58 -62.80 -22.67
N ASN Y 7 -33.32 -63.18 -22.69
CA ASN Y 7 -32.25 -62.23 -22.43
C ASN Y 7 -31.01 -62.71 -23.17
N PRO Y 8 -30.07 -61.80 -23.45
CA PRO Y 8 -28.91 -62.15 -24.29
C PRO Y 8 -28.16 -63.38 -23.80
N LEU Y 9 -27.95 -63.52 -22.48
CA LEU Y 9 -27.18 -64.66 -22.01
C LEU Y 9 -27.92 -65.96 -22.24
N LYS Y 10 -29.25 -65.95 -22.13
CA LYS Y 10 -30.05 -67.14 -22.46
C LYS Y 10 -29.85 -67.55 -23.91
N SER Y 11 -29.68 -66.59 -24.81
CA SER Y 11 -29.48 -66.89 -26.22
C SER Y 11 -28.15 -67.58 -26.46
N LEU Y 12 -27.18 -67.40 -25.56
CA LEU Y 12 -25.93 -68.14 -25.65
C LEU Y 12 -26.14 -69.62 -25.37
N LYS Y 13 -27.07 -69.96 -24.48
CA LYS Y 13 -27.38 -71.36 -24.19
C LYS Y 13 -27.94 -72.09 -25.41
N THR Y 14 -28.67 -71.37 -26.26
CA THR Y 14 -29.23 -72.02 -27.45
C THR Y 14 -28.16 -72.46 -28.43
N ALA Y 15 -26.96 -71.88 -28.37
CA ALA Y 15 -25.90 -72.26 -29.29
C ALA Y 15 -25.15 -73.51 -28.84
N LEU Y 16 -25.53 -74.14 -27.73
CA LEU Y 16 -24.80 -75.30 -27.24
C LEU Y 16 -24.75 -76.40 -28.30
N ASN Y 17 -23.54 -76.94 -28.50
CA ASN Y 17 -23.24 -77.99 -29.47
C ASN Y 17 -23.38 -77.54 -30.92
N LYS Y 18 -23.43 -76.22 -31.15
CA LYS Y 18 -23.36 -75.67 -32.49
C LYS Y 18 -22.00 -75.00 -32.68
N ILE Y 19 -21.62 -74.85 -33.94
CA ILE Y 19 -20.41 -74.12 -34.27
C ILE Y 19 -20.67 -72.63 -34.12
N VAL Y 20 -19.77 -71.94 -33.42
CA VAL Y 20 -19.88 -70.49 -33.22
C VAL Y 20 -18.57 -69.82 -33.67
N LEU Y 21 -18.64 -68.51 -33.87
CA LEU Y 21 -17.46 -67.69 -34.09
C LEU Y 21 -17.33 -66.74 -32.92
N VAL Y 22 -16.15 -66.70 -32.32
CA VAL Y 22 -15.87 -65.85 -31.17
C VAL Y 22 -14.76 -64.88 -31.56
N LYS Y 23 -15.08 -63.58 -31.51
CA LYS Y 23 -14.11 -62.52 -31.77
C LYS Y 23 -13.65 -61.91 -30.45
N LEU Y 24 -12.33 -61.83 -30.26
CA LEU Y 24 -11.71 -61.32 -29.05
C LEU Y 24 -11.30 -59.87 -29.21
N LYS Y 25 -10.92 -59.25 -28.08
CA LYS Y 25 -10.68 -57.80 -28.05
C LYS Y 25 -9.55 -57.38 -28.98
N ASN Y 26 -8.62 -58.28 -29.29
CA ASN Y 26 -7.54 -57.98 -30.24
C ASN Y 26 -7.94 -58.23 -31.70
N GLY Y 27 -9.21 -58.49 -31.99
CA GLY Y 27 -9.66 -58.67 -33.35
C GLY Y 27 -9.61 -60.10 -33.84
N GLU Y 28 -8.86 -60.98 -33.18
CA GLU Y 28 -8.73 -62.37 -33.61
C GLU Y 28 -10.04 -63.14 -33.49
N GLU Y 29 -10.28 -64.04 -34.44
CA GLU Y 29 -11.50 -64.82 -34.51
C GLU Y 29 -11.22 -66.31 -34.37
N TYR Y 30 -12.03 -66.96 -33.55
CA TYR Y 30 -11.93 -68.37 -33.22
C TYR Y 30 -13.27 -69.03 -33.54
N VAL Y 31 -13.22 -70.11 -34.32
CA VAL Y 31 -14.38 -70.88 -34.72
C VAL Y 31 -14.29 -72.26 -34.10
N GLY Y 32 -15.40 -72.75 -33.56
CA GLY Y 32 -15.41 -74.05 -32.90
C GLY Y 32 -16.81 -74.36 -32.41
N ARG Y 33 -16.96 -75.60 -31.97
CA ARG Y 33 -18.24 -76.09 -31.48
C ARG Y 33 -18.36 -75.73 -30.01
N LEU Y 34 -19.42 -75.01 -29.67
CA LEU Y 34 -19.63 -74.56 -28.29
C LEU Y 34 -20.04 -75.76 -27.45
N GLU Y 35 -19.23 -76.07 -26.42
CA GLU Y 35 -19.51 -77.20 -25.54
C GLU Y 35 -20.04 -76.78 -24.17
N GLN Y 36 -19.52 -75.69 -23.61
CA GLN Y 36 -20.00 -75.18 -22.32
C GLN Y 36 -19.86 -73.67 -22.30
N SER Y 37 -20.73 -73.03 -21.53
CA SER Y 37 -20.62 -71.61 -21.21
C SER Y 37 -21.16 -71.37 -19.81
N ASP Y 38 -20.73 -70.28 -19.19
CA ASP Y 38 -21.22 -69.86 -17.88
C ASP Y 38 -21.72 -68.41 -17.95
N GLY Y 39 -22.15 -67.90 -16.81
CA GLY Y 39 -22.71 -66.55 -16.75
C GLY Y 39 -21.71 -65.45 -17.03
N THR Y 40 -20.41 -65.71 -16.83
CA THR Y 40 -19.34 -64.79 -17.16
C THR Y 40 -19.06 -64.73 -18.66
N MET Y 41 -19.73 -65.56 -19.45
CA MET Y 41 -19.43 -65.83 -20.86
C MET Y 41 -18.09 -66.54 -21.04
N ASN Y 42 -17.51 -67.14 -19.99
CA ASN Y 42 -16.44 -68.11 -20.22
C ASN Y 42 -16.97 -69.23 -21.10
N LEU Y 43 -16.18 -69.64 -22.09
CA LEU Y 43 -16.62 -70.65 -23.05
C LEU Y 43 -15.64 -71.81 -23.13
N VAL Y 44 -16.15 -72.98 -23.49
CA VAL Y 44 -15.32 -74.07 -23.96
C VAL Y 44 -15.74 -74.37 -25.39
N LEU Y 45 -14.77 -74.31 -26.31
CA LEU Y 45 -14.97 -74.68 -27.71
C LEU Y 45 -14.22 -75.96 -28.01
N LYS Y 46 -14.85 -76.83 -28.80
CA LYS Y 46 -14.21 -78.03 -29.31
C LYS Y 46 -13.70 -77.75 -30.72
N ASP Y 47 -12.55 -78.33 -31.07
CA ASP Y 47 -12.03 -78.28 -32.44
C ASP Y 47 -11.90 -76.83 -32.92
N CYS Y 48 -11.13 -76.05 -32.17
CA CYS Y 48 -11.10 -74.60 -32.36
C CYS Y 48 -9.94 -74.21 -33.26
N THR Y 49 -10.25 -73.47 -34.31
CA THR Y 49 -9.23 -72.94 -35.21
C THR Y 49 -9.35 -71.42 -35.28
N GLU Y 50 -8.22 -70.73 -35.15
CA GLU Y 50 -8.17 -69.28 -35.24
C GLU Y 50 -8.02 -68.86 -36.70
N TYR Y 51 -8.78 -67.84 -37.09
CA TYR Y 51 -8.74 -67.30 -38.44
C TYR Y 51 -8.28 -65.85 -38.38
N ARG Y 52 -7.57 -65.43 -39.42
CA ARG Y 52 -7.21 -64.03 -39.54
C ARG Y 52 -8.47 -63.20 -39.68
N GLU Y 53 -8.53 -62.10 -38.94
CA GLU Y 53 -9.76 -61.34 -38.77
C GLU Y 53 -10.41 -60.97 -40.10
N GLY Y 54 -11.72 -61.22 -40.20
CA GLY Y 54 -12.49 -60.88 -41.37
C GLY Y 54 -12.33 -61.81 -42.55
N THR Y 55 -11.54 -62.88 -42.44
CA THR Y 55 -11.32 -63.74 -43.60
C THR Y 55 -11.53 -65.21 -43.28
N SER Y 56 -11.10 -66.06 -44.20
CA SER Y 56 -11.13 -67.51 -44.02
C SER Y 56 -9.73 -68.13 -44.03
N ASP Y 57 -8.69 -67.34 -43.80
CA ASP Y 57 -7.32 -67.86 -43.69
C ASP Y 57 -7.06 -68.37 -42.28
N PRO Y 58 -7.04 -69.68 -42.06
CA PRO Y 58 -6.72 -70.19 -40.71
C PRO Y 58 -5.26 -69.91 -40.39
N VAL Y 59 -4.98 -69.59 -39.14
CA VAL Y 59 -3.61 -69.33 -38.74
C VAL Y 59 -3.10 -70.29 -37.69
N ALA Y 60 -3.96 -71.03 -36.99
CA ALA Y 60 -3.51 -71.96 -35.97
C ALA Y 60 -4.69 -72.78 -35.49
N LYS Y 61 -4.41 -74.01 -35.07
CA LYS Y 61 -5.41 -74.85 -34.43
C LYS Y 61 -5.04 -74.99 -32.96
N TYR Y 62 -6.06 -74.92 -32.11
CA TYR Y 62 -5.81 -74.99 -30.68
C TYR Y 62 -6.63 -76.06 -30.00
N GLY Y 63 -7.41 -76.84 -30.76
CA GLY Y 63 -8.13 -77.96 -30.16
C GLY Y 63 -9.24 -77.44 -29.26
N ARG Y 64 -9.30 -77.99 -28.06
CA ARG Y 64 -10.29 -77.61 -27.06
C ARG Y 64 -9.76 -76.43 -26.24
N VAL Y 65 -10.50 -75.33 -26.24
CA VAL Y 65 -10.04 -74.09 -25.59
C VAL Y 65 -11.07 -73.61 -24.59
N LEU Y 66 -10.56 -73.15 -23.45
CA LEU Y 66 -11.32 -72.39 -22.47
C LEU Y 66 -11.02 -70.92 -22.72
N ILE Y 67 -12.04 -70.15 -23.10
CA ILE Y 67 -11.90 -68.75 -23.45
C ILE Y 67 -12.51 -67.90 -22.34
N ARG Y 68 -11.72 -66.98 -21.79
CA ARG Y 68 -12.23 -66.09 -20.75
C ARG Y 68 -13.23 -65.09 -21.34
N GLY Y 69 -14.39 -64.99 -20.70
CA GLY Y 69 -15.46 -64.16 -21.23
C GLY Y 69 -15.09 -62.69 -21.29
N SER Y 70 -14.21 -62.24 -20.41
CA SER Y 70 -13.99 -60.81 -20.25
C SER Y 70 -13.31 -60.18 -21.45
N ASN Y 71 -12.70 -60.98 -22.33
CA ASN Y 71 -12.03 -60.41 -23.50
C ASN Y 71 -12.82 -60.63 -24.77
N ILE Y 72 -14.08 -61.07 -24.65
CA ILE Y 72 -14.89 -61.34 -25.82
C ILE Y 72 -15.51 -60.05 -26.29
N LEU Y 73 -15.45 -59.81 -27.60
CA LEU Y 73 -16.21 -58.74 -28.25
C LEU Y 73 -17.62 -59.21 -28.60
N PHE Y 74 -17.71 -60.32 -29.32
CA PHE Y 74 -19.01 -60.86 -29.67
C PHE Y 74 -18.88 -62.34 -29.99
N ILE Y 75 -20.03 -63.01 -29.96
CA ILE Y 75 -20.14 -64.40 -30.37
C ILE Y 75 -21.22 -64.47 -31.44
N SER Y 76 -20.85 -64.99 -32.61
CA SER Y 76 -21.84 -65.34 -33.64
C SER Y 76 -22.50 -66.64 -33.21
N ILE Y 77 -23.72 -66.56 -32.67
CA ILE Y 77 -24.35 -67.74 -32.08
C ILE Y 77 -25.06 -68.60 -33.10
N ASP Y 78 -25.08 -68.20 -34.37
CA ASP Y 78 -25.68 -68.95 -35.46
C ASP Y 78 -24.70 -69.16 -36.61
N TYR Y 79 -23.39 -69.20 -36.31
CA TYR Y 79 -22.38 -69.14 -37.36
C TYR Y 79 -22.52 -70.31 -38.32
N GLU Y 80 -22.79 -71.51 -37.78
CA GLU Y 80 -22.93 -72.70 -38.61
C GLU Y 80 -23.94 -72.47 -39.74
N SER Y 81 -25.01 -71.75 -39.44
CA SER Y 81 -26.07 -71.54 -40.43
C SER Y 81 -25.67 -70.57 -41.54
N ILE Y 82 -24.54 -69.86 -41.41
CA ILE Y 82 -24.20 -68.82 -42.37
C ILE Y 82 -22.75 -68.98 -42.85
N MET Y 83 -22.09 -70.05 -42.44
CA MET Y 83 -20.69 -70.25 -42.84
C MET Y 83 -20.60 -71.15 -44.07
N LYS Z 4 -41.82 -38.55 -15.50
CA LYS Z 4 -41.57 -39.85 -16.11
C LYS Z 4 -40.10 -40.25 -16.01
N ILE Z 5 -39.85 -41.56 -15.90
CA ILE Z 5 -38.48 -42.06 -15.74
C ILE Z 5 -37.81 -42.07 -17.10
N GLU Z 6 -36.79 -41.24 -17.27
CA GLU Z 6 -35.92 -41.27 -18.44
C GLU Z 6 -34.49 -41.39 -17.97
N ASN Z 7 -33.77 -42.39 -18.47
CA ASN Z 7 -32.35 -42.53 -18.21
C ASN Z 7 -31.71 -43.23 -19.39
N PRO Z 8 -30.38 -43.19 -19.50
CA PRO Z 8 -29.72 -43.77 -20.70
C PRO Z 8 -30.10 -45.21 -20.96
N LEU Z 9 -30.14 -46.05 -19.92
CA LEU Z 9 -30.40 -47.47 -20.15
C LEU Z 9 -31.82 -47.71 -20.61
N LYS Z 10 -32.78 -46.97 -20.07
CA LYS Z 10 -34.14 -47.03 -20.59
C LYS Z 10 -34.20 -46.62 -22.05
N SER Z 11 -33.31 -45.73 -22.49
CA SER Z 11 -33.38 -45.29 -23.87
C SER Z 11 -32.93 -46.39 -24.82
N LEU Z 12 -32.04 -47.28 -24.36
CA LEU Z 12 -31.65 -48.41 -25.20
C LEU Z 12 -32.84 -49.30 -25.50
N LYS Z 13 -33.77 -49.44 -24.56
CA LYS Z 13 -34.95 -50.28 -24.77
C LYS Z 13 -35.86 -49.74 -25.87
N THR Z 14 -35.87 -48.41 -26.09
CA THR Z 14 -36.61 -47.85 -27.22
C THR Z 14 -36.05 -48.28 -28.57
N ALA Z 15 -34.88 -48.90 -28.61
CA ALA Z 15 -34.27 -49.29 -29.87
C ALA Z 15 -34.53 -50.75 -30.23
N LEU Z 16 -35.17 -51.51 -29.33
CA LEU Z 16 -35.49 -52.89 -29.62
C LEU Z 16 -36.27 -52.98 -30.91
N ASN Z 17 -35.90 -53.97 -31.73
CA ASN Z 17 -36.52 -54.27 -33.02
C ASN Z 17 -36.19 -53.25 -34.09
N LYS Z 18 -35.32 -52.28 -33.80
CA LYS Z 18 -34.82 -51.33 -34.78
C LYS Z 18 -33.35 -51.62 -35.10
N ILE Z 19 -32.94 -51.12 -36.27
CA ILE Z 19 -31.52 -51.22 -36.64
C ILE Z 19 -30.72 -50.23 -35.81
N VAL Z 20 -29.61 -50.70 -35.25
CA VAL Z 20 -28.71 -49.87 -34.49
C VAL Z 20 -27.31 -50.02 -35.08
N LEU Z 21 -26.44 -49.07 -34.71
CA LEU Z 21 -25.02 -49.14 -34.94
C LEU Z 21 -24.32 -49.24 -33.58
N VAL Z 22 -23.47 -50.25 -33.44
CA VAL Z 22 -22.70 -50.49 -32.22
C VAL Z 22 -21.23 -50.35 -32.60
N LYS Z 23 -20.54 -49.40 -31.97
CA LYS Z 23 -19.10 -49.27 -32.12
C LYS Z 23 -18.42 -49.87 -30.89
N LEU Z 24 -17.44 -50.75 -31.13
CA LEU Z 24 -16.72 -51.46 -30.09
C LEU Z 24 -15.39 -50.77 -29.77
N LYS Z 25 -14.74 -51.24 -28.71
CA LYS Z 25 -13.52 -50.61 -28.21
C LYS Z 25 -12.43 -50.54 -29.28
N ASN Z 26 -12.35 -51.53 -30.15
CA ASN Z 26 -11.32 -51.51 -31.18
C ASN Z 26 -11.68 -50.61 -32.36
N GLY Z 27 -12.74 -49.84 -32.26
CA GLY Z 27 -13.16 -48.95 -33.32
C GLY Z 27 -14.09 -49.56 -34.36
N GLU Z 28 -14.28 -50.88 -34.34
CA GLU Z 28 -15.11 -51.52 -35.34
C GLU Z 28 -16.59 -51.20 -35.13
N GLU Z 29 -17.33 -51.08 -36.23
CA GLU Z 29 -18.75 -50.76 -36.21
C GLU Z 29 -19.56 -51.94 -36.72
N TYR Z 30 -20.67 -52.21 -36.03
CA TYR Z 30 -21.55 -53.33 -36.33
C TYR Z 30 -22.99 -52.81 -36.43
N VAL Z 31 -23.64 -53.14 -37.53
CA VAL Z 31 -25.01 -52.71 -37.80
C VAL Z 31 -25.90 -53.94 -37.86
N GLY Z 32 -27.06 -53.86 -37.22
CA GLY Z 32 -27.99 -54.97 -37.22
C GLY Z 32 -29.23 -54.58 -36.45
N ARG Z 33 -30.24 -55.44 -36.53
CA ARG Z 33 -31.49 -55.21 -35.84
C ARG Z 33 -31.37 -55.68 -34.38
N LEU Z 34 -31.61 -54.77 -33.44
CA LEU Z 34 -31.48 -55.10 -32.03
C LEU Z 34 -32.63 -55.98 -31.57
N GLU Z 35 -32.31 -57.21 -31.17
CA GLU Z 35 -33.33 -58.16 -30.75
C GLU Z 35 -33.46 -58.25 -29.23
N GLN Z 36 -32.35 -58.22 -28.50
CA GLN Z 36 -32.36 -58.33 -27.05
C GLN Z 36 -31.28 -57.44 -26.46
N SER Z 37 -31.54 -56.93 -25.25
CA SER Z 37 -30.54 -56.21 -24.50
C SER Z 37 -30.79 -56.46 -23.02
N ASP Z 38 -29.76 -56.24 -22.21
CA ASP Z 38 -29.93 -56.40 -20.76
C ASP Z 38 -29.29 -55.23 -20.03
N GLY Z 39 -29.30 -55.32 -18.69
CA GLY Z 39 -28.89 -54.22 -17.84
C GLY Z 39 -27.45 -53.81 -18.02
N THR Z 40 -26.58 -54.75 -18.37
CA THR Z 40 -25.17 -54.46 -18.60
C THR Z 40 -24.87 -54.15 -20.06
N MET Z 41 -25.90 -53.94 -20.88
CA MET Z 41 -25.80 -53.60 -22.30
C MET Z 41 -25.20 -54.73 -23.14
N ASN Z 42 -25.26 -55.97 -22.65
CA ASN Z 42 -25.15 -57.09 -23.56
C ASN Z 42 -26.30 -57.01 -24.55
N LEU Z 43 -26.01 -57.31 -25.81
CA LEU Z 43 -26.97 -57.15 -26.89
C LEU Z 43 -26.97 -58.39 -27.75
N VAL Z 44 -28.12 -58.64 -28.37
CA VAL Z 44 -28.23 -59.59 -29.46
C VAL Z 44 -28.73 -58.83 -30.68
N LEU Z 45 -27.94 -58.87 -31.74
CA LEU Z 45 -28.25 -58.24 -33.01
C LEU Z 45 -28.57 -59.32 -34.04
N LYS Z 46 -29.60 -59.08 -34.84
CA LYS Z 46 -29.95 -59.96 -35.94
C LYS Z 46 -29.42 -59.36 -37.25
N ASP Z 47 -28.87 -60.22 -38.10
CA ASP Z 47 -28.36 -59.84 -39.43
C ASP Z 47 -27.23 -58.81 -39.33
N CYS Z 48 -26.20 -59.15 -38.57
CA CYS Z 48 -25.18 -58.18 -38.20
C CYS Z 48 -24.10 -58.09 -39.29
N THR Z 49 -23.82 -56.87 -39.73
CA THR Z 49 -22.77 -56.61 -40.70
C THR Z 49 -21.73 -55.68 -40.09
N GLU Z 50 -20.46 -56.06 -40.16
CA GLU Z 50 -19.37 -55.21 -39.69
C GLU Z 50 -18.93 -54.25 -40.79
N TYR Z 51 -18.75 -52.98 -40.43
CA TYR Z 51 -18.30 -51.93 -41.33
C TYR Z 51 -16.98 -51.35 -40.84
N ARG Z 52 -16.15 -50.97 -41.82
CA ARG Z 52 -14.94 -50.22 -41.51
C ARG Z 52 -15.31 -48.89 -40.89
N GLU Z 53 -14.55 -48.49 -39.88
CA GLU Z 53 -14.96 -47.41 -39.01
C GLU Z 53 -15.10 -46.09 -39.77
N GLY Z 54 -16.24 -45.45 -39.61
CA GLY Z 54 -16.52 -44.18 -40.26
C GLY Z 54 -16.96 -44.28 -41.70
N THR Z 55 -17.15 -45.47 -42.24
CA THR Z 55 -17.46 -45.65 -43.66
C THR Z 55 -18.70 -46.54 -43.80
N SER Z 56 -19.13 -46.73 -45.04
CA SER Z 56 -20.18 -47.69 -45.36
C SER Z 56 -19.65 -48.88 -46.17
N ASP Z 57 -18.36 -49.21 -46.02
CA ASP Z 57 -17.79 -50.37 -46.67
C ASP Z 57 -17.91 -51.60 -45.77
N PRO Z 58 -18.75 -52.59 -46.10
CA PRO Z 58 -18.86 -53.78 -45.24
C PRO Z 58 -17.62 -54.62 -45.35
N VAL Z 59 -17.24 -55.25 -44.24
CA VAL Z 59 -16.02 -56.03 -44.23
C VAL Z 59 -16.30 -57.46 -43.81
N ALA Z 60 -17.38 -57.69 -43.07
CA ALA Z 60 -17.72 -59.06 -42.72
C ALA Z 60 -19.18 -59.12 -42.30
N LYS Z 61 -19.76 -60.30 -42.47
CA LYS Z 61 -21.14 -60.59 -42.12
C LYS Z 61 -21.12 -61.68 -41.07
N TYR Z 62 -21.85 -61.49 -39.97
CA TYR Z 62 -21.74 -62.40 -38.84
C TYR Z 62 -23.08 -62.96 -38.37
N GLY Z 63 -24.19 -62.61 -39.00
CA GLY Z 63 -25.46 -63.21 -38.62
C GLY Z 63 -25.95 -62.71 -37.28
N ARG Z 64 -26.42 -63.64 -36.44
CA ARG Z 64 -26.96 -63.30 -35.13
C ARG Z 64 -25.83 -63.26 -34.12
N VAL Z 65 -25.62 -62.13 -33.46
CA VAL Z 65 -24.44 -61.97 -32.62
C VAL Z 65 -24.86 -61.58 -31.23
N LEU Z 66 -24.21 -62.19 -30.24
CA LEU Z 66 -24.21 -61.75 -28.87
C LEU Z 66 -23.00 -60.83 -28.68
N ILE Z 67 -23.27 -59.54 -28.41
CA ILE Z 67 -22.23 -58.55 -28.18
C ILE Z 67 -22.10 -58.33 -26.68
N ARG Z 68 -20.87 -58.38 -26.18
CA ARG Z 68 -20.62 -58.16 -24.77
C ARG Z 68 -20.62 -56.66 -24.45
N GLY Z 69 -21.42 -56.28 -23.44
CA GLY Z 69 -21.65 -54.87 -23.19
C GLY Z 69 -20.40 -54.13 -22.72
N SER Z 70 -19.56 -54.78 -21.92
CA SER Z 70 -18.40 -54.12 -21.35
C SER Z 70 -17.40 -53.67 -22.41
N ASN Z 71 -17.51 -54.13 -23.65
CA ASN Z 71 -16.59 -53.72 -24.70
C ASN Z 71 -17.25 -52.82 -25.73
N ILE Z 72 -18.41 -52.22 -25.41
CA ILE Z 72 -19.08 -51.29 -26.31
C ILE Z 72 -18.59 -49.87 -26.02
N LEU Z 73 -18.26 -49.11 -27.06
CA LEU Z 73 -18.05 -47.66 -26.88
C LEU Z 73 -19.37 -46.91 -26.88
N PHE Z 74 -20.17 -47.10 -27.93
CA PHE Z 74 -21.48 -46.46 -27.94
C PHE Z 74 -22.39 -47.23 -28.88
N ILE Z 75 -23.68 -46.90 -28.80
CA ILE Z 75 -24.74 -47.43 -29.62
C ILE Z 75 -25.53 -46.26 -30.19
N SER Z 76 -25.70 -46.24 -31.50
CA SER Z 76 -26.55 -45.27 -32.16
C SER Z 76 -27.97 -45.84 -32.15
N ILE Z 77 -28.82 -45.32 -31.27
CA ILE Z 77 -30.08 -46.00 -30.99
C ILE Z 77 -31.17 -45.64 -31.96
N ASP Z 78 -30.93 -44.67 -32.85
CA ASP Z 78 -31.88 -44.24 -33.86
C ASP Z 78 -31.30 -44.43 -35.26
N TYR Z 79 -30.37 -45.38 -35.42
CA TYR Z 79 -29.56 -45.43 -36.65
C TYR Z 79 -30.42 -45.68 -37.88
N GLU Z 80 -31.47 -46.51 -37.74
CA GLU Z 80 -32.35 -46.82 -38.87
C GLU Z 80 -32.94 -45.53 -39.46
N SER Z 81 -33.30 -44.57 -38.61
CA SER Z 81 -33.93 -43.34 -39.07
C SER Z 81 -32.97 -42.41 -39.82
N ILE Z 82 -31.67 -42.61 -39.70
CA ILE Z 82 -30.69 -41.77 -40.39
C ILE Z 82 -29.87 -42.53 -41.43
N MET Z 83 -29.92 -43.85 -41.44
CA MET Z 83 -29.07 -44.65 -42.30
C MET Z 83 -29.64 -44.76 -43.71
N ILE AA 5 -23.62 -27.87 -2.02
CA ILE AA 5 -23.36 -29.14 -2.69
C ILE AA 5 -22.93 -28.90 -4.14
N GLU AA 6 -21.62 -28.88 -4.38
CA GLU AA 6 -21.08 -28.77 -5.73
C GLU AA 6 -20.01 -29.83 -5.92
N ASN AA 7 -20.21 -30.72 -6.89
CA ASN AA 7 -19.27 -31.81 -7.12
C ASN AA 7 -19.24 -32.13 -8.61
N PRO AA 8 -18.17 -32.78 -9.08
CA PRO AA 8 -18.04 -33.05 -10.53
C PRO AA 8 -19.27 -33.66 -11.19
N LEU AA 9 -19.86 -34.69 -10.58
CA LEU AA 9 -21.01 -35.36 -11.19
C LEU AA 9 -22.22 -34.44 -11.27
N LYS AA 10 -22.43 -33.61 -10.25
CA LYS AA 10 -23.52 -32.64 -10.32
C LYS AA 10 -23.27 -31.64 -11.45
N SER AA 11 -22.01 -31.36 -11.77
CA SER AA 11 -21.75 -30.46 -12.88
C SER AA 11 -22.15 -31.09 -14.20
N LEU AA 12 -22.13 -32.42 -14.27
CA LEU AA 12 -22.57 -33.08 -15.49
C LEU AA 12 -24.07 -32.86 -15.73
N LYS AA 13 -24.87 -32.87 -14.66
CA LYS AA 13 -26.31 -32.63 -14.83
C LYS AA 13 -26.62 -31.20 -15.26
N THR AA 14 -25.77 -30.23 -14.90
CA THR AA 14 -25.98 -28.88 -15.41
C THR AA 14 -25.75 -28.76 -16.91
N ALA AA 15 -25.18 -29.78 -17.55
CA ALA AA 15 -24.96 -29.70 -18.98
C ALA AA 15 -26.15 -30.22 -19.78
N LEU AA 16 -27.19 -30.68 -19.11
CA LEU AA 16 -28.38 -31.17 -19.79
C LEU AA 16 -28.91 -30.14 -20.76
N ASN AA 17 -29.20 -30.58 -21.99
CA ASN AA 17 -29.66 -29.80 -23.13
C ASN AA 17 -28.60 -28.85 -23.70
N LYS AA 18 -27.36 -28.89 -23.20
CA LYS AA 18 -26.28 -28.13 -23.81
C LYS AA 18 -25.51 -28.99 -24.81
N ILE AA 19 -24.85 -28.31 -25.74
CA ILE AA 19 -23.91 -28.97 -26.62
C ILE AA 19 -22.69 -29.36 -25.80
N VAL AA 20 -22.21 -30.59 -26.02
CA VAL AA 20 -21.01 -31.05 -25.33
C VAL AA 20 -20.09 -31.76 -26.31
N LEU AA 21 -18.83 -31.86 -25.91
CA LEU AA 21 -17.85 -32.71 -26.57
C LEU AA 21 -17.46 -33.81 -25.61
N VAL AA 22 -17.50 -35.04 -26.09
CA VAL AA 22 -17.11 -36.22 -25.31
C VAL AA 22 -15.90 -36.82 -26.01
N LYS AA 23 -14.76 -36.87 -25.31
CA LYS AA 23 -13.59 -37.57 -25.81
C LYS AA 23 -13.47 -38.95 -25.17
N LEU AA 24 -13.29 -39.97 -26.00
CA LEU AA 24 -13.17 -41.35 -25.51
C LEU AA 24 -11.70 -41.75 -25.36
N LYS AA 25 -11.49 -42.91 -24.72
CA LYS AA 25 -10.11 -43.32 -24.39
C LYS AA 25 -9.24 -43.54 -25.63
N ASN AA 26 -9.84 -43.87 -26.76
CA ASN AA 26 -9.09 -43.97 -28.01
C ASN AA 26 -8.89 -42.61 -28.68
N GLY AA 27 -9.21 -41.50 -28.02
CA GLY AA 27 -8.94 -40.19 -28.54
C GLY AA 27 -10.02 -39.60 -29.43
N GLU AA 28 -11.00 -40.40 -29.86
CA GLU AA 28 -12.09 -39.90 -30.70
C GLU AA 28 -12.97 -38.91 -29.95
N GLU AA 29 -13.45 -37.89 -30.65
CA GLU AA 29 -14.24 -36.80 -30.07
C GLU AA 29 -15.64 -36.80 -30.67
N TYR AA 30 -16.63 -36.70 -29.83
CA TYR AA 30 -18.03 -36.73 -30.24
C TYR AA 30 -18.73 -35.49 -29.71
N VAL AA 31 -19.46 -34.81 -30.59
CA VAL AA 31 -20.10 -33.55 -30.28
C VAL AA 31 -21.59 -33.72 -30.52
N GLY AA 32 -22.39 -33.31 -29.55
CA GLY AA 32 -23.84 -33.39 -29.66
C GLY AA 32 -24.48 -32.74 -28.46
N ARG AA 33 -25.81 -32.72 -28.46
CA ARG AA 33 -26.58 -32.11 -27.39
C ARG AA 33 -26.86 -33.19 -26.34
N LEU AA 34 -26.43 -32.93 -25.10
CA LEU AA 34 -26.61 -33.86 -23.99
C LEU AA 34 -28.09 -33.91 -23.60
N GLU AA 35 -28.73 -35.05 -23.83
CA GLU AA 35 -30.13 -35.25 -23.47
C GLU AA 35 -30.31 -36.00 -22.17
N GLN AA 36 -29.42 -36.94 -21.84
CA GLN AA 36 -29.55 -37.69 -20.61
C GLN AA 36 -28.16 -38.10 -20.13
N SER AA 37 -28.05 -38.32 -18.83
CA SER AA 37 -26.85 -38.82 -18.19
C SER AA 37 -27.24 -39.53 -16.91
N ASP AA 38 -26.39 -40.44 -16.45
CA ASP AA 38 -26.60 -41.09 -15.16
C ASP AA 38 -25.32 -41.02 -14.35
N GLY AA 39 -25.37 -41.61 -13.15
CA GLY AA 39 -24.27 -41.50 -12.22
C GLY AA 39 -22.99 -42.18 -12.64
N THR AA 40 -23.08 -43.22 -13.49
CA THR AA 40 -21.88 -43.84 -14.03
C THR AA 40 -21.35 -43.11 -15.28
N MET AA 41 -21.91 -41.94 -15.59
CA MET AA 41 -21.55 -41.11 -16.75
C MET AA 41 -21.88 -41.77 -18.08
N ASN AA 42 -22.76 -42.78 -18.10
CA ASN AA 42 -23.46 -43.11 -19.32
C ASN AA 42 -24.22 -41.87 -19.80
N LEU AA 43 -24.20 -41.63 -21.12
CA LEU AA 43 -24.77 -40.42 -21.70
C LEU AA 43 -25.62 -40.76 -22.93
N VAL AA 44 -26.61 -39.93 -23.18
CA VAL AA 44 -27.34 -39.94 -24.45
C VAL AA 44 -27.11 -38.59 -25.12
N LEU AA 45 -26.52 -38.61 -26.30
CA LEU AA 45 -26.32 -37.43 -27.12
C LEU AA 45 -27.29 -37.46 -28.30
N LYS AA 46 -27.84 -36.32 -28.63
CA LYS AA 46 -28.66 -36.13 -29.81
C LYS AA 46 -27.83 -35.39 -30.86
N ASP AA 47 -28.09 -35.70 -32.13
CA ASP AA 47 -27.43 -35.01 -33.25
C ASP AA 47 -25.91 -35.13 -33.13
N CYS AA 48 -25.43 -36.35 -32.91
CA CYS AA 48 -24.05 -36.56 -32.55
C CYS AA 48 -23.18 -36.69 -33.81
N THR AA 49 -22.09 -35.92 -33.86
CA THR AA 49 -21.11 -35.99 -34.93
C THR AA 49 -19.75 -36.32 -34.34
N GLU AA 50 -19.06 -37.31 -34.91
CA GLU AA 50 -17.69 -37.59 -34.53
C GLU AA 50 -16.73 -36.69 -35.32
N TYR AA 51 -15.71 -36.17 -34.62
CA TYR AA 51 -14.68 -35.34 -35.22
C TYR AA 51 -13.33 -35.97 -34.96
N ARG AA 52 -12.43 -35.81 -35.92
CA ARG AA 52 -11.07 -36.27 -35.73
C ARG AA 52 -10.43 -35.46 -34.62
N GLU AA 53 -9.66 -36.12 -33.78
CA GLU AA 53 -9.21 -35.54 -32.52
C GLU AA 53 -8.45 -34.23 -32.75
N GLY AA 54 -8.85 -33.18 -32.02
CA GLY AA 54 -8.17 -31.91 -32.09
C GLY AA 54 -8.51 -31.04 -33.27
N THR AA 55 -9.41 -31.46 -34.15
CA THR AA 55 -9.75 -30.65 -35.33
C THR AA 55 -11.26 -30.41 -35.40
N SER AA 56 -11.71 -29.84 -36.51
CA SER AA 56 -13.14 -29.59 -36.72
C SER AA 56 -13.63 -30.18 -38.03
N ASP AA 57 -12.97 -31.22 -38.55
CA ASP AA 57 -13.51 -31.88 -39.73
C ASP AA 57 -14.23 -33.15 -39.32
N PRO AA 58 -15.52 -33.28 -39.66
CA PRO AA 58 -16.29 -34.42 -39.20
C PRO AA 58 -15.84 -35.70 -39.91
N VAL AA 59 -16.08 -36.83 -39.26
CA VAL AA 59 -15.77 -38.12 -39.86
C VAL AA 59 -17.03 -38.93 -40.08
N ALA AA 60 -18.04 -38.74 -39.25
CA ALA AA 60 -19.24 -39.55 -39.32
C ALA AA 60 -20.32 -38.96 -38.44
N LYS AA 61 -21.56 -39.15 -38.87
CA LYS AA 61 -22.72 -38.74 -38.11
C LYS AA 61 -23.39 -39.98 -37.55
N TYR AA 62 -23.77 -39.93 -36.28
CA TYR AA 62 -24.32 -41.11 -35.63
C TYR AA 62 -25.70 -40.86 -35.03
N GLY AA 63 -26.26 -39.65 -35.21
CA GLY AA 63 -27.59 -39.38 -34.71
C GLY AA 63 -27.61 -39.40 -33.18
N ARG AA 64 -28.61 -40.07 -32.63
CA ARG AA 64 -28.78 -40.17 -31.20
C ARG AA 64 -27.97 -41.35 -30.68
N VAL AA 65 -27.03 -41.10 -29.77
CA VAL AA 65 -26.09 -42.14 -29.37
C VAL AA 65 -26.14 -42.32 -27.87
N LEU AA 66 -26.04 -43.58 -27.43
CA LEU AA 66 -25.84 -43.93 -26.05
C LEU AA 66 -24.37 -44.25 -25.83
N ILE AA 67 -23.69 -43.46 -25.02
CA ILE AA 67 -22.25 -43.57 -24.82
C ILE AA 67 -22.00 -44.15 -23.43
N ARG AA 68 -21.18 -45.19 -23.36
CA ARG AA 68 -20.84 -45.79 -22.07
C ARG AA 68 -19.83 -44.94 -21.33
N GLY AA 69 -20.09 -44.70 -20.04
CA GLY AA 69 -19.23 -43.83 -19.24
C GLY AA 69 -17.85 -44.37 -18.99
N SER AA 70 -17.73 -45.69 -18.85
CA SER AA 70 -16.44 -46.32 -18.56
C SER AA 70 -15.36 -45.99 -19.59
N ASN AA 71 -15.71 -45.64 -20.83
CA ASN AA 71 -14.68 -45.33 -21.81
C ASN AA 71 -14.49 -43.84 -22.04
N ILE AA 72 -15.13 -42.99 -21.25
CA ILE AA 72 -14.97 -41.56 -21.44
C ILE AA 72 -13.70 -41.09 -20.77
N LEU AA 73 -12.92 -40.28 -21.51
CA LEU AA 73 -11.81 -39.54 -20.94
C LEU AA 73 -12.27 -38.24 -20.29
N PHE AA 74 -12.99 -37.41 -21.04
CA PHE AA 74 -13.50 -36.19 -20.45
C PHE AA 74 -14.68 -35.69 -21.27
N ILE AA 75 -15.48 -34.84 -20.63
CA ILE AA 75 -16.63 -34.20 -21.27
C ILE AA 75 -16.42 -32.71 -21.13
N SER AA 76 -16.46 -32.00 -22.25
CA SER AA 76 -16.54 -30.55 -22.22
C SER AA 76 -18.00 -30.15 -22.04
N ILE AA 77 -18.35 -29.61 -20.86
CA ILE AA 77 -19.74 -29.44 -20.48
C ILE AA 77 -20.36 -28.12 -20.93
N ASP AA 78 -19.63 -27.29 -21.67
CA ASP AA 78 -20.26 -26.12 -22.27
C ASP AA 78 -19.56 -25.79 -23.58
N TYR AA 79 -19.51 -26.80 -24.47
CA TYR AA 79 -18.65 -26.75 -25.64
C TYR AA 79 -19.11 -25.73 -26.68
N GLU AA 80 -20.38 -25.28 -26.65
CA GLU AA 80 -20.80 -24.24 -27.58
C GLU AA 80 -20.01 -22.95 -27.37
N SER AA 81 -19.51 -22.72 -26.16
CA SER AA 81 -18.60 -21.60 -25.90
C SER AA 81 -17.35 -21.68 -26.75
N ILE AA 82 -16.92 -22.88 -27.13
CA ILE AA 82 -15.73 -23.09 -27.94
C ILE AA 82 -16.07 -23.17 -29.42
N MET AA 83 -16.97 -24.07 -29.77
CA MET AA 83 -17.33 -24.39 -31.15
C MET AA 83 -17.64 -23.15 -32.00
N LYS BA 4 -1.02 -34.01 11.03
CA LYS BA 4 -1.04 -35.45 11.25
C LYS BA 4 -1.96 -36.17 10.25
N ILE BA 5 -3.10 -35.55 9.94
CA ILE BA 5 -3.99 -36.07 8.91
C ILE BA 5 -3.56 -35.44 7.59
N GLU BA 6 -2.58 -36.05 6.92
CA GLU BA 6 -2.17 -35.59 5.60
C GLU BA 6 -2.14 -36.79 4.65
N ASN BA 7 -2.98 -36.70 3.62
CA ASN BA 7 -3.45 -37.74 2.72
C ASN BA 7 -3.27 -37.23 1.29
N PRO BA 8 -2.77 -38.07 0.36
CA PRO BA 8 -2.56 -37.60 -1.02
C PRO BA 8 -3.81 -36.98 -1.62
N LEU BA 9 -4.99 -37.56 -1.35
CA LEU BA 9 -6.20 -37.00 -1.93
C LEU BA 9 -6.58 -35.67 -1.28
N LYS BA 10 -6.26 -35.50 0.01
CA LYS BA 10 -6.47 -34.21 0.65
C LYS BA 10 -5.62 -33.12 0.01
N SER BA 11 -4.44 -33.49 -0.51
CA SER BA 11 -3.59 -32.48 -1.13
C SER BA 11 -4.13 -32.02 -2.48
N LEU BA 12 -4.97 -32.85 -3.13
CA LEU BA 12 -5.70 -32.37 -4.30
C LEU BA 12 -6.65 -31.24 -3.93
N LYS BA 13 -7.26 -31.33 -2.74
CA LYS BA 13 -8.17 -30.28 -2.28
C LYS BA 13 -7.45 -28.94 -2.11
N THR BA 14 -6.15 -28.96 -1.79
CA THR BA 14 -5.41 -27.70 -1.66
C THR BA 14 -5.16 -27.01 -2.98
N ALA BA 15 -5.35 -27.71 -4.10
CA ALA BA 15 -5.15 -27.14 -5.43
C ALA BA 15 -6.38 -26.42 -5.96
N LEU BA 16 -7.47 -26.41 -5.21
CA LEU BA 16 -8.69 -25.76 -5.66
C LEU BA 16 -8.41 -24.30 -5.99
N ASN BA 17 -8.97 -23.86 -7.11
CA ASN BA 17 -8.82 -22.51 -7.68
C ASN BA 17 -7.41 -22.25 -8.20
N LYS BA 18 -6.58 -23.27 -8.35
CA LYS BA 18 -5.23 -23.11 -8.88
C LYS BA 18 -5.13 -23.78 -10.25
N ILE BA 19 -4.21 -23.26 -11.07
CA ILE BA 19 -3.92 -23.90 -12.35
C ILE BA 19 -3.17 -25.19 -12.09
N VAL BA 20 -3.67 -26.29 -12.66
CA VAL BA 20 -3.03 -27.59 -12.54
C VAL BA 20 -2.79 -28.15 -13.93
N LEU BA 21 -1.89 -29.11 -14.03
CA LEU BA 21 -1.67 -29.89 -15.25
C LEU BA 21 -2.06 -31.32 -14.98
N VAL BA 22 -2.95 -31.86 -15.82
CA VAL BA 22 -3.47 -33.22 -15.69
C VAL BA 22 -3.00 -34.02 -16.89
N LYS BA 23 -2.24 -35.09 -16.65
CA LYS BA 23 -1.81 -35.98 -17.71
C LYS BA 23 -2.61 -37.28 -17.65
N LEU BA 24 -3.21 -37.66 -18.78
CA LEU BA 24 -4.05 -38.84 -18.86
C LEU BA 24 -3.26 -40.04 -19.37
N LYS BA 25 -3.93 -41.20 -19.35
CA LYS BA 25 -3.26 -42.48 -19.65
C LYS BA 25 -2.69 -42.50 -21.06
N ASN BA 26 -3.29 -41.78 -22.01
CA ASN BA 26 -2.78 -41.69 -23.37
C ASN BA 26 -1.61 -40.71 -23.53
N GLY BA 27 -1.06 -40.19 -22.44
CA GLY BA 27 0.05 -39.25 -22.51
C GLY BA 27 -0.33 -37.81 -22.75
N GLU BA 28 -1.60 -37.52 -23.05
CA GLU BA 28 -2.02 -36.14 -23.32
C GLU BA 28 -2.07 -35.32 -22.04
N GLU BA 29 -1.67 -34.05 -22.14
CA GLU BA 29 -1.66 -33.13 -21.01
C GLU BA 29 -2.70 -32.05 -21.19
N TYR BA 30 -3.39 -31.72 -20.09
CA TYR BA 30 -4.44 -30.72 -20.04
C TYR BA 30 -4.18 -29.78 -18.87
N VAL BA 31 -4.22 -28.48 -19.17
CA VAL BA 31 -3.93 -27.44 -18.20
C VAL BA 31 -5.17 -26.59 -18.03
N GLY BA 32 -5.54 -26.30 -16.78
CA GLY BA 32 -6.68 -25.47 -16.51
C GLY BA 32 -6.74 -25.17 -15.02
N ARG BA 33 -7.72 -24.36 -14.64
CA ARG BA 33 -7.92 -24.02 -13.24
C ARG BA 33 -8.87 -25.05 -12.63
N LEU BA 34 -8.40 -25.69 -11.56
CA LEU BA 34 -9.16 -26.74 -10.90
C LEU BA 34 -10.32 -26.14 -10.11
N GLU BA 35 -11.55 -26.46 -10.53
CA GLU BA 35 -12.70 -25.91 -9.85
C GLU BA 35 -13.37 -26.89 -8.90
N GLN BA 36 -13.38 -28.19 -9.23
CA GLN BA 36 -14.00 -29.18 -8.35
C GLN BA 36 -13.21 -30.47 -8.45
N SER BA 37 -13.28 -31.26 -7.37
CA SER BA 37 -12.78 -32.64 -7.38
C SER BA 37 -13.65 -33.47 -6.46
N ASP BA 38 -13.57 -34.79 -6.61
CA ASP BA 38 -14.21 -35.70 -5.67
C ASP BA 38 -13.20 -36.77 -5.28
N GLY BA 39 -13.66 -37.74 -4.48
CA GLY BA 39 -12.78 -38.75 -3.93
C GLY BA 39 -12.22 -39.72 -4.94
N THR BA 40 -12.91 -39.92 -6.05
CA THR BA 40 -12.43 -40.80 -7.11
C THR BA 40 -11.45 -40.08 -8.05
N MET BA 41 -11.14 -38.81 -7.77
CA MET BA 41 -10.30 -37.94 -8.58
C MET BA 41 -10.99 -37.48 -9.86
N ASN BA 42 -12.31 -37.57 -9.94
CA ASN BA 42 -12.99 -36.85 -11.00
C ASN BA 42 -12.73 -35.37 -10.78
N LEU BA 43 -12.48 -34.64 -11.87
CA LEU BA 43 -12.14 -33.23 -11.78
C LEU BA 43 -12.99 -32.41 -12.72
N VAL BA 44 -13.27 -31.17 -12.31
CA VAL BA 44 -13.75 -30.15 -13.22
C VAL BA 44 -12.66 -29.10 -13.35
N LEU BA 45 -12.21 -28.88 -14.59
CA LEU BA 45 -11.23 -27.85 -14.94
C LEU BA 45 -11.94 -26.75 -15.74
N LYS BA 46 -11.60 -25.52 -15.44
CA LYS BA 46 -12.12 -24.41 -16.23
C LYS BA 46 -11.01 -23.90 -17.15
N ASP BA 47 -11.41 -23.45 -18.33
CA ASP BA 47 -10.47 -22.94 -19.34
C ASP BA 47 -9.41 -23.98 -19.68
N CYS BA 48 -9.86 -25.16 -20.05
CA CYS BA 48 -8.97 -26.28 -20.27
C CYS BA 48 -8.33 -26.24 -21.64
N THR BA 49 -7.00 -26.28 -21.68
CA THR BA 49 -6.24 -26.33 -22.92
C THR BA 49 -5.37 -27.58 -22.92
N GLU BA 50 -5.39 -28.32 -24.03
CA GLU BA 50 -4.56 -29.49 -24.20
C GLU BA 50 -3.24 -29.12 -24.84
N TYR BA 51 -2.15 -29.69 -24.32
CA TYR BA 51 -0.80 -29.44 -24.80
C TYR BA 51 -0.14 -30.75 -25.21
N ARG BA 52 0.65 -30.70 -26.29
CA ARG BA 52 1.38 -31.87 -26.72
C ARG BA 52 2.35 -32.29 -25.62
N GLU BA 53 2.49 -33.60 -25.43
CA GLU BA 53 3.17 -34.13 -24.26
C GLU BA 53 4.57 -33.57 -24.12
N GLY BA 54 4.89 -33.06 -22.92
CA GLY BA 54 6.21 -32.55 -22.61
C GLY BA 54 6.57 -31.22 -23.24
N THR BA 55 5.61 -30.51 -23.83
CA THR BA 55 5.93 -29.23 -24.47
C THR BA 55 5.02 -28.12 -23.99
N SER BA 56 5.15 -26.93 -24.61
CA SER BA 56 4.25 -25.81 -24.40
C SER BA 56 3.41 -25.52 -25.64
N ASP BA 57 3.28 -26.51 -26.54
CA ASP BA 57 2.55 -26.34 -27.79
C ASP BA 57 1.08 -26.69 -27.60
N PRO BA 58 0.19 -25.70 -27.53
CA PRO BA 58 -1.23 -25.99 -27.31
C PRO BA 58 -1.84 -26.58 -28.58
N VAL BA 59 -2.69 -27.59 -28.40
CA VAL BA 59 -3.24 -28.30 -29.54
C VAL BA 59 -4.75 -28.14 -29.66
N ALA BA 60 -5.46 -27.87 -28.57
CA ALA BA 60 -6.90 -27.69 -28.64
C ALA BA 60 -7.40 -27.10 -27.34
N LYS BA 61 -8.50 -26.38 -27.43
CA LYS BA 61 -9.17 -25.83 -26.26
C LYS BA 61 -10.47 -26.59 -26.04
N TYR BA 62 -10.81 -26.81 -24.79
CA TYR BA 62 -12.01 -27.56 -24.47
C TYR BA 62 -12.87 -26.87 -23.42
N GLY BA 63 -12.55 -25.63 -23.02
CA GLY BA 63 -13.40 -24.92 -22.08
C GLY BA 63 -13.46 -25.61 -20.73
N ARG BA 64 -14.66 -25.72 -20.19
CA ARG BA 64 -14.86 -26.33 -18.87
C ARG BA 64 -15.08 -27.83 -19.05
N VAL BA 65 -14.22 -28.64 -18.43
CA VAL BA 65 -14.20 -30.07 -18.69
C VAL BA 65 -14.38 -30.85 -17.38
N LEU BA 66 -15.19 -31.90 -17.45
CA LEU BA 66 -15.25 -32.93 -16.41
C LEU BA 66 -14.33 -34.08 -16.83
N ILE BA 67 -13.26 -34.32 -16.07
CA ILE BA 67 -12.26 -35.35 -16.38
C ILE BA 67 -12.51 -36.56 -15.49
N ARG BA 68 -12.55 -37.75 -16.08
CA ARG BA 68 -12.81 -38.95 -15.28
C ARG BA 68 -11.53 -39.42 -14.59
N GLY BA 69 -11.65 -39.68 -13.27
CA GLY BA 69 -10.46 -39.94 -12.46
C GLY BA 69 -9.70 -41.19 -12.85
N SER BA 70 -10.40 -42.20 -13.40
CA SER BA 70 -9.74 -43.49 -13.64
C SER BA 70 -8.66 -43.41 -14.72
N ASN BA 71 -8.72 -42.43 -15.61
CA ASN BA 71 -7.73 -42.36 -16.67
C ASN BA 71 -6.64 -41.34 -16.39
N ILE BA 72 -6.57 -40.81 -15.18
CA ILE BA 72 -5.53 -39.85 -14.85
C ILE BA 72 -4.26 -40.60 -14.45
N LEU BA 73 -3.13 -40.20 -15.06
CA LEU BA 73 -1.81 -40.64 -14.62
C LEU BA 73 -1.33 -39.83 -13.43
N PHE BA 74 -1.33 -38.51 -13.54
CA PHE BA 74 -0.94 -37.66 -12.43
C PHE BA 74 -1.53 -36.27 -12.61
N ILE BA 75 -1.57 -35.55 -11.51
CA ILE BA 75 -1.96 -34.15 -11.46
C ILE BA 75 -0.80 -33.36 -10.85
N SER BA 76 -0.33 -32.35 -11.58
CA SER BA 76 0.63 -31.40 -11.05
C SER BA 76 -0.17 -30.36 -10.28
N ILE BA 77 -0.13 -30.43 -8.94
CA ILE BA 77 -1.08 -29.67 -8.11
C ILE BA 77 -0.61 -28.25 -7.80
N ASP BA 78 0.63 -27.90 -8.14
CA ASP BA 78 1.11 -26.53 -7.97
C ASP BA 78 1.71 -26.03 -9.27
N TYR BA 79 1.03 -26.30 -10.39
CA TYR BA 79 1.56 -25.95 -11.71
C TYR BA 79 1.69 -24.44 -11.89
N GLU BA 80 0.83 -23.65 -11.23
CA GLU BA 80 0.93 -22.19 -11.29
C GLU BA 80 2.36 -21.73 -10.99
N SER BA 81 2.96 -22.29 -9.93
CA SER BA 81 4.22 -21.79 -9.40
C SER BA 81 5.40 -21.93 -10.35
N ILE BA 82 5.27 -22.70 -11.43
CA ILE BA 82 6.41 -23.02 -12.28
C ILE BA 82 6.23 -22.29 -13.62
N MET BA 83 6.84 -21.10 -13.70
CA MET BA 83 6.80 -20.25 -14.89
C MET BA 83 7.78 -20.71 -15.96
#